data_7Z9M
#
_entry.id   7Z9M
#
_cell.length_a   1.00
_cell.length_b   1.00
_cell.length_c   1.00
_cell.angle_alpha   90.00
_cell.angle_beta   90.00
_cell.angle_gamma   90.00
#
_symmetry.space_group_name_H-M   'P 1'
#
loop_
_entity.id
_entity.type
_entity.pdbx_description
1 polymer 'DNA gyrase subunit A'
2 polymer 'DNA gyrase subunit B'
3 polymer "DNA (5'-D(P*AP*AP*AP*TP*CP*TP*GP*TP*GP*CP*GP*GP*GP*T)-3')"
4 polymer "DNA (5'-D(P*AP*GP*AP*AP*TP*CP*AP*GP*GP*CP*AP*TP*AP*A)-3')"
5 polymer "DNA (5'-D(*AP*AP*TP*CP*AP*CP*CP*CP*GP*CP*AP*CP*AP*GP*AP*TP*TP*T)-3')"
6 polymer "DNA (5'-D(*GP*AP*TP*TP*TP*TP*AP*TP*GP*CP*CP*TP*GP*AP*TP*TP*CP*T)-3')"
7 non-polymer '4-[[4-[[5-[[(2S)-2-[[5-[(4-cyanophenyl)carbonylamino]pyridin-2-yl]carbonylamino]-3-(1H-1,2,3-triazol-4-yl)propanoyl]amino]pyridin-2-yl]carbonylamino]-2-oxidanyl-3-propan-2-yloxy-phenyl]carbonylamino]benzoic acid'
8 non-polymer 'MAGNESIUM ION'
9 water water
#
loop_
_entity_poly.entity_id
_entity_poly.type
_entity_poly.pdbx_seq_one_letter_code
_entity_poly.pdbx_strand_id
1 'polypeptide(L)'
;SSDLAREITPVNIEEELKSSYLDYAMSVIVGRALPDVRDGLKPVHRRVLYAMNVLGNDWNKAYKKSARVVGDVIGKYHPH
GDSAVYDTIVRMAQPFSLRYMLVDGQGNFGSIDGDSAAAMR(PTR)TEIRLAKIAHELMADLEKETVDFVDNYDGTEKIP
DVMPTKIPNLLVNGSSGIAVGMATNIPPHNLTEVINGCLAYIDDEDISIEGLMEHIPGPDFPTAAIINGRRGIEEAYRTG
RGKVYIRARAEVEVDAKTGRETIIVHEIPYQVNKARLIEKIAELVKEKRVEGISALRDESDKDGMRIVIEVKRDAVGEVV
LNNLYSQTQLQVSFGINMVALHHGQPKIMNLKDIIAAFVRHRREVVTRRTIFELRKARDRAHILEALAVALANIDPIIEL
IRHAPTPAEAKTALVANPWQLGNVAAMLERAGDDAARPEWLEPEFGVRDGLYYLTEQQAQAILDLRLQKLTGLEHEKLLD
EYKELLDQIAELLRILGSADRLMEVIREELELVREQFGDKRRTEITANSADINLEDLITQEDVVVTLSHQGYVKYQPLSE
YEAQRRGGKGKSAARIKEEDFIDRLLVANTHDHILCFSSRGRVYSMKVYQLPEATRGARGRPIVNLLPLEQDERITAILP
VTEFEEGVKVFMATANGTVKKTVLTEFNRLRTAGKVAIKLVDGDELIGVDLTSGEDEVMLFSAEGKVVRFKESSVRAMGC
NTTGVRGIRLGEGDKVVSLIVPRGDGAILTATQNGYGKRTAVAEYPTKSRATKGVISIKVTERNGLVVGAVQVDDCDQIM
MITDAGTLVRTRVSEISIVGRNTQGVILIRTAEDENVVGLQRVAEPVDEEDLDTIDGSAAEGDDEIAPEVDVDDEPEEEL
EVLFQ
;
A,C
2 'polypeptide(L)'
;GPSNSYDSSSIKVLKGLDAVRKRPGMYIGDTDDGTGLHHMVFEVVDNAIDEALAGHCKEIIVTIHADNSVSVQDDGRGIP
TGIHPEEGVSAAEVIMTVLHAGGKFDDNSYKVSGGLHGVGVSVVNALSQKLELVIQREGKIHRQIYEHGVPQAPLAVTGE
TEKTGTMVRFWPSLETFTNVTEFEYEILAKRLRELSFLNSGVSIRLRDKRDGKEDHFHYEGGIKAFVEYLNKNKTPIHPN
IFYFSTEKDGIGVEVALQWNDGFQENIYCFTNNIPQRDGGTHLAGFRAAMTRTLNAYMDKEGYSKKAKVSATGDDAREGL
IAVVSVKVPDPKFSSQTKDKLVSSEVKSAVEQQMNELLAEYLLENPTDAKIVVGKIIDAARAREAARRAREMTRRKGALD
LAGLPGKLADCQERDPALSELYLVEGDSAGGSAKQGRNRKNQAILPLKGKILNVEKARFDKMLSSQEVATLITALGCGIG
RDEYNPDKLRYHSIIIMTDADVDGSHIRTLLLTFFYRQMPEIVERGHVYIAQPPLYKVKKGKQEQYIKDDEAMDQYQISI
ALDGATLHTNASAPALAGEALEKLVSEYNATQKMINRMERRYPKAMLKELIYQPTLTEADLSDEQTVTRWVNALVSELND
KEQHGSQWKFDVHTNAEQNLFEPIVRVRTHGVDTDYPLDHEFITGGEYRRICTLGEKLRGLLEEDAFIERGERRQPVASF
EQALDWLVKESRRGLSIQRYKGLGEMNPEQLWETTMDPESRRMLRVTVKDAIAADQLFTTLMGDAVEPRRAFIEENALKA
ANIDIENLYFQ
;
B,D
3 'polydeoxyribonucleotide' (DA)(DA)(DA)(DT)(DC)(DT)(DG)(DT)(DG)(DC)(DG)(DG)(DG)(DT) E
4 'polydeoxyribonucleotide' (DA)(DG)(DA)(DA)(DT)(DC)(DA)(DG)(DG)(DC)(DA)(DT)(DA)(DA) F
5 'polydeoxyribonucleotide' (DA)(DA)(DT)(DC)(DA)(DC)(DC)(DC)(DG)(DC)(DA)(DC)(DA)(DG)(DA)(DT)(DT)(DT) G
6 'polydeoxyribonucleotide' (DG)(DA)(DT)(DT)(DT)(DT)(DA)(DT)(DG)(DC)(DC)(DT)(DG)(DA)(DT)(DT)(DC)(DT) H
#
loop_
_chem_comp.id
_chem_comp.type
_chem_comp.name
_chem_comp.formula
DA DNA linking 2'-DEOXYADENOSINE-5'-MONOPHOSPHATE 'C10 H14 N5 O6 P'
DC DNA linking 2'-DEOXYCYTIDINE-5'-MONOPHOSPHATE 'C9 H14 N3 O7 P'
DG DNA linking 2'-DEOXYGUANOSINE-5'-MONOPHOSPHATE 'C10 H14 N5 O7 P'
DT DNA linking THYMIDINE-5'-MONOPHOSPHATE 'C10 H15 N2 O8 P'
IL1 non-polymer '4-[[4-[[5-[[(2S)-2-[[5-[(4-cyanophenyl)carbonylamino]pyridin-2-yl]carbonylamino]-3-(1H-1,2,3-triazol-4-yl)propanoyl]amino]pyridin-2-yl]carbonylamino]-2-oxidanyl-3-propan-2-yloxy-phenyl]carbonylamino]benzoic acid' 'C42 H35 N11 O9'
MG non-polymer 'MAGNESIUM ION' 'Mg 2'
#
# COMPACT_ATOMS: atom_id res chain seq x y z
N ILE A 8 1.97 -43.37 18.70
CA ILE A 8 0.65 -43.85 18.30
C ILE A 8 -0.22 -43.99 19.54
N THR A 9 -1.41 -43.38 19.50
CA THR A 9 -2.36 -43.40 20.60
C THR A 9 -3.76 -43.51 20.01
N PRO A 10 -4.60 -44.42 20.49
CA PRO A 10 -5.92 -44.59 19.86
C PRO A 10 -6.85 -43.44 20.18
N VAL A 11 -7.87 -43.28 19.34
CA VAL A 11 -8.90 -42.27 19.54
C VAL A 11 -10.20 -42.76 18.92
N ASN A 12 -11.29 -42.68 19.68
CA ASN A 12 -12.58 -43.10 19.15
C ASN A 12 -13.05 -42.14 18.08
N ILE A 13 -13.74 -42.69 17.07
CA ILE A 13 -14.18 -41.85 15.95
C ILE A 13 -15.26 -40.88 16.39
N GLU A 14 -16.15 -41.30 17.30
CA GLU A 14 -17.26 -40.44 17.70
C GLU A 14 -16.78 -39.18 18.39
N GLU A 15 -15.83 -39.32 19.32
CA GLU A 15 -15.35 -38.15 20.04
C GLU A 15 -14.66 -37.16 19.11
N GLU A 16 -13.81 -37.66 18.21
CA GLU A 16 -13.09 -36.77 17.31
C GLU A 16 -14.06 -36.05 16.38
N LEU A 17 -15.01 -36.80 15.81
CA LEU A 17 -15.99 -36.19 14.91
C LEU A 17 -16.80 -35.12 15.63
N LYS A 18 -17.31 -35.43 16.82
CA LYS A 18 -18.13 -34.48 17.57
C LYS A 18 -17.35 -33.22 17.89
N SER A 19 -16.12 -33.39 18.41
CA SER A 19 -15.33 -32.23 18.80
C SER A 19 -15.01 -31.35 17.61
N SER A 20 -14.55 -31.94 16.50
CA SER A 20 -14.16 -31.14 15.35
C SER A 20 -15.36 -30.41 14.75
N TYR A 21 -16.48 -31.10 14.58
CA TYR A 21 -17.62 -30.46 13.94
C TYR A 21 -18.23 -29.38 14.82
N LEU A 22 -18.30 -29.61 16.13
CA LEU A 22 -18.80 -28.56 17.01
C LEU A 22 -17.87 -27.35 17.01
N ASP A 23 -16.57 -27.59 16.95
CA ASP A 23 -15.61 -26.49 16.87
C ASP A 23 -15.85 -25.66 15.63
N TYR A 24 -16.00 -26.32 14.48
CA TYR A 24 -16.24 -25.59 13.23
C TYR A 24 -17.56 -24.82 13.28
N ALA A 25 -18.61 -25.44 13.81
CA ALA A 25 -19.91 -24.78 13.85
C ALA A 25 -19.87 -23.54 14.73
N MET A 26 -19.30 -23.66 15.93
CA MET A 26 -19.25 -22.51 16.82
C MET A 26 -18.31 -21.43 16.29
N SER A 27 -17.32 -21.80 15.48
CA SER A 27 -16.50 -20.78 14.83
C SER A 27 -17.30 -20.02 13.77
N VAL A 28 -18.05 -20.75 12.94
CA VAL A 28 -18.74 -20.10 11.83
C VAL A 28 -19.93 -19.27 12.30
N ILE A 29 -20.66 -19.72 13.33
CA ILE A 29 -21.88 -19.02 13.72
C ILE A 29 -21.57 -17.62 14.20
N VAL A 30 -20.48 -17.45 14.95
CA VAL A 30 -20.11 -16.16 15.55
C VAL A 30 -18.92 -15.53 14.85
N GLY A 31 -18.46 -16.09 13.74
CA GLY A 31 -17.23 -15.65 13.10
C GLY A 31 -17.33 -15.14 11.68
N ARG A 32 -18.26 -15.66 10.89
CA ARG A 32 -18.41 -15.28 9.49
C ARG A 32 -19.78 -14.73 9.15
N ALA A 33 -20.85 -15.41 9.54
CA ALA A 33 -22.15 -15.24 8.89
C ALA A 33 -23.03 -14.20 9.57
N LEU A 34 -23.39 -14.41 10.82
CA LEU A 34 -24.43 -13.58 11.42
C LEU A 34 -23.87 -12.20 11.78
N PRO A 35 -24.68 -11.14 11.67
CA PRO A 35 -24.20 -9.79 11.99
C PRO A 35 -24.43 -9.43 13.46
N ASP A 36 -23.79 -8.33 13.86
CA ASP A 36 -23.96 -7.79 15.20
C ASP A 36 -25.15 -6.84 15.22
N VAL A 37 -25.93 -6.89 16.30
CA VAL A 37 -27.18 -6.13 16.33
C VAL A 37 -26.91 -4.63 16.39
N ARG A 38 -25.87 -4.21 17.10
CA ARG A 38 -25.71 -2.78 17.38
C ARG A 38 -25.32 -2.00 16.13
N ASP A 39 -24.34 -2.49 15.36
CA ASP A 39 -23.86 -1.79 14.16
C ASP A 39 -24.10 -2.55 12.86
N GLY A 40 -24.59 -3.78 12.91
CA GLY A 40 -25.00 -4.47 11.70
C GLY A 40 -23.88 -4.72 10.70
N LEU A 41 -22.70 -5.10 11.17
CA LEU A 41 -21.56 -5.37 10.31
C LEU A 41 -20.95 -6.72 10.68
N LYS A 42 -20.69 -7.54 9.68
CA LYS A 42 -19.93 -8.76 9.88
C LYS A 42 -18.46 -8.39 10.11
N PRO A 43 -17.65 -9.31 10.65
CA PRO A 43 -16.25 -8.96 10.94
C PRO A 43 -15.46 -8.48 9.73
N VAL A 44 -15.72 -9.03 8.55
CA VAL A 44 -14.97 -8.62 7.37
C VAL A 44 -15.24 -7.16 7.02
N HIS A 45 -16.51 -6.73 7.13
CA HIS A 45 -16.85 -5.34 6.84
C HIS A 45 -16.14 -4.41 7.81
N ARG A 46 -16.17 -4.75 9.10
CA ARG A 46 -15.53 -3.91 10.11
C ARG A 46 -14.04 -3.81 9.86
N ARG A 47 -13.39 -4.94 9.57
CA ARG A 47 -11.95 -4.92 9.35
C ARG A 47 -11.59 -4.11 8.10
N VAL A 48 -12.37 -4.27 7.02
CA VAL A 48 -12.09 -3.52 5.80
C VAL A 48 -12.23 -2.02 6.03
N LEU A 49 -13.31 -1.61 6.71
CA LEU A 49 -13.53 -0.19 6.94
C LEU A 49 -12.45 0.38 7.85
N TYR A 50 -12.06 -0.35 8.90
CA TYR A 50 -11.00 0.13 9.78
C TYR A 50 -9.68 0.26 9.03
N ALA A 51 -9.35 -0.72 8.18
CA ALA A 51 -8.10 -0.64 7.43
C ALA A 51 -8.11 0.54 6.48
N MET A 52 -9.24 0.80 5.81
CA MET A 52 -9.31 1.96 4.94
C MET A 52 -9.22 3.26 5.73
N ASN A 53 -9.77 3.28 6.95
CA ASN A 53 -9.70 4.50 7.76
C ASN A 53 -8.28 4.80 8.20
N VAL A 54 -7.53 3.77 8.59
CA VAL A 54 -6.18 4.00 9.13
C VAL A 54 -5.25 4.57 8.07
N LEU A 55 -5.48 4.24 6.80
CA LEU A 55 -4.61 4.71 5.73
C LEU A 55 -4.82 6.19 5.39
N GLY A 56 -5.75 6.88 6.05
CA GLY A 56 -6.04 8.25 5.69
C GLY A 56 -6.70 8.36 4.33
N ASN A 57 -7.59 7.42 4.01
CA ASN A 57 -8.26 7.37 2.71
C ASN A 57 -9.65 7.99 2.82
N ASP A 58 -9.67 9.31 2.98
CA ASP A 58 -10.90 10.03 3.25
C ASP A 58 -11.71 10.21 1.98
N TRP A 59 -12.87 10.87 2.11
CA TRP A 59 -13.83 11.04 1.03
C TRP A 59 -13.56 12.25 0.15
N ASN A 60 -12.53 13.04 0.44
CA ASN A 60 -12.19 14.23 -0.33
C ASN A 60 -10.70 14.25 -0.64
N LYS A 61 -10.18 13.11 -1.08
CA LYS A 61 -8.78 12.97 -1.46
C LYS A 61 -8.71 12.03 -2.66
N ALA A 62 -7.51 11.88 -3.22
CA ALA A 62 -7.34 11.07 -4.41
C ALA A 62 -7.60 9.60 -4.10
N TYR A 63 -8.03 8.87 -5.13
CA TYR A 63 -8.34 7.47 -5.00
C TYR A 63 -7.07 6.65 -4.78
N LYS A 64 -7.25 5.40 -4.36
CA LYS A 64 -6.17 4.45 -4.18
C LYS A 64 -6.54 3.15 -4.90
N LYS A 65 -5.52 2.47 -5.43
CA LYS A 65 -5.75 1.23 -6.13
C LYS A 65 -6.22 0.14 -5.16
N SER A 66 -7.10 -0.74 -5.67
CA SER A 66 -7.69 -1.77 -4.83
C SER A 66 -6.63 -2.73 -4.27
N ALA A 67 -5.52 -2.91 -4.99
CA ALA A 67 -4.46 -3.79 -4.52
C ALA A 67 -3.91 -3.32 -3.19
N ARG A 68 -3.76 -2.01 -3.02
CA ARG A 68 -3.25 -1.46 -1.76
C ARG A 68 -4.12 -1.91 -0.59
N VAL A 69 -5.43 -1.67 -0.68
CA VAL A 69 -6.32 -1.97 0.43
C VAL A 69 -6.40 -3.47 0.67
N VAL A 70 -6.53 -4.27 -0.40
CA VAL A 70 -6.67 -5.71 -0.23
C VAL A 70 -5.40 -6.31 0.38
N GLY A 71 -4.24 -5.89 -0.12
CA GLY A 71 -3.00 -6.42 0.43
C GLY A 71 -2.79 -6.02 1.88
N ASP A 72 -3.11 -4.76 2.22
CA ASP A 72 -2.95 -4.32 3.60
C ASP A 72 -3.88 -5.11 4.53
N VAL A 73 -5.13 -5.31 4.11
CA VAL A 73 -6.09 -6.05 4.94
C VAL A 73 -5.63 -7.49 5.14
N ILE A 74 -5.17 -8.13 4.06
CA ILE A 74 -4.74 -9.52 4.18
C ILE A 74 -3.51 -9.62 5.08
N GLY A 75 -2.55 -8.72 4.90
CA GLY A 75 -1.32 -8.82 5.66
C GLY A 75 -1.51 -8.52 7.15
N LYS A 76 -2.36 -7.54 7.46
CA LYS A 76 -2.41 -6.98 8.80
C LYS A 76 -3.48 -7.59 9.69
N TYR A 77 -4.73 -7.61 9.25
CA TYR A 77 -5.88 -7.88 10.11
C TYR A 77 -6.63 -9.16 9.78
N HIS A 78 -6.91 -9.42 8.50
CA HIS A 78 -7.83 -10.47 8.08
C HIS A 78 -7.06 -11.62 7.43
N PRO A 79 -6.80 -12.74 8.13
CA PRO A 79 -5.98 -13.82 7.53
C PRO A 79 -6.80 -14.86 6.77
N HIS A 80 -7.30 -14.47 5.60
CA HIS A 80 -8.07 -15.36 4.74
C HIS A 80 -7.76 -15.02 3.29
N GLY A 81 -8.45 -15.67 2.36
CA GLY A 81 -8.16 -15.50 0.95
C GLY A 81 -8.48 -14.10 0.47
N ASP A 82 -7.92 -13.77 -0.70
CA ASP A 82 -8.08 -12.44 -1.27
C ASP A 82 -9.33 -12.29 -2.12
N SER A 83 -9.80 -13.38 -2.74
CA SER A 83 -11.01 -13.30 -3.55
C SER A 83 -12.21 -12.89 -2.70
N ALA A 84 -12.33 -13.46 -1.51
CA ALA A 84 -13.45 -13.11 -0.63
C ALA A 84 -13.41 -11.64 -0.25
N VAL A 85 -12.22 -11.12 0.09
CA VAL A 85 -12.11 -9.73 0.50
C VAL A 85 -12.43 -8.80 -0.67
N TYR A 86 -11.93 -9.13 -1.87
CA TYR A 86 -12.21 -8.25 -3.01
C TYR A 86 -13.68 -8.28 -3.38
N ASP A 87 -14.32 -9.44 -3.33
CA ASP A 87 -15.75 -9.48 -3.61
C ASP A 87 -16.54 -8.71 -2.58
N THR A 88 -16.11 -8.78 -1.31
CA THR A 88 -16.76 -7.99 -0.27
C THR A 88 -16.62 -6.50 -0.54
N ILE A 89 -15.44 -6.07 -0.99
CA ILE A 89 -15.26 -4.66 -1.32
C ILE A 89 -16.15 -4.26 -2.50
N VAL A 90 -16.23 -5.13 -3.52
CA VAL A 90 -16.98 -4.78 -4.73
C VAL A 90 -18.47 -4.68 -4.41
N ARG A 91 -18.99 -5.55 -3.54
CA ARG A 91 -20.42 -5.52 -3.27
C ARG A 91 -20.86 -4.22 -2.62
N MET A 92 -19.98 -3.55 -1.87
CA MET A 92 -20.36 -2.33 -1.18
C MET A 92 -20.32 -1.10 -2.08
N ALA A 93 -19.82 -1.21 -3.31
CA ALA A 93 -19.68 -0.08 -4.21
C ALA A 93 -20.75 -0.02 -5.29
N GLN A 94 -21.74 -0.94 -5.27
CA GLN A 94 -22.74 -1.03 -6.33
C GLN A 94 -23.99 -0.27 -5.92
N PRO A 95 -24.50 0.71 -6.70
CA PRO A 95 -25.71 1.43 -6.26
C PRO A 95 -26.95 0.56 -6.15
N PHE A 96 -26.99 -0.58 -6.84
CA PHE A 96 -28.20 -1.41 -6.93
C PHE A 96 -28.17 -2.60 -5.98
N SER A 97 -27.29 -2.61 -4.99
CA SER A 97 -27.22 -3.65 -3.96
C SER A 97 -27.47 -3.11 -2.56
N LEU A 98 -26.80 -2.02 -2.17
CA LEU A 98 -26.99 -1.38 -0.88
C LEU A 98 -27.82 -0.12 -1.06
N ARG A 99 -28.72 0.13 -0.11
CA ARG A 99 -29.53 1.34 -0.14
C ARG A 99 -28.66 2.59 -0.03
N TYR A 100 -27.67 2.58 0.87
CA TYR A 100 -26.74 3.68 1.07
C TYR A 100 -25.33 3.12 0.94
N MET A 101 -24.68 3.40 -0.18
CA MET A 101 -23.36 2.83 -0.45
C MET A 101 -22.33 3.36 0.54
N LEU A 102 -21.43 2.47 0.96
CA LEU A 102 -20.37 2.80 1.91
C LEU A 102 -19.01 3.00 1.28
N VAL A 103 -18.84 2.65 0.00
CA VAL A 103 -17.55 2.76 -0.68
C VAL A 103 -17.79 3.39 -2.04
N ASP A 104 -16.97 4.38 -2.37
CA ASP A 104 -17.07 5.13 -3.63
C ASP A 104 -15.99 4.58 -4.57
N GLY A 105 -16.43 3.99 -5.68
CA GLY A 105 -15.54 3.31 -6.60
C GLY A 105 -15.43 3.98 -7.95
N GLN A 106 -14.40 3.60 -8.70
CA GLN A 106 -14.18 4.12 -10.04
C GLN A 106 -13.55 3.03 -10.89
N GLY A 107 -14.19 2.71 -12.01
CA GLY A 107 -13.81 1.59 -12.85
C GLY A 107 -15.03 0.84 -13.34
N ASN A 108 -14.90 -0.47 -13.54
CA ASN A 108 -16.00 -1.32 -13.99
C ASN A 108 -16.42 -2.20 -12.82
N PHE A 109 -17.37 -1.73 -12.02
CA PHE A 109 -17.89 -2.45 -10.87
C PHE A 109 -19.18 -3.21 -11.20
N GLY A 110 -19.37 -3.57 -12.46
CA GLY A 110 -20.52 -4.35 -12.87
C GLY A 110 -21.70 -3.48 -13.26
N SER A 111 -22.74 -4.15 -13.75
CA SER A 111 -23.97 -3.52 -14.20
C SER A 111 -25.15 -4.31 -13.64
N ILE A 112 -26.37 -3.82 -13.93
CA ILE A 112 -27.56 -4.46 -13.41
C ILE A 112 -27.80 -5.83 -14.04
N ASP A 113 -27.11 -6.15 -15.14
CA ASP A 113 -27.22 -7.45 -15.76
C ASP A 113 -26.45 -8.55 -15.02
N GLY A 114 -25.73 -8.20 -13.96
CA GLY A 114 -24.92 -9.19 -13.26
C GLY A 114 -23.81 -9.71 -14.15
N ASP A 115 -23.11 -8.80 -14.81
CA ASP A 115 -22.12 -9.20 -15.82
C ASP A 115 -20.82 -9.65 -15.16
N SER A 116 -20.10 -8.72 -14.53
CA SER A 116 -18.76 -9.03 -14.02
C SER A 116 -18.17 -7.84 -13.29
N ALA A 117 -16.95 -7.97 -12.80
CA ALA A 117 -16.16 -6.86 -12.32
C ALA A 117 -14.71 -7.06 -12.72
N ALA A 118 -14.03 -5.97 -13.07
CA ALA A 118 -12.65 -6.07 -13.51
C ALA A 118 -11.76 -6.50 -12.35
N ALA A 119 -10.55 -6.91 -12.69
CA ALA A 119 -9.63 -7.46 -11.70
C ALA A 119 -9.15 -6.35 -10.75
N MET A 120 -8.29 -6.72 -9.81
CA MET A 120 -7.88 -5.79 -8.77
C MET A 120 -7.10 -4.61 -9.33
N ARG A 121 -6.25 -4.85 -10.32
CA ARG A 121 -5.37 -3.80 -10.82
C ARG A 121 -6.08 -2.77 -11.70
N PTR A 122 -7.34 -3.02 -12.04
CA PTR A 122 -8.03 -2.14 -12.97
C PTR A 122 -9.18 -1.34 -12.35
O PTR A 122 -9.95 -0.72 -13.10
CB PTR A 122 -8.56 -2.93 -14.17
CG PTR A 122 -7.53 -3.85 -14.82
CD1 PTR A 122 -7.60 -5.22 -14.65
CD2 PTR A 122 -6.51 -3.34 -15.61
CE1 PTR A 122 -6.68 -6.06 -15.25
CE2 PTR A 122 -5.58 -4.18 -16.20
CZ PTR A 122 -5.67 -5.54 -16.02
OH PTR A 122 -4.80 -6.34 -16.58
P PTR A 122 -5.10 -7.22 -17.89
O1P PTR A 122 -6.35 -7.98 -17.71
O2P PTR A 122 -5.21 -6.29 -19.12
O3P PTR A 122 -3.95 -8.21 -18.12
HB2 PTR A 122 -8.86 -2.31 -14.85
HB3 PTR A 122 -9.29 -3.48 -13.86
HD1 PTR A 122 -8.29 -5.59 -14.14
HD2 PTR A 122 -6.44 -2.42 -15.73
HE1 PTR A 122 -6.75 -6.98 -15.12
HE2 PTR A 122 -4.90 -3.82 -16.72
N THR A 123 -9.14 -1.09 -11.04
CA THR A 123 -10.18 -0.32 -10.35
C THR A 123 -9.59 0.57 -9.25
N GLU A 124 -10.40 1.49 -8.71
CA GLU A 124 -9.98 2.39 -7.64
C GLU A 124 -11.14 2.60 -6.68
N ILE A 125 -10.82 2.94 -5.42
CA ILE A 125 -11.82 3.05 -4.38
C ILE A 125 -11.41 4.09 -3.35
N ARG A 126 -12.41 4.62 -2.63
CA ARG A 126 -12.20 5.39 -1.41
C ARG A 126 -13.46 5.31 -0.57
N LEU A 127 -13.42 5.90 0.62
CA LEU A 127 -14.56 5.89 1.52
C LEU A 127 -15.62 6.89 1.05
N ALA A 128 -16.87 6.60 1.40
CA ALA A 128 -18.00 7.46 1.09
C ALA A 128 -18.21 8.47 2.21
N LYS A 129 -19.07 9.45 1.93
CA LYS A 129 -19.34 10.48 2.94
C LYS A 129 -20.08 9.91 4.13
N ILE A 130 -21.07 9.04 3.89
CA ILE A 130 -21.84 8.49 5.00
C ILE A 130 -20.99 7.55 5.84
N ALA A 131 -19.98 6.91 5.25
CA ALA A 131 -19.16 5.95 5.98
C ALA A 131 -18.38 6.59 7.12
N HIS A 132 -18.21 7.91 7.11
CA HIS A 132 -17.56 8.60 8.21
C HIS A 132 -18.47 8.77 9.42
N GLU A 133 -19.78 8.61 9.27
CA GLU A 133 -20.67 8.67 10.42
C GLU A 133 -20.60 7.40 11.26
N LEU A 134 -20.28 6.27 10.64
CA LEU A 134 -20.11 5.04 11.42
C LEU A 134 -18.92 5.13 12.35
N MET A 135 -17.81 5.71 11.87
CA MET A 135 -16.56 5.77 12.63
C MET A 135 -16.36 7.12 13.28
N ALA A 136 -17.44 7.76 13.73
CA ALA A 136 -17.32 9.06 14.39
C ALA A 136 -16.89 8.87 15.84
N ASP A 137 -15.98 9.74 16.29
CA ASP A 137 -15.48 9.73 17.66
C ASP A 137 -14.82 8.38 18.00
N LEU A 138 -14.01 7.88 17.08
CA LEU A 138 -13.29 6.64 17.33
C LEU A 138 -12.03 6.84 18.15
N GLU A 139 -11.48 8.06 18.19
CA GLU A 139 -10.22 8.32 18.86
C GLU A 139 -10.39 8.73 20.32
N LYS A 140 -11.61 8.92 20.80
CA LYS A 140 -11.87 9.41 22.15
C LYS A 140 -12.16 8.28 23.13
N GLU A 141 -11.70 7.06 22.84
CA GLU A 141 -11.84 5.92 23.75
C GLU A 141 -13.32 5.62 24.03
N THR A 142 -14.06 5.35 22.95
CA THR A 142 -15.48 5.08 23.02
C THR A 142 -15.83 3.61 22.87
N VAL A 143 -14.94 2.79 22.30
CA VAL A 143 -15.19 1.37 22.08
C VAL A 143 -13.94 0.58 22.46
N ASP A 144 -14.11 -0.72 22.67
CA ASP A 144 -13.06 -1.59 23.17
C ASP A 144 -12.32 -2.28 22.03
N PHE A 145 -11.00 -2.36 22.18
CA PHE A 145 -10.11 -2.96 21.20
C PHE A 145 -9.72 -4.36 21.63
N VAL A 146 -9.48 -5.23 20.64
CA VAL A 146 -9.04 -6.60 20.88
C VAL A 146 -7.90 -6.92 19.92
N ASP A 147 -7.10 -7.92 20.29
CA ASP A 147 -5.94 -8.29 19.50
C ASP A 147 -6.35 -8.96 18.20
N ASN A 148 -5.42 -8.98 17.25
CA ASN A 148 -5.60 -9.68 15.99
C ASN A 148 -5.04 -11.10 16.13
N TYR A 149 -4.91 -11.81 15.01
CA TYR A 149 -4.66 -13.24 15.05
C TYR A 149 -3.27 -13.61 15.55
N ASP A 150 -2.33 -12.65 15.66
CA ASP A 150 -0.97 -12.96 16.09
C ASP A 150 -0.46 -12.04 17.20
N GLY A 151 -1.35 -11.35 17.90
CA GLY A 151 -0.96 -10.53 19.03
C GLY A 151 0.01 -9.42 18.68
N THR A 152 -0.28 -8.70 17.60
CA THR A 152 0.57 -7.62 17.11
C THR A 152 -0.19 -6.34 16.80
N GLU A 153 -1.50 -6.40 16.58
CA GLU A 153 -2.31 -5.25 16.22
C GLU A 153 -3.54 -5.20 17.12
N LYS A 154 -4.32 -4.14 16.98
CA LYS A 154 -5.58 -3.95 17.69
C LYS A 154 -6.66 -3.62 16.69
N ILE A 155 -7.86 -4.16 16.92
CA ILE A 155 -9.00 -3.98 16.05
C ILE A 155 -10.19 -3.59 16.94
N PRO A 156 -11.08 -2.70 16.52
CA PRO A 156 -12.23 -2.40 17.38
C PRO A 156 -13.16 -3.59 17.50
N ASP A 157 -13.76 -3.75 18.68
CA ASP A 157 -14.76 -4.78 18.86
C ASP A 157 -16.10 -4.38 18.26
N VAL A 158 -16.38 -3.07 18.19
CA VAL A 158 -17.61 -2.58 17.59
C VAL A 158 -17.40 -1.13 17.23
N MET A 159 -17.94 -0.72 16.09
CA MET A 159 -17.80 0.66 15.65
C MET A 159 -18.77 1.56 16.43
N PRO A 160 -18.33 2.77 16.87
CA PRO A 160 -19.29 3.64 17.56
C PRO A 160 -20.21 4.35 16.58
N THR A 161 -21.14 3.59 16.02
CA THR A 161 -21.94 4.06 14.90
C THR A 161 -22.89 5.17 15.32
N LYS A 162 -23.30 5.98 14.35
CA LYS A 162 -24.31 7.01 14.52
C LYS A 162 -25.49 6.85 13.57
N ILE A 163 -25.42 5.94 12.60
CA ILE A 163 -26.52 5.62 11.69
C ILE A 163 -27.09 4.28 12.12
N PRO A 164 -28.42 4.06 12.10
CA PRO A 164 -28.90 2.69 12.35
C PRO A 164 -28.64 1.79 11.15
N ASN A 165 -27.42 1.26 11.08
CA ASN A 165 -26.96 0.62 9.86
C ASN A 165 -27.72 -0.66 9.55
N LEU A 166 -28.06 -1.45 10.58
CA LEU A 166 -28.63 -2.77 10.35
C LEU A 166 -29.97 -2.67 9.63
N LEU A 167 -30.85 -1.76 10.05
CA LEU A 167 -32.15 -1.66 9.42
C LEU A 167 -32.06 -1.02 8.05
N VAL A 168 -31.28 0.06 7.91
CA VAL A 168 -31.28 0.81 6.66
C VAL A 168 -30.62 0.00 5.55
N ASN A 169 -29.54 -0.72 5.86
CA ASN A 169 -28.81 -1.46 4.83
C ASN A 169 -29.20 -2.93 4.73
N GLY A 170 -29.77 -3.51 5.78
CA GLY A 170 -30.19 -4.90 5.73
C GLY A 170 -29.01 -5.85 5.81
N SER A 171 -29.30 -7.13 5.68
CA SER A 171 -28.26 -8.14 5.77
C SER A 171 -28.76 -9.47 5.22
N SER A 172 -27.81 -10.36 4.94
CA SER A 172 -28.12 -11.68 4.40
C SER A 172 -26.93 -12.60 4.67
N GLY A 173 -27.19 -13.75 5.28
CA GLY A 173 -26.10 -14.64 5.64
C GLY A 173 -26.58 -16.05 5.89
N ILE A 174 -25.67 -17.01 5.69
CA ILE A 174 -25.93 -18.44 5.87
C ILE A 174 -24.91 -18.99 6.85
N ALA A 175 -25.37 -19.79 7.80
CA ALA A 175 -24.51 -20.37 8.84
C ALA A 175 -24.81 -21.86 8.92
N VAL A 176 -24.24 -22.51 9.92
CA VAL A 176 -24.44 -23.94 10.15
C VAL A 176 -25.64 -24.11 11.09
N GLY A 177 -26.76 -24.54 10.54
CA GLY A 177 -27.96 -24.77 11.32
C GLY A 177 -28.91 -23.59 11.42
N MET A 178 -28.55 -22.42 10.89
CA MET A 178 -29.43 -21.26 10.91
C MET A 178 -28.95 -20.26 9.87
N ALA A 179 -29.80 -19.28 9.57
CA ALA A 179 -29.52 -18.28 8.55
C ALA A 179 -30.15 -16.96 8.98
N THR A 180 -29.89 -15.91 8.20
CA THR A 180 -30.40 -14.58 8.51
C THR A 180 -30.69 -13.83 7.22
N ASN A 181 -31.76 -13.05 7.24
CA ASN A 181 -32.22 -12.35 6.03
C ASN A 181 -33.08 -11.18 6.46
N ILE A 182 -32.58 -9.95 6.27
CA ILE A 182 -33.26 -8.73 6.72
C ILE A 182 -33.23 -7.73 5.55
N PRO A 183 -34.35 -7.11 5.17
CA PRO A 183 -34.34 -6.26 3.98
C PRO A 183 -33.97 -4.82 4.31
N PRO A 184 -33.78 -3.96 3.31
CA PRO A 184 -33.43 -2.56 3.59
C PRO A 184 -34.62 -1.77 4.10
N HIS A 185 -34.35 -0.51 4.46
CA HIS A 185 -35.35 0.42 4.95
C HIS A 185 -34.93 1.83 4.57
N ASN A 186 -35.78 2.80 4.89
CA ASN A 186 -35.50 4.22 4.64
C ASN A 186 -34.93 4.86 5.89
N LEU A 187 -34.04 5.85 5.70
CA LEU A 187 -33.36 6.47 6.83
C LEU A 187 -34.29 7.40 7.60
N THR A 188 -35.06 8.23 6.90
CA THR A 188 -35.89 9.22 7.58
C THR A 188 -36.96 8.56 8.43
N GLU A 189 -37.61 7.51 7.90
CA GLU A 189 -38.64 6.82 8.65
C GLU A 189 -38.07 6.19 9.92
N VAL A 190 -36.90 5.57 9.81
CA VAL A 190 -36.30 4.91 10.96
C VAL A 190 -35.89 5.94 12.01
N ILE A 191 -35.35 7.08 11.58
CA ILE A 191 -34.97 8.11 12.54
C ILE A 191 -36.20 8.67 13.25
N ASN A 192 -37.30 8.86 12.51
CA ASN A 192 -38.53 9.31 13.15
C ASN A 192 -39.03 8.28 14.14
N GLY A 193 -38.91 7.00 13.81
CA GLY A 193 -39.29 5.96 14.75
C GLY A 193 -38.47 5.99 16.03
N CYS A 194 -37.16 6.18 15.90
CA CYS A 194 -36.31 6.27 17.07
C CYS A 194 -36.66 7.47 17.93
N LEU A 195 -36.90 8.63 17.30
CA LEU A 195 -37.28 9.81 18.06
C LEU A 195 -38.62 9.61 18.76
N ALA A 196 -39.57 8.96 18.11
CA ALA A 196 -40.84 8.67 18.76
C ALA A 196 -40.66 7.72 19.93
N TYR A 197 -39.76 6.74 19.78
CA TYR A 197 -39.51 5.80 20.87
C TYR A 197 -38.91 6.50 22.09
N ILE A 198 -38.01 7.46 21.85
CA ILE A 198 -37.32 8.11 22.97
C ILE A 198 -38.31 8.85 23.86
N ASP A 199 -39.32 9.47 23.27
CA ASP A 199 -40.31 10.21 24.05
C ASP A 199 -41.27 9.29 24.82
N ASP A 200 -41.38 8.02 24.44
CA ASP A 200 -42.30 7.09 25.09
C ASP A 200 -41.73 5.69 24.93
N GLU A 201 -41.26 5.11 26.03
CA GLU A 201 -40.63 3.79 25.97
C GLU A 201 -41.64 2.65 25.93
N ASP A 202 -42.91 2.92 26.22
CA ASP A 202 -43.96 1.90 26.22
C ASP A 202 -44.75 1.89 24.90
N ILE A 203 -44.15 2.34 23.81
CA ILE A 203 -44.87 2.37 22.53
C ILE A 203 -45.09 0.95 22.04
N SER A 204 -46.26 0.73 21.44
CA SER A 204 -46.62 -0.57 20.87
C SER A 204 -46.26 -0.61 19.40
N ILE A 205 -46.34 -1.82 18.82
CA ILE A 205 -45.90 -2.02 17.44
C ILE A 205 -46.80 -1.25 16.48
N GLU A 206 -48.09 -1.16 16.79
CA GLU A 206 -48.98 -0.35 15.97
C GLU A 206 -48.56 1.12 15.99
N GLY A 207 -48.08 1.60 17.13
CA GLY A 207 -47.59 2.96 17.19
C GLY A 207 -46.34 3.18 16.36
N LEU A 208 -45.41 2.21 16.40
CA LEU A 208 -44.18 2.35 15.63
C LEU A 208 -44.46 2.28 14.14
N MET A 209 -45.36 1.38 13.71
CA MET A 209 -45.59 1.19 12.28
C MET A 209 -46.21 2.41 11.60
N GLU A 210 -46.76 3.35 12.36
CA GLU A 210 -47.24 4.59 11.74
C GLU A 210 -46.10 5.37 11.12
N HIS A 211 -44.95 5.43 11.78
CA HIS A 211 -43.78 6.12 11.24
C HIS A 211 -42.91 5.24 10.35
N ILE A 212 -43.12 3.92 10.36
CA ILE A 212 -42.34 2.98 9.55
C ILE A 212 -43.32 2.11 8.77
N PRO A 213 -43.84 2.57 7.62
CA PRO A 213 -44.80 1.73 6.90
C PRO A 213 -44.26 0.39 6.43
N GLY A 214 -43.00 0.32 6.01
CA GLY A 214 -42.47 -0.91 5.48
C GLY A 214 -41.12 -0.76 4.79
N PRO A 215 -40.65 -1.82 4.15
CA PRO A 215 -39.34 -1.79 3.49
C PRO A 215 -39.25 -0.74 2.39
N ASP A 216 -38.04 -0.59 1.85
CA ASP A 216 -37.80 0.32 0.74
C ASP A 216 -36.55 -0.17 0.01
N PHE A 217 -36.74 -0.87 -1.10
CA PHE A 217 -35.63 -1.49 -1.80
C PHE A 217 -34.90 -0.50 -2.69
N PRO A 218 -33.65 -0.79 -3.08
CA PRO A 218 -32.96 0.13 -4.01
C PRO A 218 -33.60 0.24 -5.38
N THR A 219 -34.15 -0.86 -5.92
CA THR A 219 -34.61 -0.89 -7.30
C THR A 219 -36.01 -0.35 -7.50
N ALA A 220 -36.76 -0.11 -6.43
CA ALA A 220 -38.06 0.56 -6.50
C ALA A 220 -39.09 -0.24 -7.29
N ALA A 221 -39.37 -1.43 -6.80
CA ALA A 221 -40.44 -2.26 -7.34
C ALA A 221 -41.76 -1.87 -6.65
N ILE A 222 -42.78 -2.72 -6.76
CA ILE A 222 -44.04 -2.55 -6.03
C ILE A 222 -44.22 -3.76 -5.12
N ILE A 223 -44.51 -3.49 -3.85
CA ILE A 223 -44.81 -4.54 -2.88
C ILE A 223 -46.31 -4.79 -2.90
N ASN A 224 -46.70 -6.01 -3.18
CA ASN A 224 -48.10 -6.38 -3.39
C ASN A 224 -48.59 -7.14 -2.16
N GLY A 225 -49.01 -6.40 -1.15
CA GLY A 225 -49.56 -6.97 0.07
C GLY A 225 -49.16 -6.16 1.29
N ARG A 226 -49.91 -6.36 2.37
CA ARG A 226 -49.67 -5.66 3.63
C ARG A 226 -49.84 -6.53 4.86
N ARG A 227 -50.08 -7.84 4.70
CA ARG A 227 -50.38 -8.71 5.83
C ARG A 227 -49.13 -9.39 6.39
N GLY A 228 -48.15 -9.70 5.54
CA GLY A 228 -46.94 -10.34 6.03
C GLY A 228 -46.00 -9.40 6.74
N ILE A 229 -46.03 -8.11 6.40
CA ILE A 229 -45.12 -7.16 7.01
C ILE A 229 -45.39 -7.03 8.50
N GLU A 230 -46.68 -6.92 8.88
CA GLU A 230 -47.01 -6.78 10.29
C GLU A 230 -46.62 -8.05 11.06
N GLU A 231 -46.83 -9.22 10.47
CA GLU A 231 -46.43 -10.45 11.13
C GLU A 231 -44.93 -10.52 11.32
N ALA A 232 -44.16 -10.09 10.31
CA ALA A 232 -42.71 -10.07 10.44
C ALA A 232 -42.25 -9.10 11.52
N TYR A 233 -42.85 -7.92 11.56
CA TYR A 233 -42.47 -6.95 12.58
C TYR A 233 -42.93 -7.35 13.97
N ARG A 234 -43.95 -8.21 14.09
CA ARG A 234 -44.44 -8.59 15.40
C ARG A 234 -43.76 -9.82 15.97
N THR A 235 -43.42 -10.81 15.13
CA THR A 235 -42.83 -12.06 15.60
C THR A 235 -41.43 -12.33 15.09
N GLY A 236 -41.00 -11.70 14.01
CA GLY A 236 -39.66 -11.86 13.48
C GLY A 236 -39.53 -12.79 12.29
N ARG A 237 -40.64 -13.32 11.78
CA ARG A 237 -40.63 -14.17 10.59
C ARG A 237 -41.86 -13.85 9.76
N GLY A 238 -41.66 -13.71 8.45
CA GLY A 238 -42.77 -13.36 7.59
C GLY A 238 -42.39 -13.53 6.13
N LYS A 239 -43.31 -13.15 5.26
CA LYS A 239 -43.15 -13.35 3.82
C LYS A 239 -43.85 -12.22 3.07
N VAL A 240 -43.21 -11.73 2.01
CA VAL A 240 -43.78 -10.67 1.17
C VAL A 240 -43.58 -11.04 -0.29
N TYR A 241 -44.38 -10.39 -1.15
CA TYR A 241 -44.34 -10.58 -2.59
C TYR A 241 -43.94 -9.27 -3.25
N ILE A 242 -42.90 -9.34 -4.08
CA ILE A 242 -42.40 -8.18 -4.82
C ILE A 242 -42.87 -8.34 -6.26
N ARG A 243 -43.42 -7.26 -6.82
CA ARG A 243 -44.01 -7.24 -8.14
C ARG A 243 -43.38 -6.14 -8.98
N ALA A 244 -43.13 -6.42 -10.24
CA ALA A 244 -42.52 -5.43 -11.13
C ALA A 244 -43.52 -4.35 -11.48
N ARG A 245 -43.04 -3.32 -12.17
CA ARG A 245 -43.88 -2.22 -12.65
C ARG A 245 -44.01 -2.34 -14.16
N ALA A 246 -45.24 -2.44 -14.65
CA ALA A 246 -45.49 -2.57 -16.07
C ALA A 246 -46.89 -2.06 -16.36
N GLU A 247 -47.15 -1.80 -17.64
CA GLU A 247 -48.43 -1.23 -18.05
C GLU A 247 -48.61 -1.53 -19.54
N VAL A 248 -49.83 -1.28 -20.02
CA VAL A 248 -50.22 -1.57 -21.40
C VAL A 248 -50.61 -0.27 -22.07
N GLU A 249 -50.21 -0.10 -23.33
CA GLU A 249 -50.47 1.11 -24.10
C GLU A 249 -51.01 0.72 -25.47
N VAL A 250 -51.92 1.56 -25.98
CA VAL A 250 -52.65 1.28 -27.21
C VAL A 250 -52.46 2.47 -28.15
N ASP A 251 -52.15 2.18 -29.41
CA ASP A 251 -51.90 3.20 -30.43
C ASP A 251 -53.11 3.49 -31.29
N ALA A 252 -54.23 2.81 -31.09
CA ALA A 252 -55.43 2.91 -31.94
C ALA A 252 -55.00 2.46 -33.34
N LYS A 253 -55.37 3.17 -34.40
CA LYS A 253 -54.99 2.80 -35.77
C LYS A 253 -55.48 1.39 -36.09
N THR A 254 -54.62 0.37 -35.92
CA THR A 254 -54.97 -1.02 -36.14
C THR A 254 -55.13 -1.80 -34.83
N GLY A 255 -55.34 -1.10 -33.72
CA GLY A 255 -55.54 -1.75 -32.44
C GLY A 255 -54.36 -2.55 -31.95
N ARG A 256 -53.16 -1.97 -32.05
CA ARG A 256 -51.96 -2.65 -31.57
C ARG A 256 -51.76 -2.38 -30.08
N GLU A 257 -51.16 -3.36 -29.40
CA GLU A 257 -50.84 -3.27 -27.98
C GLU A 257 -49.38 -3.61 -27.76
N THR A 258 -48.77 -2.92 -26.81
CA THR A 258 -47.39 -3.19 -26.40
C THR A 258 -47.30 -3.10 -24.89
N ILE A 259 -46.41 -3.92 -24.33
CA ILE A 259 -46.16 -3.97 -22.89
C ILE A 259 -44.78 -3.39 -22.64
N ILE A 260 -44.71 -2.44 -21.72
CA ILE A 260 -43.48 -1.72 -21.38
C ILE A 260 -43.13 -2.04 -19.94
N VAL A 261 -41.90 -2.50 -19.71
CA VAL A 261 -41.39 -2.81 -18.38
C VAL A 261 -40.36 -1.75 -18.02
N HIS A 262 -40.58 -1.09 -16.89
CA HIS A 262 -39.69 -0.05 -16.35
C HIS A 262 -38.83 -0.57 -15.20
N GLU A 263 -39.45 -1.11 -14.15
CA GLU A 263 -38.78 -1.44 -12.91
C GLU A 263 -39.00 -2.91 -12.58
N ILE A 264 -37.92 -3.60 -12.23
CA ILE A 264 -37.93 -5.04 -11.96
C ILE A 264 -37.75 -5.27 -10.47
N PRO A 265 -38.02 -6.47 -9.94
CA PRO A 265 -37.87 -6.68 -8.50
C PRO A 265 -36.42 -6.62 -8.01
N TYR A 266 -36.23 -6.86 -6.73
CA TYR A 266 -34.92 -6.80 -6.10
C TYR A 266 -34.19 -8.13 -6.29
N GLN A 267 -32.90 -8.05 -6.64
CA GLN A 267 -32.06 -9.22 -6.90
C GLN A 267 -32.62 -10.05 -8.05
N VAL A 268 -32.71 -9.42 -9.22
CA VAL A 268 -33.12 -10.11 -10.45
C VAL A 268 -32.25 -9.59 -11.58
N ASN A 269 -31.75 -10.50 -12.42
CA ASN A 269 -30.92 -10.15 -13.55
C ASN A 269 -31.78 -9.87 -14.78
N LYS A 270 -31.43 -8.83 -15.52
CA LYS A 270 -32.20 -8.47 -16.71
C LYS A 270 -31.93 -9.43 -17.86
N ALA A 271 -30.67 -9.80 -18.07
CA ALA A 271 -30.33 -10.66 -19.20
C ALA A 271 -30.97 -12.04 -19.05
N ARG A 272 -30.91 -12.62 -17.85
CA ARG A 272 -31.52 -13.93 -17.63
C ARG A 272 -33.02 -13.86 -17.79
N LEU A 273 -33.65 -12.78 -17.33
CA LEU A 273 -35.09 -12.63 -17.49
C LEU A 273 -35.47 -12.57 -18.98
N ILE A 274 -34.71 -11.79 -19.76
CA ILE A 274 -35.00 -11.68 -21.18
C ILE A 274 -34.84 -13.03 -21.88
N GLU A 275 -33.75 -13.74 -21.57
CA GLU A 275 -33.54 -15.03 -22.22
C GLU A 275 -34.57 -16.06 -21.77
N LYS A 276 -35.04 -15.97 -20.52
CA LYS A 276 -36.10 -16.85 -20.07
C LYS A 276 -37.39 -16.61 -20.84
N ILE A 277 -37.75 -15.33 -21.05
CA ILE A 277 -38.95 -15.04 -21.83
C ILE A 277 -38.78 -15.53 -23.26
N ALA A 278 -37.57 -15.36 -23.81
CA ALA A 278 -37.31 -15.83 -25.18
C ALA A 278 -37.49 -17.35 -25.28
N GLU A 279 -36.95 -18.09 -24.31
CA GLU A 279 -37.11 -19.54 -24.32
C GLU A 279 -38.57 -19.92 -24.15
N LEU A 280 -39.30 -19.21 -23.30
CA LEU A 280 -40.71 -19.53 -23.09
C LEU A 280 -41.51 -19.35 -24.37
N VAL A 281 -41.30 -18.24 -25.08
CA VAL A 281 -42.04 -18.05 -26.32
C VAL A 281 -41.58 -19.04 -27.38
N LYS A 282 -40.30 -19.41 -27.37
CA LYS A 282 -39.79 -20.34 -28.38
C LYS A 282 -40.40 -21.74 -28.21
N GLU A 283 -40.62 -22.18 -26.98
CA GLU A 283 -41.17 -23.50 -26.69
C GLU A 283 -42.69 -23.51 -26.65
N LYS A 284 -43.34 -22.43 -27.08
CA LYS A 284 -44.80 -22.34 -27.18
C LYS A 284 -45.50 -22.39 -25.83
N ARG A 285 -44.78 -22.19 -24.72
CA ARG A 285 -45.40 -22.22 -23.40
C ARG A 285 -46.14 -20.94 -23.06
N VAL A 286 -45.92 -19.86 -23.81
CA VAL A 286 -46.64 -18.60 -23.64
C VAL A 286 -47.20 -18.19 -24.99
N GLU A 287 -48.50 -17.91 -25.03
CA GLU A 287 -49.20 -17.56 -26.26
C GLU A 287 -49.62 -16.11 -26.24
N GLY A 288 -49.44 -15.43 -27.36
CA GLY A 288 -49.81 -14.03 -27.50
C GLY A 288 -48.66 -13.04 -27.52
N ILE A 289 -47.41 -13.51 -27.65
CA ILE A 289 -46.24 -12.65 -27.71
C ILE A 289 -45.64 -12.75 -29.11
N SER A 290 -45.41 -11.60 -29.74
CA SER A 290 -44.90 -11.53 -31.10
C SER A 290 -43.39 -11.27 -31.12
N ALA A 291 -42.92 -10.26 -30.40
CA ALA A 291 -41.52 -9.89 -30.41
C ALA A 291 -41.13 -9.28 -29.07
N LEU A 292 -39.83 -9.34 -28.78
CA LEU A 292 -39.25 -8.85 -27.53
C LEU A 292 -38.03 -8.01 -27.88
N ARG A 293 -37.88 -6.87 -27.21
CA ARG A 293 -36.78 -5.96 -27.50
C ARG A 293 -36.35 -5.25 -26.23
N ASP A 294 -35.09 -4.84 -26.23
CA ASP A 294 -34.46 -4.08 -25.15
C ASP A 294 -34.08 -2.71 -25.69
N GLU A 295 -34.41 -1.66 -24.93
CA GLU A 295 -34.12 -0.28 -25.32
C GLU A 295 -33.64 0.54 -24.14
N SER A 296 -32.96 -0.08 -23.18
CA SER A 296 -32.41 0.65 -22.04
C SER A 296 -31.11 1.32 -22.46
N ASP A 297 -31.06 2.65 -22.31
CA ASP A 297 -29.89 3.41 -22.77
C ASP A 297 -29.71 4.63 -21.88
N LYS A 298 -28.90 4.47 -20.82
CA LYS A 298 -28.24 5.59 -20.15
C LYS A 298 -29.19 6.50 -19.35
N ASP A 299 -30.50 6.31 -19.47
CA ASP A 299 -31.50 7.22 -18.93
C ASP A 299 -32.54 6.50 -18.10
N GLY A 300 -32.93 5.30 -18.50
CA GLY A 300 -33.87 4.50 -17.73
C GLY A 300 -34.00 3.13 -18.37
N MET A 301 -34.68 2.25 -17.66
CA MET A 301 -34.88 0.89 -18.12
C MET A 301 -36.19 0.80 -18.89
N ARG A 302 -36.14 0.15 -20.05
CA ARG A 302 -37.32 -0.06 -20.87
C ARG A 302 -37.16 -1.39 -21.58
N ILE A 303 -38.13 -2.30 -21.38
CA ILE A 303 -38.21 -3.54 -22.14
C ILE A 303 -39.56 -3.56 -22.84
N VAL A 304 -39.55 -3.81 -24.15
CA VAL A 304 -40.72 -3.71 -25.00
C VAL A 304 -41.14 -5.10 -25.45
N ILE A 305 -42.41 -5.42 -25.29
CA ILE A 305 -42.98 -6.70 -25.74
C ILE A 305 -44.18 -6.39 -26.62
N GLU A 306 -44.25 -7.03 -27.79
CA GLU A 306 -45.34 -6.83 -28.74
C GLU A 306 -46.26 -8.03 -28.72
N VAL A 307 -47.57 -7.79 -28.70
CA VAL A 307 -48.57 -8.83 -28.56
C VAL A 307 -49.36 -8.96 -29.86
N LYS A 308 -49.86 -10.17 -30.09
CA LYS A 308 -50.56 -10.48 -31.33
C LYS A 308 -51.92 -9.80 -31.38
N ARG A 309 -52.49 -9.74 -32.58
CA ARG A 309 -53.78 -9.08 -32.79
C ARG A 309 -54.96 -9.88 -32.23
N ASP A 310 -54.81 -11.19 -32.08
CA ASP A 310 -55.87 -12.06 -31.57
C ASP A 310 -55.61 -12.42 -30.11
N ALA A 311 -55.08 -11.46 -29.35
CA ALA A 311 -54.78 -11.67 -27.94
C ALA A 311 -54.95 -10.34 -27.21
N VAL A 312 -55.13 -10.44 -25.90
CA VAL A 312 -55.37 -9.30 -25.02
C VAL A 312 -54.18 -9.15 -24.09
N GLY A 313 -53.81 -7.90 -23.80
CA GLY A 313 -52.61 -7.65 -23.01
C GLY A 313 -52.70 -8.18 -21.59
N GLU A 314 -53.89 -8.13 -20.99
CA GLU A 314 -54.01 -8.46 -19.58
C GLU A 314 -53.74 -9.93 -19.32
N VAL A 315 -54.24 -10.82 -20.18
CA VAL A 315 -54.05 -12.25 -19.98
C VAL A 315 -52.57 -12.60 -20.08
N VAL A 316 -51.89 -12.09 -21.11
CA VAL A 316 -50.47 -12.38 -21.26
C VAL A 316 -49.67 -11.77 -20.11
N LEU A 317 -50.08 -10.59 -19.64
CA LEU A 317 -49.38 -9.97 -18.51
C LEU A 317 -49.51 -10.82 -17.25
N ASN A 318 -50.71 -11.31 -16.96
CA ASN A 318 -50.88 -12.14 -15.77
C ASN A 318 -50.18 -13.48 -15.93
N ASN A 319 -50.14 -14.04 -17.14
CA ASN A 319 -49.37 -15.25 -17.37
C ASN A 319 -47.89 -15.00 -17.13
N LEU A 320 -47.38 -13.85 -17.55
CA LEU A 320 -46.00 -13.49 -17.25
C LEU A 320 -45.76 -13.42 -15.75
N TYR A 321 -46.64 -12.72 -15.02
CA TYR A 321 -46.47 -12.62 -13.57
C TYR A 321 -46.47 -13.99 -12.90
N SER A 322 -47.37 -14.89 -13.29
CA SER A 322 -47.47 -16.20 -12.67
C SER A 322 -46.36 -17.15 -13.08
N GLN A 323 -45.75 -16.96 -14.26
CA GLN A 323 -44.78 -17.92 -14.79
C GLN A 323 -43.34 -17.44 -14.69
N THR A 324 -43.02 -16.25 -15.23
CA THR A 324 -41.64 -15.80 -15.25
C THR A 324 -41.25 -15.19 -13.91
N GLN A 325 -40.03 -14.64 -13.85
CA GLN A 325 -39.48 -14.11 -12.61
C GLN A 325 -39.77 -12.62 -12.43
N LEU A 326 -40.87 -12.11 -13.00
CA LEU A 326 -41.26 -10.73 -12.77
C LEU A 326 -41.88 -10.51 -11.39
N GLN A 327 -42.49 -11.53 -10.79
CA GLN A 327 -42.99 -11.48 -9.42
C GLN A 327 -42.26 -12.53 -8.61
N VAL A 328 -41.74 -12.13 -7.45
CA VAL A 328 -40.90 -12.99 -6.63
C VAL A 328 -41.38 -12.94 -5.19
N SER A 329 -40.94 -13.94 -4.42
CA SER A 329 -41.26 -14.08 -3.00
C SER A 329 -40.02 -13.86 -2.16
N PHE A 330 -40.17 -13.08 -1.09
CA PHE A 330 -39.06 -12.70 -0.23
C PHE A 330 -39.43 -13.09 1.20
N GLY A 331 -38.58 -13.92 1.82
CA GLY A 331 -38.83 -14.40 3.16
C GLY A 331 -38.05 -13.66 4.22
N ILE A 332 -38.75 -12.85 5.02
CA ILE A 332 -38.10 -12.07 6.07
C ILE A 332 -37.86 -12.98 7.27
N ASN A 333 -36.61 -13.04 7.72
CA ASN A 333 -36.21 -13.90 8.83
C ASN A 333 -35.07 -13.21 9.56
N MET A 334 -35.35 -12.69 10.76
CA MET A 334 -34.43 -11.80 11.47
C MET A 334 -33.70 -12.59 12.55
N VAL A 335 -32.38 -12.67 12.43
CA VAL A 335 -31.52 -13.30 13.41
C VAL A 335 -30.28 -12.43 13.58
N ALA A 336 -29.81 -12.25 14.81
CA ALA A 336 -28.64 -11.41 15.04
C ALA A 336 -28.01 -11.80 16.37
N LEU A 337 -26.78 -11.33 16.57
CA LEU A 337 -26.05 -11.57 17.81
C LEU A 337 -26.28 -10.42 18.78
N HIS A 338 -26.73 -10.74 19.99
CA HIS A 338 -26.96 -9.73 21.01
C HIS A 338 -25.76 -9.57 21.94
N HIS A 339 -25.37 -10.65 22.62
CA HIS A 339 -24.22 -10.68 23.52
C HIS A 339 -23.39 -11.93 23.25
N GLY A 340 -23.10 -12.18 21.98
CA GLY A 340 -22.35 -13.36 21.61
C GLY A 340 -23.17 -14.64 21.52
N GLN A 341 -24.48 -14.53 21.32
CA GLN A 341 -25.34 -15.68 21.07
C GLN A 341 -26.35 -15.30 19.99
N PRO A 342 -26.73 -16.21 19.09
CA PRO A 342 -27.79 -15.87 18.14
C PRO A 342 -29.12 -15.66 18.84
N LYS A 343 -29.96 -14.83 18.23
CA LYS A 343 -31.26 -14.52 18.81
C LYS A 343 -32.17 -13.98 17.72
N ILE A 344 -33.47 -14.33 17.82
CA ILE A 344 -34.51 -13.84 16.92
C ILE A 344 -35.15 -12.63 17.56
N MET A 345 -35.31 -11.56 16.77
CA MET A 345 -35.68 -10.25 17.29
C MET A 345 -36.81 -9.66 16.45
N ASN A 346 -37.49 -8.68 17.04
CA ASN A 346 -38.49 -7.86 16.38
C ASN A 346 -38.04 -6.39 16.44
N LEU A 347 -38.92 -5.49 16.01
CA LEU A 347 -38.50 -4.10 15.78
C LEU A 347 -38.06 -3.42 17.08
N LYS A 348 -38.84 -3.59 18.15
CA LYS A 348 -38.59 -2.84 19.37
C LYS A 348 -37.25 -3.22 20.00
N ASP A 349 -36.88 -4.50 19.92
CA ASP A 349 -35.60 -4.93 20.46
C ASP A 349 -34.44 -4.25 19.74
N ILE A 350 -34.52 -4.17 18.41
CA ILE A 350 -33.46 -3.54 17.64
C ILE A 350 -33.34 -2.06 18.01
N ILE A 351 -34.48 -1.38 18.10
CA ILE A 351 -34.45 0.06 18.42
C ILE A 351 -33.87 0.28 19.81
N ALA A 352 -34.29 -0.55 20.78
CA ALA A 352 -33.76 -0.41 22.15
C ALA A 352 -32.27 -0.64 22.19
N ALA A 353 -31.77 -1.64 21.45
CA ALA A 353 -30.34 -1.90 21.42
C ALA A 353 -29.58 -0.70 20.87
N PHE A 354 -30.09 -0.10 19.80
CA PHE A 354 -29.42 1.07 19.22
C PHE A 354 -29.38 2.22 20.21
N VAL A 355 -30.48 2.47 20.92
CA VAL A 355 -30.51 3.59 21.87
C VAL A 355 -29.54 3.36 23.01
N ARG A 356 -29.47 2.13 23.53
CA ARG A 356 -28.50 1.85 24.59
C ARG A 356 -27.07 2.04 24.11
N HIS A 357 -26.78 1.63 22.87
CA HIS A 357 -25.46 1.85 22.30
C HIS A 357 -25.11 3.33 22.29
N ARG A 358 -26.06 4.17 21.87
CA ARG A 358 -25.81 5.61 21.83
C ARG A 358 -25.54 6.16 23.23
N ARG A 359 -26.31 5.71 24.22
CA ARG A 359 -26.09 6.20 25.59
C ARG A 359 -24.68 5.88 26.06
N GLU A 360 -24.23 4.65 25.85
CA GLU A 360 -22.89 4.27 26.30
C GLU A 360 -21.81 5.11 25.60
N VAL A 361 -21.95 5.29 24.29
CA VAL A 361 -20.93 6.02 23.53
C VAL A 361 -20.84 7.46 24.04
N VAL A 362 -21.99 8.10 24.23
CA VAL A 362 -21.98 9.51 24.63
C VAL A 362 -21.35 9.66 26.02
N THR A 363 -21.67 8.75 26.94
CA THR A 363 -21.11 8.88 28.29
C THR A 363 -19.59 8.74 28.27
N ARG A 364 -19.07 7.77 27.53
CA ARG A 364 -17.61 7.60 27.49
C ARG A 364 -16.93 8.80 26.85
N ARG A 365 -17.50 9.33 25.77
CA ARG A 365 -16.93 10.51 25.12
C ARG A 365 -16.89 11.69 26.07
N THR A 366 -17.97 11.88 26.85
CA THR A 366 -18.01 13.00 27.79
C THR A 366 -16.92 12.88 28.85
N ILE A 367 -16.70 11.66 29.36
CA ILE A 367 -15.66 11.49 30.38
C ILE A 367 -14.28 11.84 29.80
N PHE A 368 -13.99 11.37 28.58
CA PHE A 368 -12.69 11.68 27.97
C PHE A 368 -12.50 13.19 27.80
N GLU A 369 -13.54 13.88 27.32
CA GLU A 369 -13.43 15.32 27.13
C GLU A 369 -13.19 16.03 28.47
N LEU A 370 -13.85 15.57 29.52
CA LEU A 370 -13.67 16.18 30.84
C LEU A 370 -12.23 16.06 31.30
N ARG A 371 -11.62 14.88 31.11
CA ARG A 371 -10.22 14.69 31.52
C ARG A 371 -9.29 15.64 30.76
N LYS A 372 -9.48 15.75 29.44
CA LYS A 372 -8.60 16.62 28.66
C LYS A 372 -8.74 18.07 29.09
N ALA A 373 -9.98 18.53 29.32
CA ALA A 373 -10.20 19.90 29.74
C ALA A 373 -9.52 20.18 31.08
N ARG A 374 -9.62 19.24 32.02
CA ARG A 374 -9.00 19.46 33.33
C ARG A 374 -7.48 19.58 33.21
N ASP A 375 -6.85 18.71 32.41
CA ASP A 375 -5.40 18.78 32.27
C ASP A 375 -4.96 20.11 31.64
N ARG A 376 -5.65 20.55 30.59
CA ARG A 376 -5.24 21.80 29.95
C ARG A 376 -5.42 22.99 30.89
N ALA A 377 -6.51 23.01 31.65
CA ALA A 377 -6.70 24.10 32.61
C ALA A 377 -5.61 24.07 33.67
N HIS A 378 -5.19 22.89 34.10
CA HIS A 378 -4.13 22.79 35.10
C HIS A 378 -2.84 23.41 34.59
N ILE A 379 -2.48 23.14 33.33
CA ILE A 379 -1.25 23.75 32.80
C ILE A 379 -1.41 25.27 32.68
N LEU A 380 -2.58 25.73 32.22
CA LEU A 380 -2.77 27.16 32.01
C LEU A 380 -2.70 27.93 33.32
N GLU A 381 -3.15 27.33 34.43
CA GLU A 381 -3.04 28.01 35.72
C GLU A 381 -1.58 28.31 36.05
N ALA A 382 -0.70 27.34 35.85
CA ALA A 382 0.72 27.55 36.13
C ALA A 382 1.31 28.61 35.21
N LEU A 383 0.93 28.59 33.94
CA LEU A 383 1.43 29.63 33.03
C LEU A 383 0.99 31.02 33.49
N ALA A 384 -0.27 31.16 33.88
CA ALA A 384 -0.77 32.46 34.32
C ALA A 384 -0.07 32.92 35.59
N VAL A 385 0.18 32.00 36.53
CA VAL A 385 0.89 32.37 37.74
C VAL A 385 2.31 32.81 37.42
N ALA A 386 2.98 32.10 36.52
CA ALA A 386 4.36 32.45 36.19
C ALA A 386 4.45 33.80 35.49
N LEU A 387 3.45 34.14 34.67
CA LEU A 387 3.49 35.40 33.95
C LEU A 387 3.43 36.62 34.86
N ALA A 388 2.99 36.47 36.11
CA ALA A 388 2.83 37.60 37.02
C ALA A 388 4.03 37.82 37.94
N ASN A 389 5.11 37.08 37.76
CA ASN A 389 6.32 37.17 38.58
C ASN A 389 7.56 37.18 37.69
N ILE A 390 7.53 38.04 36.66
CA ILE A 390 8.56 37.99 35.62
C ILE A 390 9.95 38.28 36.20
N ASP A 391 10.05 39.36 36.99
CA ASP A 391 11.37 39.80 37.42
C ASP A 391 12.08 38.79 38.33
N PRO A 392 11.47 38.28 39.40
CA PRO A 392 12.16 37.23 40.17
C PRO A 392 12.46 35.99 39.35
N ILE A 393 11.59 35.61 38.43
CA ILE A 393 11.81 34.39 37.65
C ILE A 393 13.03 34.55 36.76
N ILE A 394 13.14 35.68 36.06
CA ILE A 394 14.29 35.86 35.18
C ILE A 394 15.56 36.00 36.01
N GLU A 395 15.48 36.67 37.17
CA GLU A 395 16.66 36.78 38.02
C GLU A 395 17.14 35.40 38.48
N LEU A 396 16.21 34.57 38.95
CA LEU A 396 16.57 33.23 39.41
C LEU A 396 17.12 32.38 38.28
N ILE A 397 16.51 32.47 37.09
CA ILE A 397 16.99 31.68 35.96
C ILE A 397 18.39 32.12 35.56
N ARG A 398 18.64 33.43 35.53
CA ARG A 398 19.97 33.91 35.16
C ARG A 398 21.03 33.48 36.15
N HIS A 399 20.71 33.54 37.45
CA HIS A 399 21.70 33.17 38.45
C HIS A 399 22.05 31.68 38.38
N ALA A 400 21.09 30.82 38.11
CA ALA A 400 21.36 29.39 38.09
C ALA A 400 22.27 29.03 36.93
N PRO A 401 23.15 28.02 37.07
CA PRO A 401 24.07 27.69 35.97
C PRO A 401 23.50 26.70 34.95
N THR A 402 22.60 25.83 35.40
CA THR A 402 22.11 24.70 34.63
C THR A 402 20.59 24.69 34.63
N PRO A 403 19.94 24.19 33.58
CA PRO A 403 18.47 24.08 33.63
C PRO A 403 17.94 23.22 34.76
N ALA A 404 18.64 22.14 35.13
CA ALA A 404 18.15 21.29 36.23
C ALA A 404 18.18 22.04 37.56
N GLU A 405 19.26 22.79 37.82
CA GLU A 405 19.32 23.58 39.04
C GLU A 405 18.24 24.64 39.06
N ALA A 406 17.98 25.27 37.91
CA ALA A 406 16.89 26.23 37.83
C ALA A 406 15.54 25.58 38.12
N LYS A 407 15.33 24.37 37.61
CA LYS A 407 14.09 23.66 37.86
C LYS A 407 13.92 23.37 39.35
N THR A 408 14.99 22.90 40.00
CA THR A 408 14.91 22.63 41.43
C THR A 408 14.66 23.90 42.22
N ALA A 409 15.30 25.00 41.84
CA ALA A 409 15.11 26.27 42.54
C ALA A 409 13.67 26.76 42.36
N LEU A 410 13.11 26.62 41.17
CA LEU A 410 11.72 27.01 40.95
C LEU A 410 10.76 26.16 41.80
N VAL A 411 10.99 24.85 41.84
CA VAL A 411 10.12 23.99 42.62
C VAL A 411 10.31 24.18 44.13
N ALA A 412 11.44 24.76 44.54
CA ALA A 412 11.79 24.76 45.96
C ALA A 412 10.80 25.57 46.80
N ASN A 413 10.49 26.84 46.37
CA ASN A 413 9.75 27.77 47.22
C ASN A 413 8.36 28.09 46.64
N PRO A 414 7.42 28.56 47.46
CA PRO A 414 6.14 29.00 46.90
C PRO A 414 6.27 30.36 46.23
N TRP A 415 5.23 30.71 45.48
CA TRP A 415 5.12 31.98 44.78
C TRP A 415 3.83 32.67 45.18
N GLN A 416 3.91 33.95 45.51
CA GLN A 416 2.71 34.72 45.81
C GLN A 416 1.88 34.88 44.54
N LEU A 417 0.55 34.78 44.70
CA LEU A 417 -0.34 34.76 43.55
C LEU A 417 -0.32 36.09 42.81
N GLY A 418 -0.31 37.20 43.53
CA GLY A 418 -0.35 38.51 42.90
C GLY A 418 -1.74 38.96 42.53
N ASN A 419 -1.87 39.65 41.41
CA ASN A 419 -3.14 40.27 41.03
C ASN A 419 -4.02 39.36 40.17
N VAL A 420 -3.55 38.16 39.80
CA VAL A 420 -4.35 37.23 39.03
C VAL A 420 -5.14 36.27 39.93
N ALA A 421 -5.20 36.55 41.23
CA ALA A 421 -5.88 35.66 42.17
C ALA A 421 -7.40 35.76 42.06
N ALA A 422 -7.93 36.74 41.33
CA ALA A 422 -9.38 36.89 41.23
C ALA A 422 -10.02 35.69 40.56
N MET A 423 -9.45 35.21 39.46
CA MET A 423 -10.02 34.10 38.71
C MET A 423 -9.75 32.75 39.35
N LEU A 424 -8.58 32.59 39.98
CA LEU A 424 -8.24 31.30 40.61
C LEU A 424 -9.22 30.97 41.73
N GLU A 425 -9.57 31.95 42.56
CA GLU A 425 -10.51 31.75 43.66
C GLU A 425 -11.96 31.71 43.19
N ARG A 426 -12.27 32.25 42.02
CA ARG A 426 -13.63 32.20 41.51
C ARG A 426 -14.02 30.81 41.02
N ALA A 427 -13.05 29.93 40.79
CA ALA A 427 -13.35 28.57 40.40
C ALA A 427 -14.12 27.85 41.51
N GLY A 428 -14.94 26.88 41.10
CA GLY A 428 -15.79 26.18 42.03
C GLY A 428 -15.03 25.19 42.89
N ASP A 429 -14.19 25.72 43.79
CA ASP A 429 -13.38 24.90 44.69
C ASP A 429 -12.46 23.99 43.89
N ASP A 430 -12.86 22.72 43.67
CA ASP A 430 -12.02 21.72 43.01
C ASP A 430 -12.63 21.25 41.70
N ALA A 431 -13.42 22.10 41.03
CA ALA A 431 -14.01 21.72 39.76
C ALA A 431 -12.95 21.52 38.69
N ALA A 432 -11.93 22.38 38.67
CA ALA A 432 -10.89 22.38 37.63
C ALA A 432 -9.56 21.85 38.17
N ARG A 433 -9.63 20.85 39.06
CA ARG A 433 -8.46 20.23 39.65
C ARG A 433 -8.37 18.77 39.21
N PRO A 434 -7.28 18.32 38.59
CA PRO A 434 -7.22 16.91 38.18
C PRO A 434 -7.28 15.96 39.37
N GLU A 435 -7.85 14.78 39.13
CA GLU A 435 -8.07 13.83 40.21
C GLU A 435 -6.76 13.31 40.80
N TRP A 436 -5.78 12.99 39.96
CA TRP A 436 -4.51 12.43 40.43
C TRP A 436 -3.65 13.43 41.18
N LEU A 437 -3.99 14.72 41.18
CA LEU A 437 -3.18 15.73 41.82
C LEU A 437 -3.28 15.59 43.34
N GLU A 438 -2.13 15.59 44.01
CA GLU A 438 -2.09 15.42 45.44
C GLU A 438 -2.54 16.70 46.15
N PRO A 439 -2.94 16.60 47.43
CA PRO A 439 -3.34 17.82 48.14
C PRO A 439 -2.19 18.73 48.51
N GLU A 440 -0.94 18.29 48.36
CA GLU A 440 0.19 19.15 48.68
C GLU A 440 0.26 20.35 47.76
N PHE A 441 0.00 20.15 46.47
CA PHE A 441 0.15 21.19 45.46
C PHE A 441 -1.14 21.99 45.34
N GLY A 442 -1.22 22.84 44.31
CA GLY A 442 -2.39 23.66 44.10
C GLY A 442 -2.35 24.94 44.90
N VAL A 443 -3.46 25.67 44.86
CA VAL A 443 -3.55 26.94 45.56
C VAL A 443 -3.70 26.68 47.05
N ARG A 444 -2.58 26.78 47.78
CA ARG A 444 -2.57 26.63 49.22
C ARG A 444 -2.94 27.96 49.87
N ASP A 445 -2.74 28.08 51.18
CA ASP A 445 -3.18 29.24 51.94
C ASP A 445 -2.37 30.46 51.49
N GLY A 446 -2.85 31.09 50.41
CA GLY A 446 -2.28 32.31 49.90
C GLY A 446 -1.05 32.16 49.04
N LEU A 447 -0.60 30.93 48.76
CA LEU A 447 0.59 30.69 47.95
C LEU A 447 0.33 29.51 47.03
N TYR A 448 0.98 29.54 45.86
CA TYR A 448 0.87 28.48 44.87
C TYR A 448 2.16 27.67 44.87
N TYR A 449 2.01 26.34 44.83
CA TYR A 449 3.13 25.41 44.77
C TYR A 449 3.16 24.78 43.38
N LEU A 450 4.34 24.78 42.77
CA LEU A 450 4.51 24.29 41.41
C LEU A 450 4.96 22.84 41.42
N THR A 451 4.37 22.03 40.54
CA THR A 451 4.81 20.67 40.32
C THR A 451 6.04 20.69 39.42
N GLU A 452 6.55 19.50 39.08
CA GLU A 452 7.68 19.43 38.17
C GLU A 452 7.27 19.80 36.75
N GLN A 453 6.15 19.24 36.27
CA GLN A 453 5.74 19.48 34.89
C GLN A 453 5.34 20.94 34.67
N GLN A 454 4.74 21.57 35.67
CA GLN A 454 4.46 23.00 35.55
C GLN A 454 5.75 23.81 35.41
N ALA A 455 6.77 23.46 36.17
CA ALA A 455 8.05 24.16 36.06
C ALA A 455 8.66 23.94 34.68
N GLN A 456 8.58 22.72 34.16
CA GLN A 456 9.09 22.46 32.82
C GLN A 456 8.33 23.27 31.77
N ALA A 457 7.01 23.41 31.96
CA ALA A 457 6.23 24.23 31.05
C ALA A 457 6.65 25.70 31.13
N ILE A 458 6.95 26.18 32.34
CA ILE A 458 7.40 27.56 32.50
C ILE A 458 8.73 27.77 31.77
N LEU A 459 9.64 26.80 31.87
CA LEU A 459 10.94 26.98 31.24
C LEU A 459 10.86 27.10 29.72
N ASP A 460 9.85 26.52 29.09
CA ASP A 460 9.71 26.56 27.64
C ASP A 460 8.92 27.77 27.15
N LEU A 461 8.58 28.71 28.02
CA LEU A 461 7.87 29.91 27.60
C LEU A 461 8.75 30.74 26.67
N ARG A 462 8.11 31.34 25.66
CA ARG A 462 8.79 32.18 24.68
C ARG A 462 8.76 33.64 25.13
N LEU A 463 9.64 34.44 24.51
CA LEU A 463 9.60 35.88 24.75
C LEU A 463 8.43 36.53 24.03
N GLN A 464 7.84 35.85 23.04
CA GLN A 464 6.70 36.40 22.33
C GLN A 464 5.45 36.50 23.20
N LYS A 465 5.40 35.77 24.31
CA LYS A 465 4.22 35.77 25.16
C LYS A 465 4.10 37.00 26.04
N LEU A 466 5.13 37.82 26.14
CA LEU A 466 5.07 38.99 27.01
C LEU A 466 4.23 40.13 26.43
N THR A 467 3.85 40.06 25.16
CA THR A 467 2.99 41.08 24.59
C THR A 467 1.60 41.03 25.19
N GLY A 468 0.88 42.15 25.07
CA GLY A 468 -0.42 42.25 25.72
C GLY A 468 -1.45 41.27 25.17
N LEU A 469 -1.52 41.15 23.85
CA LEU A 469 -2.52 40.29 23.23
C LEU A 469 -2.33 38.84 23.63
N GLU A 470 -1.07 38.38 23.60
CA GLU A 470 -0.78 37.02 24.04
C GLU A 470 -1.10 36.83 25.52
N HIS A 471 -0.89 37.87 26.33
CA HIS A 471 -1.24 37.78 27.74
C HIS A 471 -2.75 37.63 27.94
N GLU A 472 -3.55 38.33 27.13
CA GLU A 472 -5.00 38.25 27.27
C GLU A 472 -5.57 36.95 26.73
N LYS A 473 -4.96 36.39 25.68
CA LYS A 473 -5.53 35.20 25.06
C LYS A 473 -5.49 34.00 26.01
N LEU A 474 -4.46 33.91 26.85
CA LEU A 474 -4.39 32.79 27.80
C LEU A 474 -5.53 32.87 28.81
N LEU A 475 -5.82 34.06 29.33
CA LEU A 475 -6.92 34.21 30.27
C LEU A 475 -8.26 33.91 29.60
N ASP A 476 -8.42 34.33 28.35
CA ASP A 476 -9.64 33.99 27.62
C ASP A 476 -9.80 32.48 27.48
N GLU A 477 -8.72 31.78 27.16
CA GLU A 477 -8.76 30.33 27.02
C GLU A 477 -9.14 29.68 28.36
N TYR A 478 -8.57 30.15 29.45
CA TYR A 478 -8.88 29.60 30.77
C TYR A 478 -10.35 29.80 31.12
N LYS A 479 -10.88 31.00 30.88
CA LYS A 479 -12.26 31.28 31.21
C LYS A 479 -13.21 30.44 30.37
N GLU A 480 -12.86 30.20 29.09
CA GLU A 480 -13.69 29.31 28.28
C GLU A 480 -13.64 27.87 28.81
N LEU A 481 -12.46 27.41 29.21
CA LEU A 481 -12.34 26.04 29.70
C LEU A 481 -13.17 25.82 30.96
N LEU A 482 -13.26 26.82 31.83
CA LEU A 482 -14.10 26.66 33.03
C LEU A 482 -15.56 26.40 32.65
N ASP A 483 -16.09 27.15 31.69
CA ASP A 483 -17.47 26.95 31.25
C ASP A 483 -17.64 25.58 30.62
N GLN A 484 -16.65 25.14 29.82
CA GLN A 484 -16.75 23.81 29.22
C GLN A 484 -16.80 22.72 30.29
N ILE A 485 -15.97 22.84 31.33
CA ILE A 485 -15.96 21.83 32.39
C ILE A 485 -17.30 21.83 33.12
N ALA A 486 -17.86 23.02 33.37
CA ALA A 486 -19.17 23.07 34.03
C ALA A 486 -20.24 22.37 33.19
N GLU A 487 -20.24 22.62 31.88
CA GLU A 487 -21.23 21.98 31.02
C GLU A 487 -21.07 20.47 31.00
N LEU A 488 -19.82 19.98 30.96
CA LEU A 488 -19.61 18.54 30.94
C LEU A 488 -20.07 17.90 32.26
N LEU A 489 -19.81 18.57 33.39
CA LEU A 489 -20.31 18.06 34.66
C LEU A 489 -21.83 17.99 34.66
N ARG A 490 -22.49 19.04 34.14
CA ARG A 490 -23.95 19.02 34.10
C ARG A 490 -24.46 17.89 33.22
N ILE A 491 -23.79 17.63 32.10
CA ILE A 491 -24.21 16.55 31.21
C ILE A 491 -24.09 15.21 31.92
N LEU A 492 -22.99 15.00 32.64
CA LEU A 492 -22.83 13.73 33.35
C LEU A 492 -23.81 13.60 34.51
N GLY A 493 -24.23 14.71 35.10
CA GLY A 493 -25.04 14.66 36.30
C GLY A 493 -26.41 14.04 36.14
N SER A 494 -27.29 14.72 35.41
CA SER A 494 -28.67 14.27 35.24
C SER A 494 -28.77 13.29 34.07
N ALA A 495 -29.87 12.54 34.06
CA ALA A 495 -30.16 11.59 33.00
C ALA A 495 -31.04 12.17 31.90
N ASP A 496 -31.45 13.43 32.01
CA ASP A 496 -32.33 14.06 31.02
C ASP A 496 -31.58 14.87 29.99
N ARG A 497 -30.45 15.46 30.33
CA ARG A 497 -29.65 16.18 29.33
C ARG A 497 -29.12 15.23 28.27
N LEU A 498 -28.82 13.99 28.65
CA LEU A 498 -28.26 13.02 27.71
C LEU A 498 -29.22 12.76 26.57
N MET A 499 -30.52 12.61 26.88
CA MET A 499 -31.49 12.37 25.83
C MET A 499 -31.64 13.59 24.91
N GLU A 500 -31.51 14.80 25.47
CA GLU A 500 -31.51 15.99 24.61
C GLU A 500 -30.33 15.97 23.64
N VAL A 501 -29.15 15.59 24.12
CA VAL A 501 -27.99 15.51 23.24
C VAL A 501 -28.23 14.48 22.14
N ILE A 502 -28.77 13.32 22.51
CA ILE A 502 -29.01 12.26 21.53
C ILE A 502 -30.03 12.74 20.49
N ARG A 503 -31.09 13.40 20.93
CA ARG A 503 -32.10 13.90 20.00
C ARG A 503 -31.53 14.92 19.04
N GLU A 504 -30.68 15.83 19.54
CA GLU A 504 -30.07 16.81 18.65
C GLU A 504 -29.21 16.12 17.59
N GLU A 505 -28.41 15.12 18.00
CA GLU A 505 -27.57 14.42 17.04
C GLU A 505 -28.40 13.71 15.99
N LEU A 506 -29.47 13.02 16.40
CA LEU A 506 -30.29 12.30 15.44
C LEU A 506 -30.98 13.25 14.47
N GLU A 507 -31.48 14.39 14.97
CA GLU A 507 -32.13 15.35 14.07
C GLU A 507 -31.13 15.90 13.07
N LEU A 508 -29.90 16.19 13.51
CA LEU A 508 -28.90 16.67 12.57
C LEU A 508 -28.59 15.63 11.50
N VAL A 509 -28.49 14.37 11.89
CA VAL A 509 -28.23 13.32 10.90
C VAL A 509 -29.37 13.22 9.89
N ARG A 510 -30.61 13.29 10.38
CA ARG A 510 -31.76 13.24 9.48
C ARG A 510 -31.72 14.40 8.48
N GLU A 511 -31.40 15.60 8.96
CA GLU A 511 -31.34 16.74 8.06
C GLU A 511 -30.23 16.58 7.03
N GLN A 512 -29.10 15.99 7.44
CA GLN A 512 -27.96 15.89 6.53
C GLN A 512 -28.18 14.83 5.44
N PHE A 513 -28.68 13.65 5.82
CA PHE A 513 -28.70 12.49 4.92
C PHE A 513 -30.10 12.02 4.53
N GLY A 514 -31.13 12.82 4.77
CA GLY A 514 -32.47 12.38 4.43
C GLY A 514 -32.69 12.31 2.93
N ASP A 515 -33.67 11.51 2.53
CA ASP A 515 -34.01 11.34 1.11
C ASP A 515 -35.44 10.84 1.00
N LYS A 516 -35.87 10.58 -0.24
CA LYS A 516 -37.25 10.26 -0.55
C LYS A 516 -37.47 8.75 -0.66
N ARG A 517 -38.74 8.37 -0.61
CA ARG A 517 -39.14 6.97 -0.71
C ARG A 517 -39.19 6.53 -2.17
N ARG A 518 -38.91 5.24 -2.39
CA ARG A 518 -38.89 4.65 -3.73
C ARG A 518 -39.98 3.61 -3.92
N THR A 519 -40.01 2.56 -3.09
CA THR A 519 -40.97 1.48 -3.28
C THR A 519 -42.36 1.93 -2.84
N GLU A 520 -43.36 1.45 -3.57
CA GLU A 520 -44.76 1.74 -3.30
C GLU A 520 -45.45 0.49 -2.76
N ILE A 521 -46.25 0.69 -1.71
CA ILE A 521 -46.98 -0.38 -1.05
C ILE A 521 -48.46 -0.23 -1.40
N THR A 522 -49.09 -1.35 -1.73
CA THR A 522 -50.52 -1.37 -2.06
C THR A 522 -51.12 -2.70 -1.61
N ALA A 523 -52.43 -2.69 -1.46
CA ALA A 523 -53.17 -3.91 -1.12
C ALA A 523 -53.22 -4.83 -2.34
N ASN A 524 -53.77 -6.02 -2.14
CA ASN A 524 -53.84 -7.03 -3.20
C ASN A 524 -54.65 -6.55 -4.39
N GLY B 406 -2.77 -36.78 -12.47
CA GLY B 406 -3.78 -36.44 -11.48
C GLY B 406 -3.20 -36.00 -10.15
N LYS B 407 -2.06 -35.31 -10.21
CA LYS B 407 -1.37 -34.77 -9.03
C LYS B 407 -0.90 -35.86 -8.08
N LEU B 408 -0.80 -37.11 -8.54
CA LEU B 408 -0.36 -38.22 -7.71
C LEU B 408 1.10 -38.52 -8.03
N ALA B 409 1.94 -38.53 -7.00
CA ALA B 409 3.37 -38.83 -7.11
C ALA B 409 3.60 -40.18 -6.45
N ASP B 410 3.73 -41.22 -7.27
CA ASP B 410 3.82 -42.58 -6.76
C ASP B 410 5.21 -42.87 -6.21
N CYS B 411 5.29 -43.91 -5.37
CA CYS B 411 6.53 -44.32 -4.75
C CYS B 411 7.14 -45.50 -5.51
N GLN B 412 8.23 -46.05 -4.98
CA GLN B 412 8.95 -47.16 -5.60
C GLN B 412 8.61 -48.51 -5.00
N GLU B 413 8.32 -48.56 -3.71
CA GLU B 413 8.03 -49.83 -3.03
C GLU B 413 6.77 -50.45 -3.61
N ARG B 414 6.90 -51.65 -4.19
CA ARG B 414 5.77 -52.34 -4.80
C ARG B 414 4.99 -53.20 -3.82
N ASP B 415 5.54 -53.49 -2.64
CA ASP B 415 4.84 -54.32 -1.68
C ASP B 415 3.80 -53.48 -0.94
N PRO B 416 2.50 -53.85 -0.96
CA PRO B 416 1.50 -53.01 -0.27
C PRO B 416 1.37 -53.37 1.21
N ALA B 417 2.49 -53.45 1.91
CA ALA B 417 2.49 -53.63 3.36
C ALA B 417 3.54 -52.79 4.05
N LEU B 418 4.27 -51.93 3.33
CA LEU B 418 5.25 -51.03 3.93
C LEU B 418 5.19 -49.64 3.31
N SER B 419 4.10 -49.31 2.61
CA SER B 419 3.94 -48.02 1.94
C SER B 419 3.07 -47.11 2.79
N GLU B 420 3.02 -45.84 2.38
CA GLU B 420 2.21 -44.84 3.07
C GLU B 420 1.69 -43.85 2.04
N LEU B 421 0.56 -43.22 2.37
CA LEU B 421 -0.08 -42.24 1.50
C LEU B 421 -0.52 -41.05 2.35
N TYR B 422 -0.37 -39.85 1.79
CA TYR B 422 -0.72 -38.61 2.46
C TYR B 422 -1.75 -37.86 1.62
N LEU B 423 -2.76 -37.30 2.29
CA LEU B 423 -3.83 -36.54 1.66
C LEU B 423 -3.67 -35.09 2.11
N VAL B 424 -2.82 -34.35 1.43
CA VAL B 424 -2.45 -33.01 1.88
C VAL B 424 -3.52 -32.02 1.43
N GLU B 425 -3.70 -30.96 2.22
CA GLU B 425 -4.62 -29.89 1.90
C GLU B 425 -3.87 -28.74 1.24
N GLY B 426 -4.38 -28.26 0.11
CA GLY B 426 -3.78 -27.16 -0.61
C GLY B 426 -2.67 -27.60 -1.54
N ASP B 427 -2.26 -26.67 -2.40
CA ASP B 427 -1.22 -26.93 -3.39
C ASP B 427 0.17 -26.59 -2.88
N SER B 428 0.29 -25.54 -2.08
CA SER B 428 1.60 -25.18 -1.51
C SER B 428 2.11 -26.28 -0.60
N ALA B 429 1.27 -26.78 0.30
CA ALA B 429 1.67 -27.87 1.19
C ALA B 429 1.98 -29.12 0.40
N GLY B 430 1.22 -29.39 -0.66
CA GLY B 430 1.52 -30.54 -1.49
C GLY B 430 2.87 -30.43 -2.17
N GLY B 431 3.19 -29.25 -2.69
CA GLY B 431 4.50 -29.06 -3.30
C GLY B 431 5.63 -29.23 -2.30
N SER B 432 5.48 -28.66 -1.10
CA SER B 432 6.51 -28.82 -0.08
C SER B 432 6.68 -30.28 0.31
N ALA B 433 5.57 -31.00 0.49
CA ALA B 433 5.64 -32.41 0.87
C ALA B 433 6.30 -33.24 -0.21
N LYS B 434 5.97 -32.97 -1.48
CA LYS B 434 6.67 -33.64 -2.57
C LYS B 434 8.16 -33.32 -2.53
N GLN B 435 8.51 -32.09 -2.17
CA GLN B 435 9.91 -31.70 -2.11
C GLN B 435 10.65 -32.49 -1.03
N GLY B 436 10.07 -32.62 0.15
CA GLY B 436 10.76 -33.13 1.31
C GLY B 436 10.50 -34.58 1.68
N ARG B 437 9.86 -35.36 0.82
CA ARG B 437 9.49 -36.72 1.19
C ARG B 437 10.67 -37.68 1.08
N ASN B 438 10.54 -38.82 1.76
CA ASN B 438 11.44 -39.96 1.57
C ASN B 438 10.90 -40.74 0.38
N ARG B 439 11.56 -40.58 -0.77
CA ARG B 439 10.96 -40.99 -2.04
C ARG B 439 10.71 -42.49 -2.15
N LYS B 440 11.34 -43.31 -1.30
CA LYS B 440 11.28 -44.75 -1.50
C LYS B 440 9.86 -45.29 -1.30
N ASN B 441 9.22 -44.95 -0.19
CA ASN B 441 7.93 -45.54 0.19
C ASN B 441 6.98 -44.49 0.77
N GLN B 442 6.86 -43.34 0.11
CA GLN B 442 5.91 -42.31 0.50
C GLN B 442 5.33 -41.66 -0.74
N ALA B 443 4.01 -41.47 -0.73
CA ALA B 443 3.28 -40.90 -1.85
C ALA B 443 2.43 -39.72 -1.38
N ILE B 444 2.12 -38.82 -2.30
CA ILE B 444 1.47 -37.55 -2.01
C ILE B 444 0.27 -37.40 -2.94
N LEU B 445 -0.75 -36.70 -2.47
CA LEU B 445 -1.98 -36.48 -3.25
C LEU B 445 -2.60 -35.17 -2.80
N PRO B 446 -2.14 -34.03 -3.34
CA PRO B 446 -2.71 -32.74 -2.91
C PRO B 446 -4.18 -32.61 -3.26
N LEU B 447 -4.92 -31.96 -2.36
CA LEU B 447 -6.34 -31.72 -2.52
C LEU B 447 -6.57 -30.25 -2.81
N LYS B 448 -7.36 -29.96 -3.84
CA LYS B 448 -7.59 -28.58 -4.28
C LYS B 448 -8.33 -27.77 -3.22
N GLY B 449 -9.36 -28.34 -2.62
CA GLY B 449 -10.16 -27.63 -1.65
C GLY B 449 -11.12 -28.59 -0.96
N LYS B 450 -12.25 -28.04 -0.53
CA LYS B 450 -13.27 -28.86 0.10
C LYS B 450 -13.89 -29.80 -0.92
N ILE B 451 -14.21 -31.02 -0.46
CA ILE B 451 -14.65 -32.10 -1.34
C ILE B 451 -16.13 -32.38 -1.09
N LEU B 452 -16.68 -33.26 -1.92
CA LEU B 452 -18.09 -33.60 -1.89
C LEU B 452 -18.46 -34.29 -0.58
N ASN B 453 -19.70 -34.08 -0.14
CA ASN B 453 -20.27 -34.75 1.03
C ASN B 453 -21.14 -35.90 0.53
N VAL B 454 -20.69 -37.14 0.80
CA VAL B 454 -21.39 -38.30 0.26
C VAL B 454 -22.63 -38.66 1.07
N GLU B 455 -22.78 -38.12 2.28
CA GLU B 455 -23.99 -38.39 3.06
C GLU B 455 -25.22 -37.79 2.39
N LYS B 456 -25.10 -36.56 1.86
CA LYS B 456 -26.20 -35.88 1.22
C LYS B 456 -26.27 -36.13 -0.28
N ALA B 457 -25.13 -36.38 -0.92
CA ALA B 457 -25.09 -36.55 -2.37
C ALA B 457 -25.60 -37.93 -2.77
N ARG B 458 -26.24 -37.97 -3.94
CA ARG B 458 -26.70 -39.24 -4.49
C ARG B 458 -25.52 -40.06 -4.99
N PHE B 459 -25.77 -41.36 -5.19
CA PHE B 459 -24.70 -42.25 -5.62
C PHE B 459 -24.20 -41.91 -7.02
N ASP B 460 -25.11 -41.56 -7.92
CA ASP B 460 -24.72 -41.26 -9.30
C ASP B 460 -23.79 -40.06 -9.35
N LYS B 461 -24.08 -39.03 -8.56
CA LYS B 461 -23.26 -37.81 -8.57
C LYS B 461 -21.86 -38.06 -8.03
N MET B 462 -21.68 -39.07 -7.17
CA MET B 462 -20.36 -39.33 -6.60
C MET B 462 -19.37 -39.74 -7.69
N LEU B 463 -19.80 -40.57 -8.63
CA LEU B 463 -18.90 -41.04 -9.68
C LEU B 463 -18.52 -39.94 -10.66
N SER B 464 -19.38 -38.93 -10.84
CA SER B 464 -19.08 -37.87 -11.80
C SER B 464 -18.02 -36.90 -11.29
N SER B 465 -17.90 -36.75 -9.97
CA SER B 465 -16.95 -35.80 -9.41
C SER B 465 -15.52 -36.23 -9.68
N GLN B 466 -14.60 -35.26 -9.67
CA GLN B 466 -13.21 -35.54 -10.02
C GLN B 466 -12.39 -35.93 -8.79
N GLU B 467 -12.60 -35.25 -7.66
CA GLU B 467 -11.78 -35.49 -6.48
C GLU B 467 -11.97 -36.90 -5.94
N VAL B 468 -13.22 -37.30 -5.71
CA VAL B 468 -13.47 -38.62 -5.16
C VAL B 468 -13.11 -39.70 -6.17
N ALA B 469 -13.31 -39.44 -7.47
CA ALA B 469 -12.92 -40.42 -8.47
C ALA B 469 -11.41 -40.64 -8.47
N THR B 470 -10.64 -39.56 -8.39
CA THR B 470 -9.19 -39.70 -8.33
C THR B 470 -8.75 -40.41 -7.06
N LEU B 471 -9.42 -40.12 -5.93
CA LEU B 471 -9.09 -40.81 -4.69
C LEU B 471 -9.38 -42.30 -4.80
N ILE B 472 -10.52 -42.67 -5.39
CA ILE B 472 -10.86 -44.08 -5.54
C ILE B 472 -9.85 -44.78 -6.45
N THR B 473 -9.45 -44.13 -7.54
CA THR B 473 -8.45 -44.72 -8.42
C THR B 473 -7.12 -44.89 -7.70
N ALA B 474 -6.73 -43.90 -6.89
CA ALA B 474 -5.46 -44.00 -6.18
C ALA B 474 -5.46 -45.14 -5.17
N LEU B 475 -6.57 -45.31 -4.43
CA LEU B 475 -6.63 -46.40 -3.46
C LEU B 475 -6.57 -47.76 -4.14
N GLY B 476 -7.24 -47.90 -5.28
CA GLY B 476 -7.19 -49.11 -6.08
C GLY B 476 -8.36 -50.05 -5.89
N CYS B 477 -9.09 -49.94 -4.79
CA CYS B 477 -10.25 -50.79 -4.57
C CYS B 477 -11.44 -50.29 -5.38
N GLY B 478 -12.43 -51.16 -5.54
CA GLY B 478 -13.67 -50.79 -6.17
C GLY B 478 -14.57 -50.01 -5.24
N ILE B 479 -15.73 -49.63 -5.77
CA ILE B 479 -16.70 -48.82 -5.02
C ILE B 479 -18.09 -49.39 -5.26
N GLY B 480 -18.90 -49.38 -4.21
CA GLY B 480 -20.25 -49.89 -4.29
C GLY B 480 -20.34 -51.38 -4.02
N ARG B 481 -21.54 -51.83 -3.69
CA ARG B 481 -21.77 -53.25 -3.42
C ARG B 481 -21.53 -54.07 -4.68
N ASP B 482 -21.12 -55.32 -4.49
CA ASP B 482 -20.86 -56.31 -5.51
C ASP B 482 -19.60 -56.02 -6.33
N GLU B 483 -18.83 -55.00 -5.98
CA GLU B 483 -17.53 -54.74 -6.61
C GLU B 483 -16.42 -54.41 -5.61
N TYR B 484 -16.76 -53.96 -4.40
CA TYR B 484 -15.75 -53.60 -3.42
C TYR B 484 -15.00 -54.84 -2.95
N ASN B 485 -13.68 -54.70 -2.81
CA ASN B 485 -12.81 -55.82 -2.48
C ASN B 485 -11.65 -55.33 -1.62
N PRO B 486 -11.81 -55.28 -0.29
CA PRO B 486 -10.75 -54.70 0.55
C PRO B 486 -9.46 -55.50 0.55
N ASP B 487 -9.48 -56.76 0.12
CA ASP B 487 -8.24 -57.54 0.12
C ASP B 487 -7.21 -56.97 -0.85
N LYS B 488 -7.65 -56.58 -2.05
CA LYS B 488 -6.76 -56.02 -3.06
C LYS B 488 -6.58 -54.53 -2.81
N LEU B 489 -5.88 -54.23 -1.72
CA LEU B 489 -5.67 -52.87 -1.26
C LEU B 489 -4.23 -52.44 -1.47
N ARG B 490 -4.05 -51.14 -1.70
CA ARG B 490 -2.74 -50.50 -1.85
C ARG B 490 -2.62 -49.45 -0.74
N TYR B 491 -1.38 -49.16 -0.34
CA TYR B 491 -1.11 -48.14 0.67
C TYR B 491 -1.81 -48.48 1.99
N HIS B 492 -1.29 -49.51 2.65
CA HIS B 492 -1.90 -50.02 3.88
C HIS B 492 -2.06 -48.97 4.97
N SER B 493 -1.24 -47.91 4.96
CA SER B 493 -1.35 -46.82 5.93
C SER B 493 -1.72 -45.54 5.22
N ILE B 494 -2.74 -44.84 5.73
CA ILE B 494 -3.25 -43.61 5.14
C ILE B 494 -3.23 -42.54 6.22
N ILE B 495 -2.67 -41.37 5.89
CA ILE B 495 -2.51 -40.27 6.82
C ILE B 495 -3.20 -39.04 6.25
N ILE B 496 -3.95 -38.33 7.09
CA ILE B 496 -4.77 -37.21 6.63
C ILE B 496 -3.92 -35.96 6.53
N MET B 497 -3.45 -35.44 7.67
CA MET B 497 -2.56 -34.27 7.71
C MET B 497 -3.20 -33.05 7.04
N THR B 498 -4.25 -32.55 7.68
CA THR B 498 -4.88 -31.30 7.30
C THR B 498 -4.31 -30.15 8.12
N ASP B 499 -4.70 -28.94 7.73
CA ASP B 499 -4.19 -27.74 8.39
C ASP B 499 -4.69 -27.68 9.84
N ALA B 500 -4.14 -26.72 10.59
CA ALA B 500 -4.36 -26.61 12.04
C ALA B 500 -5.33 -25.50 12.41
N ASP B 501 -6.38 -25.29 11.61
CA ASP B 501 -7.43 -24.32 11.89
C ASP B 501 -8.78 -25.00 11.67
N VAL B 502 -9.86 -24.22 11.78
CA VAL B 502 -11.20 -24.80 11.78
C VAL B 502 -11.53 -25.44 10.43
N ASP B 503 -11.07 -24.82 9.34
CA ASP B 503 -11.36 -25.36 8.01
C ASP B 503 -10.72 -26.73 7.82
N GLY B 504 -9.50 -26.90 8.34
CA GLY B 504 -8.88 -28.21 8.31
C GLY B 504 -9.70 -29.25 9.05
N SER B 505 -10.28 -28.88 10.20
CA SER B 505 -11.11 -29.81 10.94
C SER B 505 -12.35 -30.17 10.15
N HIS B 506 -12.96 -29.20 9.45
CA HIS B 506 -14.12 -29.51 8.62
C HIS B 506 -13.78 -30.50 7.52
N ILE B 507 -12.65 -30.27 6.83
CA ILE B 507 -12.26 -31.19 5.75
C ILE B 507 -11.94 -32.56 6.32
N ARG B 508 -11.35 -32.61 7.51
CA ARG B 508 -11.10 -33.88 8.17
C ARG B 508 -12.40 -34.63 8.44
N THR B 509 -13.42 -33.92 8.90
CA THR B 509 -14.71 -34.56 9.14
C THR B 509 -15.31 -35.10 7.84
N LEU B 510 -15.20 -34.35 6.75
CA LEU B 510 -15.71 -34.83 5.47
C LEU B 510 -14.99 -36.10 5.03
N LEU B 511 -13.66 -36.12 5.15
CA LEU B 511 -12.91 -37.31 4.74
C LEU B 511 -13.26 -38.52 5.62
N LEU B 512 -13.42 -38.31 6.92
CA LEU B 512 -13.83 -39.39 7.79
C LEU B 512 -15.20 -39.92 7.41
N THR B 513 -16.13 -39.03 7.05
CA THR B 513 -17.45 -39.47 6.61
C THR B 513 -17.34 -40.34 5.37
N PHE B 514 -16.53 -39.92 4.40
CA PHE B 514 -16.37 -40.72 3.19
C PHE B 514 -15.81 -42.10 3.52
N PHE B 515 -14.74 -42.16 4.32
CA PHE B 515 -14.12 -43.44 4.61
C PHE B 515 -15.06 -44.36 5.38
N TYR B 516 -15.80 -43.82 6.34
CA TYR B 516 -16.65 -44.68 7.15
C TYR B 516 -17.86 -45.17 6.36
N ARG B 517 -18.46 -44.31 5.52
CA ARG B 517 -19.67 -44.72 4.82
C ARG B 517 -19.35 -45.65 3.66
N GLN B 518 -18.27 -45.41 2.92
CA GLN B 518 -18.00 -46.17 1.70
C GLN B 518 -17.11 -47.39 1.93
N MET B 519 -16.17 -47.32 2.86
CA MET B 519 -15.19 -48.39 3.08
C MET B 519 -15.07 -48.69 4.57
N PRO B 520 -16.07 -49.35 5.16
CA PRO B 520 -16.02 -49.59 6.60
C PRO B 520 -14.87 -50.47 7.05
N GLU B 521 -14.49 -51.47 6.26
CA GLU B 521 -13.47 -52.42 6.71
C GLU B 521 -12.10 -51.77 6.84
N ILE B 522 -11.80 -50.79 5.99
CA ILE B 522 -10.52 -50.09 6.08
C ILE B 522 -10.41 -49.37 7.42
N VAL B 523 -11.50 -48.72 7.84
CA VAL B 523 -11.48 -48.02 9.12
C VAL B 523 -11.44 -49.02 10.26
N GLU B 524 -12.21 -50.11 10.17
CA GLU B 524 -12.29 -51.04 11.29
C GLU B 524 -10.96 -51.76 11.52
N ARG B 525 -10.27 -52.14 10.45
CA ARG B 525 -8.99 -52.82 10.60
C ARG B 525 -7.88 -51.90 11.08
N GLY B 526 -8.10 -50.58 11.05
CA GLY B 526 -7.11 -49.64 11.56
C GLY B 526 -6.05 -49.29 10.55
N HIS B 527 -6.47 -48.83 9.36
CA HIS B 527 -5.57 -48.37 8.32
C HIS B 527 -5.60 -46.86 8.13
N VAL B 528 -6.36 -46.12 8.95
CA VAL B 528 -6.53 -44.69 8.81
C VAL B 528 -5.91 -44.01 10.02
N TYR B 529 -4.93 -43.14 9.77
CA TYR B 529 -4.25 -42.39 10.82
C TYR B 529 -4.50 -40.90 10.61
N ILE B 530 -4.25 -40.13 11.67
CA ILE B 530 -4.35 -38.68 11.63
C ILE B 530 -3.03 -38.10 12.12
N ALA B 531 -2.46 -37.19 11.34
CA ALA B 531 -1.22 -36.51 11.70
C ALA B 531 -1.53 -35.31 12.59
N GLN B 532 -0.48 -34.72 13.16
CA GLN B 532 -0.62 -33.64 14.13
C GLN B 532 0.61 -32.73 14.05
N PRO B 533 0.62 -31.78 13.10
CA PRO B 533 1.76 -30.88 13.00
C PRO B 533 1.77 -29.87 14.13
N PRO B 534 2.89 -29.18 14.35
CA PRO B 534 2.95 -28.19 15.44
C PRO B 534 2.32 -26.87 15.02
N LEU B 535 2.18 -25.99 16.02
CA LEU B 535 1.58 -24.67 15.82
C LEU B 535 2.57 -23.55 16.08
N TYR B 536 3.19 -23.50 17.26
CA TYR B 536 4.12 -22.44 17.64
C TYR B 536 5.55 -22.93 17.52
N LYS B 537 6.45 -22.00 17.17
CA LYS B 537 7.89 -22.23 17.21
C LYS B 537 8.51 -21.21 18.15
N VAL B 538 9.30 -21.69 19.10
CA VAL B 538 9.93 -20.84 20.12
C VAL B 538 11.44 -20.98 19.98
N LYS B 539 12.14 -19.85 20.04
CA LYS B 539 13.59 -19.78 19.94
C LYS B 539 14.14 -18.92 21.07
N LYS B 540 15.25 -19.38 21.66
CA LYS B 540 15.97 -18.66 22.70
C LYS B 540 17.47 -18.67 22.41
N GLY B 541 17.87 -18.36 21.18
CA GLY B 541 19.28 -18.35 20.81
C GLY B 541 19.79 -19.72 20.45
N LYS B 542 19.99 -20.58 21.45
CA LYS B 542 20.43 -21.95 21.26
C LYS B 542 19.28 -22.94 21.34
N GLN B 543 18.50 -22.90 22.42
CA GLN B 543 17.41 -23.84 22.62
C GLN B 543 16.20 -23.35 21.84
N GLU B 544 15.79 -24.14 20.83
CA GLU B 544 14.59 -23.88 20.07
C GLU B 544 13.75 -25.15 20.01
N GLN B 545 12.44 -24.98 19.92
CA GLN B 545 11.56 -26.13 19.87
C GLN B 545 10.21 -25.73 19.29
N TYR B 546 9.36 -26.74 19.11
CA TYR B 546 8.00 -26.58 18.59
C TYR B 546 7.02 -26.93 19.69
N ILE B 547 5.96 -26.13 19.80
CA ILE B 547 4.95 -26.29 20.83
C ILE B 547 3.59 -26.39 20.15
N LYS B 548 2.81 -27.40 20.53
CA LYS B 548 1.51 -27.67 19.94
C LYS B 548 0.41 -27.20 20.88
N ASP B 549 -0.60 -26.53 20.31
CA ASP B 549 -1.79 -26.11 21.04
C ASP B 549 -1.47 -25.00 22.04
N ASP B 550 -2.50 -24.30 22.50
CA ASP B 550 -2.30 -23.17 23.39
C ASP B 550 -1.96 -23.58 24.81
N GLU B 551 -2.52 -24.70 25.28
CA GLU B 551 -2.29 -25.12 26.66
C GLU B 551 -0.82 -25.43 26.90
N ALA B 552 -0.17 -26.10 25.95
CA ALA B 552 1.25 -26.39 26.09
C ALA B 552 2.07 -25.11 26.12
N MET B 553 1.69 -24.12 25.31
CA MET B 553 2.40 -22.85 25.32
C MET B 553 2.25 -22.15 26.67
N ASP B 554 1.04 -22.18 27.24
CA ASP B 554 0.84 -21.55 28.54
C ASP B 554 1.64 -22.27 29.63
N GLN B 555 1.66 -23.60 29.59
CA GLN B 555 2.44 -24.36 30.57
C GLN B 555 3.93 -24.06 30.42
N TYR B 556 4.41 -23.97 29.19
CA TYR B 556 5.81 -23.61 28.95
C TYR B 556 6.12 -22.23 29.48
N GLN B 557 5.21 -21.28 29.27
CA GLN B 557 5.42 -19.92 29.79
C GLN B 557 5.48 -19.93 31.31
N ILE B 558 4.59 -20.68 31.96
CA ILE B 558 4.58 -20.74 33.42
C ILE B 558 5.87 -21.34 33.93
N SER B 559 6.32 -22.44 33.31
CA SER B 559 7.56 -23.07 33.74
C SER B 559 8.75 -22.14 33.53
N ILE B 560 8.79 -21.44 32.40
CA ILE B 560 9.90 -20.53 32.12
C ILE B 560 9.89 -19.35 33.08
N ALA B 561 8.71 -18.95 33.56
CA ALA B 561 8.64 -17.84 34.49
C ALA B 561 9.39 -18.14 35.78
N LEU B 562 9.45 -19.41 36.18
CA LEU B 562 10.13 -19.86 37.38
C LEU B 562 11.34 -20.71 37.04
N ASP B 563 12.05 -20.35 35.97
CA ASP B 563 13.23 -21.09 35.52
C ASP B 563 14.43 -20.59 36.31
N GLY B 564 14.59 -21.13 37.52
CA GLY B 564 15.64 -20.70 38.42
C GLY B 564 15.33 -19.35 39.03
N ALA B 565 16.12 -18.99 40.04
CA ALA B 565 15.94 -17.73 40.76
C ALA B 565 14.53 -17.75 41.37
N THR B 566 13.88 -16.58 41.44
CA THR B 566 12.53 -16.46 41.99
C THR B 566 12.51 -16.90 43.46
N LEU B 567 13.45 -16.35 44.23
CA LEU B 567 13.52 -16.55 45.67
C LEU B 567 12.79 -15.37 46.32
N HIS B 568 11.57 -15.62 46.77
CA HIS B 568 10.69 -14.56 47.24
C HIS B 568 11.08 -14.19 48.66
N THR B 569 11.64 -12.97 48.83
CA THR B 569 11.98 -12.44 50.14
C THR B 569 10.83 -11.58 50.63
N ASN B 570 10.07 -12.10 51.60
CA ASN B 570 8.85 -11.40 52.04
C ASN B 570 9.17 -10.29 53.03
N ALA B 571 9.69 -10.64 54.20
CA ALA B 571 9.87 -9.68 55.30
C ALA B 571 11.34 -9.44 55.63
N SER B 572 12.06 -10.46 56.10
CA SER B 572 13.48 -10.36 56.40
C SER B 572 14.32 -11.32 55.57
N ALA B 573 14.07 -12.62 55.66
CA ALA B 573 14.74 -13.59 54.81
C ALA B 573 14.03 -14.94 54.79
N PRO B 574 12.82 -15.05 54.24
CA PRO B 574 12.25 -16.36 53.91
C PRO B 574 12.54 -16.73 52.46
N ALA B 575 12.25 -17.99 52.14
CA ALA B 575 12.51 -18.50 50.79
C ALA B 575 11.64 -19.73 50.56
N LEU B 576 10.69 -19.62 49.65
CA LEU B 576 9.89 -20.79 49.26
C LEU B 576 10.79 -21.85 48.63
N ALA B 577 11.75 -21.44 47.81
CA ALA B 577 12.76 -22.32 47.24
C ALA B 577 12.14 -23.42 46.38
N GLY B 578 11.49 -22.99 45.30
CA GLY B 578 11.07 -23.93 44.27
C GLY B 578 9.65 -24.45 44.40
N GLU B 579 9.52 -25.64 44.99
CA GLU B 579 8.28 -26.41 44.89
C GLU B 579 7.10 -25.66 45.50
N ALA B 580 7.31 -25.01 46.65
CA ALA B 580 6.21 -24.27 47.28
C ALA B 580 5.73 -23.14 46.37
N LEU B 581 6.67 -22.38 45.81
CA LEU B 581 6.31 -21.30 44.90
C LEU B 581 5.61 -21.85 43.66
N GLU B 582 6.11 -22.97 43.14
CA GLU B 582 5.50 -23.58 41.95
C GLU B 582 4.06 -24.00 42.24
N LYS B 583 3.82 -24.62 43.39
CA LYS B 583 2.46 -25.04 43.75
C LYS B 583 1.56 -23.82 43.92
N LEU B 584 2.05 -22.77 44.59
CA LEU B 584 1.24 -21.57 44.77
C LEU B 584 0.87 -20.95 43.43
N VAL B 585 1.84 -20.84 42.52
CA VAL B 585 1.59 -20.23 41.22
C VAL B 585 0.61 -21.07 40.41
N SER B 586 0.78 -22.40 40.42
CA SER B 586 -0.10 -23.27 39.66
C SER B 586 -1.53 -23.20 40.20
N GLU B 587 -1.69 -23.23 41.52
CA GLU B 587 -3.02 -23.12 42.10
C GLU B 587 -3.65 -21.77 41.81
N TYR B 588 -2.85 -20.70 41.82
CA TYR B 588 -3.39 -19.40 41.48
C TYR B 588 -3.85 -19.35 40.03
N ASN B 589 -3.07 -19.95 39.12
CA ASN B 589 -3.50 -20.01 37.73
C ASN B 589 -4.78 -20.80 37.57
N ALA B 590 -4.90 -21.91 38.30
CA ALA B 590 -6.14 -22.69 38.26
C ALA B 590 -7.33 -21.86 38.73
N THR B 591 -7.15 -21.12 39.83
CA THR B 591 -8.23 -20.26 40.31
C THR B 591 -8.56 -19.15 39.33
N GLN B 592 -7.54 -18.61 38.65
CA GLN B 592 -7.80 -17.60 37.63
C GLN B 592 -8.63 -18.18 36.49
N LYS B 593 -8.32 -19.40 36.07
CA LYS B 593 -9.12 -20.04 35.02
C LYS B 593 -10.54 -20.29 35.51
N MET B 594 -10.69 -20.71 36.76
CA MET B 594 -12.02 -20.93 37.34
C MET B 594 -12.82 -19.63 37.33
N ILE B 595 -12.16 -18.51 37.64
CA ILE B 595 -12.83 -17.21 37.60
C ILE B 595 -13.22 -16.87 36.16
N ASN B 596 -12.32 -17.13 35.22
CA ASN B 596 -12.57 -16.75 33.83
C ASN B 596 -13.73 -17.51 33.23
N ARG B 597 -13.85 -18.81 33.52
CA ARG B 597 -14.94 -19.58 32.93
C ARG B 597 -16.31 -19.09 33.39
N MET B 598 -16.40 -18.57 34.62
CA MET B 598 -17.63 -18.05 35.19
C MET B 598 -17.69 -16.52 35.14
N GLU B 599 -16.89 -15.89 34.28
CA GLU B 599 -16.81 -14.45 34.24
C GLU B 599 -18.10 -13.78 33.80
N ARG B 600 -18.96 -14.49 33.06
CA ARG B 600 -20.12 -13.86 32.45
C ARG B 600 -21.11 -13.34 33.50
N ARG B 601 -21.35 -14.13 34.55
CA ARG B 601 -22.46 -13.85 35.45
C ARG B 601 -22.12 -12.88 36.57
N TYR B 602 -20.85 -12.50 36.74
CA TYR B 602 -20.44 -11.55 37.76
C TYR B 602 -19.36 -10.64 37.18
N PRO B 603 -19.19 -9.43 37.73
CA PRO B 603 -18.06 -8.59 37.30
C PRO B 603 -16.73 -9.19 37.72
N LYS B 604 -15.70 -8.84 36.97
CA LYS B 604 -14.36 -9.32 37.28
C LYS B 604 -13.86 -8.73 38.60
N ALA B 605 -14.15 -7.46 38.87
CA ALA B 605 -13.60 -6.79 40.05
C ALA B 605 -14.11 -7.43 41.34
N MET B 606 -15.40 -7.76 41.39
CA MET B 606 -15.97 -8.35 42.60
C MET B 606 -15.32 -9.69 42.90
N LEU B 607 -15.17 -10.54 41.88
CA LEU B 607 -14.53 -11.84 42.08
C LEU B 607 -13.07 -11.67 42.47
N LYS B 608 -12.37 -10.71 41.85
CA LYS B 608 -10.97 -10.48 42.17
C LYS B 608 -10.78 -9.93 43.57
N GLU B 609 -11.78 -9.24 44.12
CA GLU B 609 -11.68 -8.66 45.46
C GLU B 609 -12.17 -9.59 46.55
N LEU B 610 -13.09 -10.51 46.23
CA LEU B 610 -13.62 -11.40 47.26
C LEU B 610 -12.53 -12.30 47.85
N ILE B 611 -11.53 -12.67 47.04
CA ILE B 611 -10.46 -13.52 47.54
C ILE B 611 -9.67 -12.79 48.63
N TYR B 612 -9.47 -11.48 48.47
CA TYR B 612 -8.76 -10.72 49.49
C TYR B 612 -9.56 -10.67 50.79
N GLN B 613 -10.88 -10.60 50.70
CA GLN B 613 -11.70 -10.54 51.90
C GLN B 613 -11.68 -11.88 52.63
N PRO B 614 -11.98 -11.89 53.95
CA PRO B 614 -12.06 -13.18 54.65
C PRO B 614 -13.34 -13.94 54.30
N THR B 615 -13.57 -15.07 54.95
CA THR B 615 -14.79 -15.83 54.73
C THR B 615 -16.00 -14.99 55.16
N LEU B 616 -17.18 -15.41 54.68
CA LEU B 616 -18.40 -14.65 54.95
C LEU B 616 -18.72 -14.62 56.45
N THR B 617 -18.40 -15.69 57.17
CA THR B 617 -18.73 -15.81 58.59
C THR B 617 -20.23 -15.69 58.81
N GLU B 618 -20.97 -16.66 58.25
CA GLU B 618 -22.42 -16.68 58.40
C GLU B 618 -22.86 -17.04 59.82
N ALA B 619 -21.95 -17.57 60.65
CA ALA B 619 -22.33 -17.99 61.99
C ALA B 619 -22.82 -16.82 62.84
N ASP B 620 -22.10 -15.70 62.80
CA ASP B 620 -22.45 -14.51 63.58
C ASP B 620 -23.40 -13.57 62.84
N LEU B 621 -23.94 -13.99 61.70
CA LEU B 621 -24.82 -13.13 60.93
C LEU B 621 -26.09 -12.80 61.71
N SER B 622 -26.52 -11.55 61.60
CA SER B 622 -27.75 -11.10 62.25
C SER B 622 -28.34 -9.97 61.42
N ASP B 623 -29.63 -9.71 61.65
CA ASP B 623 -30.34 -8.72 60.85
C ASP B 623 -29.76 -7.32 61.05
N GLU B 624 -29.15 -7.06 62.21
CA GLU B 624 -28.62 -5.74 62.53
C GLU B 624 -27.20 -5.89 63.08
N GLN B 625 -26.35 -4.95 62.67
CA GLN B 625 -25.00 -4.77 63.23
C GLN B 625 -24.01 -5.87 62.84
N THR B 626 -24.42 -6.84 62.04
CA THR B 626 -23.54 -7.89 61.54
C THR B 626 -23.64 -8.08 60.04
N VAL B 627 -24.84 -7.98 59.47
CA VAL B 627 -24.98 -8.10 58.02
C VAL B 627 -24.34 -6.91 57.32
N THR B 628 -24.42 -5.72 57.94
CA THR B 628 -24.00 -4.51 57.26
C THR B 628 -22.48 -4.38 57.18
N ARG B 629 -21.76 -4.90 58.18
CA ARG B 629 -20.32 -4.65 58.25
C ARG B 629 -19.59 -5.29 57.07
N TRP B 630 -19.95 -6.53 56.73
CA TRP B 630 -19.28 -7.24 55.64
C TRP B 630 -19.49 -6.53 54.30
N VAL B 631 -20.75 -6.23 53.98
CA VAL B 631 -21.06 -5.59 52.71
C VAL B 631 -20.45 -4.20 52.64
N ASN B 632 -20.47 -3.46 53.76
CA ASN B 632 -19.89 -2.13 53.77
C ASN B 632 -18.38 -2.19 53.56
N ALA B 633 -17.71 -3.17 54.20
CA ALA B 633 -16.27 -3.31 54.01
C ALA B 633 -15.93 -3.63 52.56
N LEU B 634 -16.69 -4.56 51.96
CA LEU B 634 -16.43 -4.88 50.55
C LEU B 634 -16.67 -3.68 49.65
N VAL B 635 -17.75 -2.94 49.89
CA VAL B 635 -18.05 -1.78 49.04
C VAL B 635 -16.99 -0.71 49.20
N SER B 636 -16.53 -0.47 50.43
CA SER B 636 -15.48 0.52 50.65
C SER B 636 -14.17 0.10 49.99
N GLU B 637 -13.85 -1.19 50.06
CA GLU B 637 -12.62 -1.67 49.42
C GLU B 637 -12.72 -1.60 47.90
N LEU B 638 -13.92 -1.68 47.35
CA LEU B 638 -14.07 -1.62 45.89
C LEU B 638 -14.13 -0.18 45.38
N ASN B 639 -14.81 0.72 46.08
CA ASN B 639 -14.99 2.08 45.59
C ASN B 639 -13.66 2.82 45.51
N ASP B 640 -12.79 2.64 46.51
CA ASP B 640 -11.50 3.31 46.53
C ASP B 640 -10.47 2.66 45.62
N LYS B 641 -10.87 1.68 44.80
CA LYS B 641 -10.00 1.08 43.78
C LYS B 641 -10.78 1.08 42.47
N GLU B 642 -10.69 2.18 41.72
CA GLU B 642 -11.37 2.32 40.45
C GLU B 642 -10.54 3.17 39.51
N GLN B 643 -10.78 3.00 38.21
CA GLN B 643 -10.16 3.82 37.19
C GLN B 643 -11.09 4.19 36.04
N HIS B 644 -12.37 3.83 36.09
CA HIS B 644 -13.31 4.00 34.99
C HIS B 644 -14.57 4.75 35.42
N GLY B 645 -14.50 5.53 36.48
CA GLY B 645 -15.67 6.27 36.95
C GLY B 645 -16.83 5.39 37.33
N SER B 646 -16.56 4.24 37.95
CA SER B 646 -17.60 3.32 38.36
C SER B 646 -18.17 3.73 39.71
N GLN B 647 -19.11 2.94 40.22
CA GLN B 647 -19.65 3.19 41.56
C GLN B 647 -20.30 1.92 42.08
N TRP B 648 -20.03 1.61 43.35
CA TRP B 648 -20.60 0.48 44.05
C TRP B 648 -21.48 1.01 45.18
N LYS B 649 -22.70 0.47 45.30
CA LYS B 649 -23.58 0.76 46.42
C LYS B 649 -24.20 -0.56 46.87
N PHE B 650 -24.94 -0.51 47.99
CA PHE B 650 -25.43 -1.74 48.59
C PHE B 650 -26.71 -1.50 49.38
N ASP B 651 -27.43 -2.60 49.58
CA ASP B 651 -28.58 -2.66 50.46
C ASP B 651 -28.74 -4.12 50.88
N VAL B 652 -29.44 -4.34 51.99
CA VAL B 652 -29.65 -5.67 52.55
C VAL B 652 -31.11 -5.85 52.92
N HIS B 653 -31.52 -7.11 53.03
CA HIS B 653 -32.88 -7.44 53.42
C HIS B 653 -32.89 -8.77 54.16
N THR B 654 -34.06 -9.13 54.68
CA THR B 654 -34.24 -10.34 55.46
C THR B 654 -35.51 -11.05 55.00
N ASN B 655 -35.48 -12.39 55.06
CA ASN B 655 -36.59 -13.24 54.63
C ASN B 655 -36.89 -14.33 55.66
N ALA B 656 -36.66 -14.03 56.95
CA ALA B 656 -36.94 -14.90 58.09
C ALA B 656 -36.05 -16.12 58.17
N GLU B 657 -35.10 -16.30 57.25
CA GLU B 657 -34.17 -17.43 57.26
C GLU B 657 -32.72 -16.97 57.37
N GLN B 658 -32.29 -16.07 56.49
CA GLN B 658 -30.96 -15.49 56.55
C GLN B 658 -31.05 -14.06 56.05
N ASN B 659 -30.05 -13.26 56.39
CA ASN B 659 -29.98 -11.85 56.02
C ASN B 659 -29.17 -11.73 54.74
N LEU B 660 -29.85 -11.41 53.65
CA LEU B 660 -29.27 -11.45 52.31
C LEU B 660 -28.84 -10.04 51.87
N PHE B 661 -27.82 -10.01 51.02
CA PHE B 661 -27.29 -8.77 50.46
C PHE B 661 -27.80 -8.58 49.04
N GLU B 662 -28.01 -7.33 48.65
CA GLU B 662 -28.35 -6.97 47.28
C GLU B 662 -27.44 -5.84 46.82
N PRO B 663 -26.15 -6.12 46.64
CA PRO B 663 -25.23 -5.08 46.13
C PRO B 663 -25.58 -4.68 44.71
N ILE B 664 -25.26 -3.44 44.37
CA ILE B 664 -25.48 -2.89 43.04
C ILE B 664 -24.23 -2.13 42.60
N VAL B 665 -24.01 -2.08 41.29
CA VAL B 665 -22.86 -1.40 40.72
C VAL B 665 -23.29 -0.76 39.41
N ARG B 666 -22.71 0.40 39.12
CA ARG B 666 -23.02 1.14 37.89
C ARG B 666 -21.74 1.71 37.29
N VAL B 667 -21.63 1.63 35.97
CA VAL B 667 -20.49 2.17 35.25
C VAL B 667 -20.86 2.42 33.80
N ARG B 668 -20.49 3.59 33.28
CA ARG B 668 -20.66 3.98 31.87
C ARG B 668 -22.05 3.68 31.34
N THR B 669 -23.07 3.94 32.16
CA THR B 669 -24.45 3.73 31.74
C THR B 669 -25.37 4.35 32.78
N HIS B 670 -26.47 4.92 32.30
CA HIS B 670 -27.49 5.46 33.18
C HIS B 670 -28.51 4.41 33.63
N GLY B 671 -28.45 3.19 33.09
CA GLY B 671 -29.24 2.11 33.63
C GLY B 671 -28.62 1.55 34.91
N VAL B 672 -29.38 0.67 35.56
CA VAL B 672 -28.93 0.05 36.80
C VAL B 672 -29.39 -1.40 36.79
N ASP B 673 -28.49 -2.30 37.17
CA ASP B 673 -28.82 -3.72 37.22
C ASP B 673 -29.84 -4.02 38.30
N THR B 674 -29.83 -3.28 39.40
CA THR B 674 -30.79 -3.29 40.49
C THR B 674 -30.60 -4.48 41.44
N ASP B 675 -29.74 -5.43 41.12
CA ASP B 675 -29.52 -6.54 42.03
C ASP B 675 -28.30 -7.34 41.58
N TYR B 676 -27.45 -7.66 42.55
CA TYR B 676 -26.45 -8.72 42.42
C TYR B 676 -26.54 -9.56 43.68
N PRO B 677 -27.64 -10.30 43.85
CA PRO B 677 -27.97 -10.85 45.18
C PRO B 677 -26.92 -11.84 45.68
N LEU B 678 -26.69 -11.78 46.99
CA LEU B 678 -25.81 -12.70 47.69
C LEU B 678 -26.56 -13.29 48.87
N ASP B 679 -26.63 -14.62 48.91
CA ASP B 679 -27.48 -15.33 49.85
C ASP B 679 -26.82 -16.67 50.18
N HIS B 680 -27.61 -17.59 50.75
CA HIS B 680 -27.06 -18.89 51.14
C HIS B 680 -26.52 -19.67 49.94
N GLU B 681 -27.04 -19.41 48.74
CA GLU B 681 -26.63 -20.20 47.58
C GLU B 681 -25.15 -20.01 47.28
N PHE B 682 -24.65 -18.78 47.32
CA PHE B 682 -23.26 -18.55 46.94
C PHE B 682 -22.30 -19.06 48.00
N ILE B 683 -22.59 -18.80 49.28
CA ILE B 683 -21.71 -19.28 50.35
C ILE B 683 -21.73 -20.80 50.40
N THR B 684 -22.86 -21.42 50.10
CA THR B 684 -22.93 -22.88 50.07
C THR B 684 -22.09 -23.48 48.95
N GLY B 685 -21.82 -22.72 47.90
CA GLY B 685 -21.01 -23.24 46.81
C GLY B 685 -19.56 -23.43 47.22
N GLY B 686 -18.91 -24.41 46.58
CA GLY B 686 -17.52 -24.69 46.87
C GLY B 686 -16.55 -23.71 46.25
N GLU B 687 -16.99 -22.93 45.27
CA GLU B 687 -16.12 -21.95 44.63
C GLU B 687 -15.65 -20.92 45.67
N TYR B 688 -16.58 -20.40 46.46
CA TYR B 688 -16.20 -19.45 47.50
C TYR B 688 -15.33 -20.11 48.57
N ARG B 689 -15.56 -21.40 48.84
CA ARG B 689 -14.72 -22.12 49.81
C ARG B 689 -13.28 -22.19 49.34
N ARG B 690 -13.05 -22.60 48.10
CA ARG B 690 -11.68 -22.66 47.59
C ARG B 690 -11.07 -21.27 47.45
N ILE B 691 -11.88 -20.27 47.09
CA ILE B 691 -11.38 -18.91 47.00
C ILE B 691 -10.90 -18.43 48.36
N CYS B 692 -11.68 -18.67 49.41
CA CYS B 692 -11.27 -18.27 50.75
C CYS B 692 -10.07 -19.08 51.22
N THR B 693 -9.98 -20.35 50.81
CA THR B 693 -8.82 -21.15 51.16
C THR B 693 -7.56 -20.56 50.55
N LEU B 694 -7.62 -20.16 49.28
CA LEU B 694 -6.47 -19.51 48.66
C LEU B 694 -6.19 -18.16 49.31
N GLY B 695 -7.23 -17.39 49.61
CA GLY B 695 -7.06 -16.10 50.24
C GLY B 695 -6.46 -16.16 51.62
N GLU B 696 -6.68 -17.25 52.34
CA GLU B 696 -6.03 -17.41 53.64
C GLU B 696 -4.52 -17.41 53.49
N LYS B 697 -4.01 -18.07 52.43
CA LYS B 697 -2.60 -17.99 52.13
C LYS B 697 -2.24 -16.64 51.52
N LEU B 698 -3.11 -16.11 50.66
CA LEU B 698 -2.89 -14.83 49.99
C LEU B 698 -3.44 -13.72 50.87
N ARG B 699 -2.63 -13.26 51.81
CA ARG B 699 -2.95 -12.13 52.68
C ARG B 699 -1.81 -11.11 52.56
N GLY B 700 -1.88 -10.05 53.35
CA GLY B 700 -0.88 -9.01 53.32
C GLY B 700 0.43 -9.43 53.96
N LEU B 701 1.05 -10.48 53.43
CA LEU B 701 2.31 -10.96 53.98
C LEU B 701 3.46 -10.01 53.70
N LEU B 702 3.33 -9.15 52.69
CA LEU B 702 4.39 -8.20 52.38
C LEU B 702 4.48 -7.15 53.48
N GLU B 703 5.68 -6.94 54.01
CA GLU B 703 5.92 -5.94 55.02
C GLU B 703 6.29 -4.62 54.35
N GLU B 704 6.81 -3.66 55.12
CA GLU B 704 7.31 -2.43 54.53
C GLU B 704 8.45 -2.72 53.56
N ASP B 705 9.25 -3.75 53.84
CA ASP B 705 10.30 -4.21 52.96
C ASP B 705 9.94 -5.58 52.41
N ALA B 706 9.96 -5.71 51.09
CA ALA B 706 9.72 -6.98 50.42
C ALA B 706 10.29 -6.89 49.02
N PHE B 707 10.85 -7.99 48.55
CA PHE B 707 11.47 -8.02 47.23
C PHE B 707 11.62 -9.48 46.79
N ILE B 708 11.84 -9.66 45.50
CA ILE B 708 12.07 -10.96 44.89
C ILE B 708 13.47 -10.97 44.33
N GLU B 709 14.29 -11.93 44.78
CA GLU B 709 15.70 -12.00 44.39
C GLU B 709 15.83 -12.71 43.04
N ARG B 710 15.33 -12.03 42.01
CA ARG B 710 15.51 -12.50 40.65
C ARG B 710 17.01 -12.50 40.31
N GLY B 711 17.38 -13.31 39.32
CA GLY B 711 18.75 -13.43 38.90
C GLY B 711 19.39 -12.10 38.57
N GLU B 712 20.33 -11.67 39.41
CA GLU B 712 20.97 -10.35 39.40
C GLU B 712 19.96 -9.22 39.17
N ARG B 713 18.76 -9.36 39.73
CA ARG B 713 17.71 -8.35 39.59
C ARG B 713 16.83 -8.39 40.83
N ARG B 714 16.39 -7.21 41.26
CA ARG B 714 15.53 -7.07 42.43
C ARG B 714 14.48 -6.00 42.14
N GLN B 715 13.22 -6.31 42.44
CA GLN B 715 12.09 -5.42 42.16
C GLN B 715 11.26 -5.29 43.45
N PRO B 716 11.69 -4.44 44.40
CA PRO B 716 10.90 -4.28 45.62
C PRO B 716 9.61 -3.50 45.38
N VAL B 717 8.49 -4.20 45.39
CA VAL B 717 7.17 -3.59 45.18
C VAL B 717 6.13 -4.40 45.95
N ALA B 718 4.94 -3.83 46.06
CA ALA B 718 3.77 -4.49 46.63
C ALA B 718 2.83 -4.83 45.47
N SER B 719 1.64 -5.34 45.82
CA SER B 719 0.64 -5.76 44.83
C SER B 719 1.22 -6.83 43.91
N PHE B 720 1.38 -8.02 44.51
CA PHE B 720 2.13 -9.14 43.92
C PHE B 720 1.76 -9.46 42.48
N GLU B 721 0.58 -9.05 42.01
CA GLU B 721 0.24 -9.21 40.60
C GLU B 721 1.22 -8.46 39.70
N GLN B 722 1.60 -7.23 40.09
CA GLN B 722 2.60 -6.52 39.31
C GLN B 722 3.96 -7.20 39.39
N ALA B 723 4.26 -7.86 40.51
CA ALA B 723 5.48 -8.64 40.58
C ALA B 723 5.45 -9.81 39.60
N LEU B 724 4.29 -10.46 39.48
CA LEU B 724 4.14 -11.51 38.49
C LEU B 724 4.31 -10.96 37.07
N ASP B 725 3.75 -9.78 36.82
CA ASP B 725 3.95 -9.14 35.52
C ASP B 725 5.43 -8.87 35.25
N TRP B 726 6.14 -8.38 36.26
CA TRP B 726 7.56 -8.10 36.09
C TRP B 726 8.34 -9.38 35.83
N LEU B 727 7.99 -10.47 36.53
CA LEU B 727 8.64 -11.74 36.28
C LEU B 727 8.38 -12.23 34.86
N VAL B 728 7.14 -12.06 34.38
CA VAL B 728 6.81 -12.45 33.01
C VAL B 728 7.63 -11.63 32.02
N LYS B 729 7.75 -10.32 32.26
CA LYS B 729 8.52 -9.47 31.37
C LYS B 729 9.99 -9.88 31.37
N GLU B 730 10.54 -10.20 32.53
CA GLU B 730 11.93 -10.66 32.60
C GLU B 730 12.11 -11.97 31.86
N SER B 731 11.13 -12.87 31.96
CA SER B 731 11.22 -14.14 31.25
C SER B 731 11.24 -13.93 29.74
N ARG B 732 10.44 -13.00 29.24
CA ARG B 732 10.31 -12.75 27.81
C ARG B 732 11.38 -11.80 27.26
N ARG B 733 12.43 -11.50 28.05
CA ARG B 733 13.43 -10.54 27.61
C ARG B 733 14.19 -11.06 26.40
N GLY B 734 14.49 -12.35 26.37
CA GLY B 734 15.26 -12.96 25.29
C GLY B 734 14.56 -14.13 24.64
N LEU B 735 13.24 -14.02 24.46
CA LEU B 735 12.43 -15.08 23.87
C LEU B 735 11.83 -14.60 22.55
N SER B 736 11.86 -15.47 21.55
CA SER B 736 11.27 -15.19 20.25
C SER B 736 10.24 -16.27 19.92
N ILE B 737 9.09 -15.85 19.40
CA ILE B 737 7.97 -16.74 19.10
C ILE B 737 7.48 -16.47 17.68
N GLN B 738 7.21 -17.54 16.93
CA GLN B 738 6.56 -17.46 15.64
C GLN B 738 5.36 -18.38 15.64
N ARG B 739 4.29 -17.96 14.98
CA ARG B 739 3.05 -18.71 14.87
C ARG B 739 2.78 -18.96 13.40
N TYR B 740 2.86 -20.22 12.98
CA TYR B 740 2.61 -20.57 11.60
C TYR B 740 1.16 -20.31 11.23
N LYS B 741 0.96 -19.71 10.07
CA LYS B 741 -0.39 -19.46 9.55
C LYS B 741 -1.02 -20.69 8.93
N GLY B 742 -0.22 -21.59 8.37
CA GLY B 742 -0.72 -22.82 7.79
C GLY B 742 0.47 -23.72 7.47
N LEU B 743 0.17 -24.84 6.81
CA LEU B 743 1.21 -25.78 6.43
C LEU B 743 2.19 -25.18 5.42
N GLY B 744 1.77 -24.19 4.65
CA GLY B 744 2.64 -23.64 3.63
C GLY B 744 3.88 -22.96 4.18
N GLU B 745 3.75 -22.33 5.36
CA GLU B 745 4.88 -21.60 5.93
C GLU B 745 6.07 -22.50 6.19
N MET B 746 5.83 -23.78 6.48
CA MET B 746 6.91 -24.69 6.80
C MET B 746 7.68 -25.08 5.55
N ASN B 747 9.00 -24.97 5.60
CA ASN B 747 9.85 -25.39 4.51
C ASN B 747 9.95 -26.91 4.47
N PRO B 748 10.45 -27.49 3.37
CA PRO B 748 10.46 -28.96 3.27
C PRO B 748 11.23 -29.66 4.37
N GLU B 749 12.34 -29.09 4.86
CA GLU B 749 13.10 -29.76 5.91
C GLU B 749 12.30 -29.84 7.21
N GLN B 750 11.61 -28.76 7.57
CA GLN B 750 10.78 -28.78 8.77
C GLN B 750 9.66 -29.80 8.64
N LEU B 751 9.00 -29.84 7.48
CA LEU B 751 7.93 -30.81 7.27
C LEU B 751 8.45 -32.24 7.37
N TRP B 752 9.63 -32.50 6.81
CA TRP B 752 10.21 -33.83 6.90
C TRP B 752 10.49 -34.20 8.35
N GLU B 753 11.09 -33.29 9.11
CA GLU B 753 11.57 -33.63 10.44
C GLU B 753 10.51 -33.54 11.53
N THR B 754 9.32 -32.98 11.24
CA THR B 754 8.30 -32.79 12.26
C THR B 754 7.12 -33.75 12.15
N THR B 755 6.74 -34.19 10.94
CA THR B 755 5.59 -35.07 10.75
C THR B 755 5.88 -36.29 9.88
N MET B 756 6.72 -36.16 8.86
CA MET B 756 6.93 -37.23 7.89
C MET B 756 8.09 -38.15 8.26
N ASP B 757 8.85 -37.84 9.30
CA ASP B 757 9.96 -38.71 9.70
C ASP B 757 9.41 -39.91 10.47
N PRO B 758 9.69 -41.16 10.08
CA PRO B 758 9.15 -42.29 10.85
C PRO B 758 9.64 -42.35 12.30
N GLU B 759 10.79 -41.78 12.62
CA GLU B 759 11.41 -41.92 13.94
C GLU B 759 11.28 -40.67 14.80
N SER B 760 10.58 -39.63 14.34
CA SER B 760 10.33 -38.45 15.15
C SER B 760 8.92 -37.88 15.00
N ARG B 761 8.01 -38.58 14.32
CA ARG B 761 6.64 -38.10 14.15
C ARG B 761 5.75 -38.58 15.30
N ARG B 762 4.57 -37.96 15.38
CA ARG B 762 3.52 -38.38 16.30
C ARG B 762 2.19 -38.35 15.57
N MET B 763 1.38 -39.38 15.78
CA MET B 763 0.12 -39.54 15.05
C MET B 763 -0.92 -40.14 15.98
N LEU B 764 -2.13 -40.29 15.44
CA LEU B 764 -3.23 -40.95 16.15
C LEU B 764 -3.86 -41.98 15.23
N ARG B 765 -4.32 -43.09 15.82
CA ARG B 765 -4.95 -44.18 15.10
C ARG B 765 -6.46 -44.14 15.34
N VAL B 766 -7.23 -44.21 14.26
CA VAL B 766 -8.68 -44.15 14.34
C VAL B 766 -9.23 -45.55 14.53
N THR B 767 -10.12 -45.72 15.50
CA THR B 767 -10.80 -46.98 15.76
C THR B 767 -12.24 -46.70 16.15
N VAL B 768 -13.09 -47.70 15.98
CA VAL B 768 -14.52 -47.62 16.28
C VAL B 768 -14.80 -48.39 17.55
N LYS B 769 -15.40 -47.73 18.54
CA LYS B 769 -15.74 -48.36 19.81
C LYS B 769 -17.12 -49.01 19.74
N ASP B 770 -18.13 -48.24 19.38
CA ASP B 770 -19.50 -48.73 19.22
C ASP B 770 -20.00 -48.35 17.84
N ALA B 771 -20.73 -49.27 17.21
CA ALA B 771 -21.17 -49.08 15.83
C ALA B 771 -22.49 -48.33 15.74
N ILE B 772 -23.47 -48.73 16.54
CA ILE B 772 -24.80 -48.12 16.45
C ILE B 772 -24.74 -46.66 16.87
N ALA B 773 -23.98 -46.34 17.92
CA ALA B 773 -23.87 -44.96 18.37
C ALA B 773 -23.20 -44.10 17.32
N ALA B 774 -22.13 -44.60 16.71
CA ALA B 774 -21.45 -43.84 15.66
C ALA B 774 -22.36 -43.63 14.46
N ASP B 775 -23.16 -44.65 14.11
CA ASP B 775 -24.09 -44.49 13.00
C ASP B 775 -25.13 -43.42 13.30
N GLN B 776 -25.68 -43.43 14.52
CA GLN B 776 -26.66 -42.41 14.89
C GLN B 776 -26.04 -41.02 14.88
N LEU B 777 -24.80 -40.90 15.36
CA LEU B 777 -24.14 -39.60 15.37
C LEU B 777 -23.90 -39.10 13.96
N PHE B 778 -23.46 -39.98 13.06
CA PHE B 778 -23.25 -39.58 11.67
C PHE B 778 -24.56 -39.12 11.03
N THR B 779 -25.64 -39.87 11.24
CA THR B 779 -26.92 -39.47 10.67
C THR B 779 -27.40 -38.14 11.24
N THR B 780 -27.18 -37.92 12.54
CA THR B 780 -27.65 -36.68 13.16
C THR B 780 -26.88 -35.48 12.64
N LEU B 781 -25.54 -35.57 12.63
CA LEU B 781 -24.75 -34.40 12.26
C LEU B 781 -24.69 -34.19 10.75
N MET B 782 -24.29 -35.20 9.99
CA MET B 782 -24.01 -35.03 8.57
C MET B 782 -25.22 -35.28 7.68
N GLY B 783 -26.39 -35.56 8.25
CA GLY B 783 -27.58 -35.73 7.45
C GLY B 783 -28.09 -34.40 6.93
N ASP B 784 -29.11 -34.47 6.08
CA ASP B 784 -29.71 -33.29 5.45
C ASP B 784 -31.00 -32.87 6.15
N ALA B 785 -31.07 -33.07 7.47
CA ALA B 785 -32.19 -32.62 8.29
C ALA B 785 -31.67 -31.51 9.19
N VAL B 786 -32.18 -30.30 9.00
CA VAL B 786 -31.65 -29.14 9.71
C VAL B 786 -32.02 -29.19 11.18
N GLU B 787 -33.25 -29.62 11.50
CA GLU B 787 -33.75 -29.49 12.86
C GLU B 787 -32.99 -30.35 13.87
N PRO B 788 -32.72 -31.64 13.63
CA PRO B 788 -31.91 -32.40 14.61
C PRO B 788 -30.53 -31.81 14.81
N ARG B 789 -29.89 -31.33 13.75
CA ARG B 789 -28.57 -30.73 13.88
C ARG B 789 -28.63 -29.46 14.71
N ARG B 790 -29.65 -28.64 14.48
CA ARG B 790 -29.79 -27.41 15.26
C ARG B 790 -30.03 -27.72 16.73
N ALA B 791 -30.87 -28.71 17.01
CA ALA B 791 -31.12 -29.08 18.41
C ALA B 791 -29.85 -29.61 19.06
N PHE B 792 -29.08 -30.42 18.35
CA PHE B 792 -27.84 -30.95 18.91
C PHE B 792 -26.83 -29.84 19.18
N ILE B 793 -26.70 -28.89 18.25
CA ILE B 793 -25.76 -27.79 18.46
C ILE B 793 -26.19 -26.94 19.65
N GLU B 794 -27.50 -26.65 19.76
CA GLU B 794 -27.97 -25.84 20.88
C GLU B 794 -27.77 -26.57 22.20
N GLU B 795 -27.98 -27.88 22.24
CA GLU B 795 -27.87 -28.62 23.49
C GLU B 795 -26.45 -28.55 24.05
N ASN B 796 -25.45 -28.67 23.18
CA ASN B 796 -24.05 -28.55 23.58
C ASN B 796 -23.53 -27.13 23.43
N ALA B 797 -24.39 -26.13 23.57
CA ALA B 797 -24.00 -24.73 23.50
C ALA B 797 -23.29 -24.36 24.80
N LEU B 798 -23.06 -23.06 25.01
CA LEU B 798 -22.35 -22.62 26.20
C LEU B 798 -23.10 -22.94 27.48
N LYS B 799 -24.40 -23.21 27.42
CA LYS B 799 -25.13 -23.62 28.61
C LYS B 799 -24.60 -24.94 29.14
N ALA B 800 -24.30 -25.88 28.24
CA ALA B 800 -23.70 -27.14 28.68
C ALA B 800 -22.27 -26.93 29.17
N ALA B 801 -21.57 -25.92 28.63
CA ALA B 801 -20.23 -25.60 29.09
C ALA B 801 -20.22 -24.94 30.45
N ASN B 802 -21.35 -24.36 30.89
CA ASN B 802 -21.45 -23.72 32.20
C ASN B 802 -21.68 -24.79 33.27
N ILE B 803 -20.62 -25.57 33.52
CA ILE B 803 -20.67 -26.65 34.49
C ILE B 803 -20.41 -26.06 35.87
N ASP B 804 -21.33 -26.33 36.81
CA ASP B 804 -21.27 -25.77 38.15
C ASP B 804 -20.52 -26.65 39.13
N ILE B 805 -19.58 -27.47 38.64
CA ILE B 805 -18.77 -28.30 39.53
C ILE B 805 -17.88 -27.44 40.40
N GLU B 806 -17.43 -26.28 39.89
CA GLU B 806 -16.56 -25.37 40.63
C GLU B 806 -15.23 -26.05 40.98
N ASN B 807 -14.79 -26.95 40.10
CA ASN B 807 -13.56 -27.70 40.33
C ASN B 807 -13.14 -28.42 39.06
N ILE C 8 -14.32 11.52 -40.77
CA ILE C 8 -13.49 10.41 -41.25
C ILE C 8 -12.36 10.97 -42.10
N THR C 9 -11.42 11.64 -41.45
CA THR C 9 -10.31 12.23 -42.16
C THR C 9 -9.41 11.13 -42.73
N PRO C 10 -8.94 11.24 -43.96
CA PRO C 10 -8.04 10.21 -44.50
C PRO C 10 -6.62 10.40 -43.98
N VAL C 11 -5.83 9.33 -44.11
CA VAL C 11 -4.42 9.38 -43.75
C VAL C 11 -3.69 8.29 -44.51
N ASN C 12 -2.53 8.63 -45.10
CA ASN C 12 -1.80 7.68 -45.91
C ASN C 12 -1.03 6.70 -45.02
N ILE C 13 -0.76 5.52 -45.56
CA ILE C 13 -0.16 4.45 -44.77
C ILE C 13 1.29 4.78 -44.43
N GLU C 14 2.02 5.38 -45.38
CA GLU C 14 3.46 5.57 -45.20
C GLU C 14 3.77 6.49 -44.03
N GLU C 15 3.03 7.61 -43.93
CA GLU C 15 3.29 8.57 -42.87
C GLU C 15 3.01 7.98 -41.50
N GLU C 16 1.89 7.26 -41.37
CA GLU C 16 1.55 6.63 -40.09
C GLU C 16 2.60 5.61 -39.70
N LEU C 17 3.02 4.77 -40.65
CA LEU C 17 4.02 3.75 -40.35
C LEU C 17 5.33 4.39 -39.90
N LYS C 18 5.80 5.39 -40.65
CA LYS C 18 7.06 6.02 -40.32
C LYS C 18 7.02 6.67 -38.94
N SER C 19 5.98 7.46 -38.67
CA SER C 19 5.91 8.17 -37.40
C SER C 19 5.82 7.19 -36.23
N SER C 20 4.94 6.18 -36.34
CA SER C 20 4.76 5.25 -35.24
C SER C 20 6.04 4.48 -34.96
N TYR C 21 6.68 3.94 -36.00
CA TYR C 21 7.85 3.11 -35.75
C TYR C 21 9.02 3.94 -35.24
N LEU C 22 9.21 5.16 -35.75
CA LEU C 22 10.28 6.00 -35.24
C LEU C 22 10.05 6.36 -33.77
N ASP C 23 8.79 6.65 -33.41
CA ASP C 23 8.49 6.94 -32.02
C ASP C 23 8.84 5.75 -31.11
N TYR C 24 8.41 4.55 -31.51
CA TYR C 24 8.71 3.36 -30.71
C TYR C 24 10.21 3.12 -30.61
N ALA C 25 10.93 3.26 -31.73
CA ALA C 25 12.36 3.00 -31.73
C ALA C 25 13.10 3.97 -30.82
N MET C 26 12.80 5.27 -30.92
CA MET C 26 13.47 6.23 -30.07
C MET C 26 13.18 5.99 -28.60
N SER C 27 11.91 5.72 -28.26
CA SER C 27 11.57 5.50 -26.86
C SER C 27 12.28 4.28 -26.31
N VAL C 28 12.35 3.20 -27.08
CA VAL C 28 13.03 1.99 -26.60
C VAL C 28 14.53 2.21 -26.48
N ILE C 29 15.12 2.95 -27.42
CA ILE C 29 16.57 3.15 -27.39
C ILE C 29 16.97 3.97 -26.16
N VAL C 30 16.28 5.08 -25.91
CA VAL C 30 16.71 6.00 -24.86
C VAL C 30 15.90 5.85 -23.57
N GLY C 31 15.08 4.80 -23.44
CA GLY C 31 14.24 4.63 -22.26
C GLY C 31 14.16 3.26 -21.63
N ARG C 32 14.61 2.20 -22.29
CA ARG C 32 14.53 0.86 -21.73
C ARG C 32 15.85 0.10 -21.71
N ALA C 33 16.56 0.04 -22.83
CA ALA C 33 17.60 -0.97 -23.02
C ALA C 33 19.00 -0.49 -22.68
N LEU C 34 19.49 0.56 -23.31
CA LEU C 34 20.91 0.88 -23.13
C LEU C 34 21.15 1.53 -21.76
N PRO C 35 22.30 1.29 -21.12
CA PRO C 35 22.56 1.94 -19.82
C PRO C 35 23.25 3.29 -19.99
N ASP C 36 23.47 3.94 -18.85
CA ASP C 36 24.10 5.25 -18.79
C ASP C 36 25.57 5.12 -18.42
N VAL C 37 26.43 5.85 -19.13
CA VAL C 37 27.87 5.73 -18.92
C VAL C 37 28.29 6.22 -17.55
N ARG C 38 27.58 7.19 -16.97
CA ARG C 38 28.05 7.82 -15.75
C ARG C 38 27.83 6.95 -14.52
N ASP C 39 26.77 6.14 -14.49
CA ASP C 39 26.50 5.24 -13.37
C ASP C 39 26.01 3.86 -13.78
N GLY C 40 25.90 3.56 -15.07
CA GLY C 40 25.64 2.20 -15.50
C GLY C 40 24.34 1.60 -15.03
N LEU C 41 23.26 2.37 -15.02
CA LEU C 41 21.94 1.91 -14.61
C LEU C 41 20.91 2.28 -15.66
N LYS C 42 20.05 1.33 -15.99
CA LYS C 42 18.89 1.59 -16.81
C LYS C 42 17.86 2.34 -15.97
N PRO C 43 16.83 2.92 -16.59
CA PRO C 43 15.84 3.67 -15.79
C PRO C 43 15.15 2.84 -14.72
N VAL C 44 14.87 1.57 -15.00
CA VAL C 44 14.16 0.75 -14.02
C VAL C 44 14.98 0.57 -12.75
N HIS C 45 16.29 0.34 -12.90
CA HIS C 45 17.14 0.16 -11.71
C HIS C 45 17.17 1.43 -10.88
N ARG C 46 17.32 2.58 -11.54
CA ARG C 46 17.37 3.85 -10.81
C ARG C 46 16.06 4.11 -10.07
N ARG C 47 14.93 3.87 -10.74
CA ARG C 47 13.65 4.12 -10.09
C ARG C 47 13.42 3.15 -8.93
N VAL C 48 13.82 1.89 -9.08
CA VAL C 48 13.64 0.91 -8.00
C VAL C 48 14.48 1.32 -6.78
N LEU C 49 15.73 1.70 -7.02
CA LEU C 49 16.58 2.09 -5.90
C LEU C 49 16.06 3.36 -5.21
N TYR C 50 15.60 4.34 -6.00
CA TYR C 50 15.07 5.56 -5.39
C TYR C 50 13.83 5.26 -4.56
N ALA C 51 12.92 4.43 -5.08
CA ALA C 51 11.72 4.09 -4.35
C ALA C 51 12.05 3.35 -3.06
N MET C 52 13.01 2.42 -3.11
CA MET C 52 13.40 1.72 -1.89
C MET C 52 14.07 2.66 -0.90
N ASN C 53 14.74 3.71 -1.38
CA ASN C 53 15.36 4.65 -0.47
C ASN C 53 14.33 5.56 0.21
N VAL C 54 13.31 5.98 -0.53
CA VAL C 54 12.36 6.96 0.02
C VAL C 54 11.59 6.37 1.20
N LEU C 55 11.26 5.09 1.14
CA LEU C 55 10.48 4.46 2.21
C LEU C 55 11.28 4.24 3.49
N GLY C 56 12.59 4.55 3.50
CA GLY C 56 13.38 4.31 4.68
C GLY C 56 13.76 2.86 4.87
N ASN C 57 13.97 2.13 3.78
CA ASN C 57 14.31 0.71 3.84
C ASN C 57 15.83 0.55 3.86
N ASP C 58 16.44 0.98 4.96
CA ASP C 58 17.88 0.98 5.10
C ASP C 58 18.41 -0.44 5.24
N TRP C 59 19.73 -0.57 5.32
CA TRP C 59 20.38 -1.87 5.32
C TRP C 59 20.37 -2.56 6.68
N ASN C 60 20.10 -1.84 7.77
CA ASN C 60 20.07 -2.38 9.12
C ASN C 60 18.74 -2.13 9.78
N LYS C 61 17.66 -2.39 9.05
CA LYS C 61 16.30 -2.31 9.56
C LYS C 61 15.56 -3.57 9.16
N ALA C 62 14.32 -3.71 9.64
CA ALA C 62 13.54 -4.89 9.35
C ALA C 62 13.21 -4.98 7.87
N TYR C 63 13.02 -6.21 7.41
CA TYR C 63 12.69 -6.46 6.02
C TYR C 63 11.27 -5.97 5.71
N LYS C 64 10.94 -5.95 4.42
CA LYS C 64 9.59 -5.66 3.94
C LYS C 64 9.23 -6.65 2.84
N LYS C 65 7.95 -6.91 2.69
CA LYS C 65 7.49 -7.79 1.62
C LYS C 65 7.77 -7.15 0.26
N SER C 66 8.16 -7.98 -0.70
CA SER C 66 8.47 -7.49 -2.04
C SER C 66 7.25 -6.88 -2.70
N ALA C 67 6.05 -7.38 -2.36
CA ALA C 67 4.83 -6.89 -3.00
C ALA C 67 4.61 -5.42 -2.69
N ARG C 68 4.90 -5.01 -1.45
CA ARG C 68 4.77 -3.60 -1.07
C ARG C 68 5.64 -2.71 -1.94
N VAL C 69 6.92 -3.06 -2.08
CA VAL C 69 7.85 -2.24 -2.84
C VAL C 69 7.45 -2.19 -4.31
N VAL C 70 7.09 -3.35 -4.88
CA VAL C 70 6.71 -3.38 -6.29
C VAL C 70 5.46 -2.53 -6.52
N GLY C 71 4.47 -2.63 -5.64
CA GLY C 71 3.28 -1.83 -5.79
C GLY C 71 3.57 -0.35 -5.70
N ASP C 72 4.42 0.05 -4.75
CA ASP C 72 4.75 1.46 -4.62
C ASP C 72 5.47 1.98 -5.86
N VAL C 73 6.42 1.19 -6.39
CA VAL C 73 7.16 1.60 -7.58
C VAL C 73 6.22 1.78 -8.76
N ILE C 74 5.31 0.82 -8.97
CA ILE C 74 4.41 0.91 -10.11
C ILE C 74 3.46 2.09 -9.94
N GLY C 75 2.93 2.29 -8.74
CA GLY C 75 1.96 3.35 -8.54
C GLY C 75 2.56 4.74 -8.68
N LYS C 76 3.79 4.92 -8.21
CA LYS C 76 4.36 6.26 -8.11
C LYS C 76 5.12 6.69 -9.37
N TYR C 77 6.15 5.93 -9.77
CA TYR C 77 7.14 6.40 -10.73
C TYR C 77 7.11 5.65 -12.06
N HIS C 78 7.04 4.32 -12.03
CA HIS C 78 7.25 3.50 -13.22
C HIS C 78 5.92 3.03 -13.78
N PRO C 79 5.42 3.57 -14.91
CA PRO C 79 4.10 3.15 -15.42
C PRO C 79 4.15 1.96 -16.37
N HIS C 80 4.40 0.78 -15.83
CA HIS C 80 4.48 -0.46 -16.62
C HIS C 80 3.95 -1.60 -15.75
N GLY C 81 4.12 -2.82 -16.25
CA GLY C 81 3.57 -3.99 -15.58
C GLY C 81 4.26 -4.31 -14.28
N ASP C 82 3.90 -5.47 -13.72
CA ASP C 82 4.40 -5.92 -12.43
C ASP C 82 5.44 -7.03 -12.57
N SER C 83 5.24 -7.95 -13.52
CA SER C 83 6.17 -9.06 -13.68
C SER C 83 7.55 -8.56 -14.08
N ALA C 84 7.62 -7.58 -14.97
CA ALA C 84 8.91 -7.06 -15.40
C ALA C 84 9.67 -6.44 -14.22
N VAL C 85 8.97 -5.64 -13.41
CA VAL C 85 9.62 -5.00 -12.28
C VAL C 85 10.06 -6.02 -11.25
N TYR C 86 9.24 -7.03 -10.99
CA TYR C 86 9.64 -8.03 -10.00
C TYR C 86 10.82 -8.86 -10.48
N ASP C 87 10.84 -9.21 -11.77
CA ASP C 87 12.01 -9.93 -12.29
C ASP C 87 13.25 -9.06 -12.24
N THR C 88 13.10 -7.75 -12.48
CA THR C 88 14.24 -6.84 -12.34
C THR C 88 14.75 -6.83 -10.91
N ILE C 89 13.85 -6.84 -9.94
CA ILE C 89 14.30 -6.87 -8.54
C ILE C 89 14.96 -8.20 -8.22
N VAL C 90 14.42 -9.30 -8.75
CA VAL C 90 14.96 -10.61 -8.42
C VAL C 90 16.37 -10.77 -8.97
N ARG C 91 16.62 -10.29 -10.20
CA ARG C 91 17.94 -10.50 -10.78
C ARG C 91 19.03 -9.79 -10.00
N MET C 92 18.72 -8.70 -9.32
CA MET C 92 19.72 -7.98 -8.56
C MET C 92 20.07 -8.64 -7.23
N ALA C 93 19.28 -9.62 -6.77
CA ALA C 93 19.46 -10.24 -5.46
C ALA C 93 20.10 -11.62 -5.52
N GLN C 94 20.55 -12.07 -6.69
CA GLN C 94 21.11 -13.40 -6.85
C GLN C 94 22.63 -13.34 -6.77
N PRO C 95 23.30 -14.08 -5.87
CA PRO C 95 24.77 -13.99 -5.82
C PRO C 95 25.47 -14.41 -7.09
N PHE C 96 24.90 -15.34 -7.87
CA PHE C 96 25.55 -15.87 -9.06
C PHE C 96 25.16 -15.12 -10.33
N SER C 97 24.64 -13.89 -10.21
CA SER C 97 24.31 -13.05 -11.35
C SER C 97 25.12 -11.77 -11.37
N LEU C 98 25.17 -11.04 -10.26
CA LEU C 98 25.94 -9.81 -10.14
C LEU C 98 27.21 -10.07 -9.35
N ARG C 99 28.28 -9.34 -9.68
CA ARG C 99 29.49 -9.43 -8.88
C ARG C 99 29.25 -8.89 -7.48
N TYR C 100 28.62 -7.72 -7.37
CA TYR C 100 28.31 -7.09 -6.09
C TYR C 100 26.80 -6.87 -6.03
N MET C 101 26.12 -7.63 -5.19
CA MET C 101 24.66 -7.52 -5.11
C MET C 101 24.25 -6.15 -4.58
N LEU C 102 23.13 -5.65 -5.11
CA LEU C 102 22.56 -4.38 -4.69
C LEU C 102 21.34 -4.52 -3.79
N VAL C 103 20.80 -5.73 -3.62
CA VAL C 103 19.61 -5.98 -2.82
C VAL C 103 19.87 -7.20 -1.93
N ASP C 104 19.52 -7.08 -0.65
CA ASP C 104 19.66 -8.16 0.31
C ASP C 104 18.29 -8.82 0.46
N GLY C 105 18.22 -10.11 0.15
CA GLY C 105 16.96 -10.83 0.08
C GLY C 105 16.87 -11.97 1.07
N GLN C 106 15.64 -12.32 1.43
CA GLN C 106 15.34 -13.44 2.30
C GLN C 106 14.16 -14.19 1.70
N GLY C 107 14.33 -15.49 1.46
CA GLY C 107 13.29 -16.31 0.89
C GLY C 107 13.84 -17.40 0.00
N ASN C 108 13.32 -17.49 -1.23
CA ASN C 108 13.78 -18.46 -2.22
C ASN C 108 13.90 -17.72 -3.55
N PHE C 109 15.10 -17.21 -3.83
CA PHE C 109 15.37 -16.42 -5.03
C PHE C 109 16.01 -17.26 -6.13
N GLY C 110 15.58 -18.53 -6.24
CA GLY C 110 16.08 -19.41 -7.28
C GLY C 110 17.44 -19.98 -6.93
N SER C 111 17.99 -20.72 -7.89
CA SER C 111 19.27 -21.38 -7.71
C SER C 111 19.90 -21.63 -9.07
N ILE C 112 21.20 -21.96 -9.03
CA ILE C 112 21.95 -22.17 -10.27
C ILE C 112 21.48 -23.41 -11.01
N ASP C 113 20.82 -24.35 -10.32
CA ASP C 113 20.43 -25.60 -10.95
C ASP C 113 19.39 -25.39 -12.05
N GLY C 114 18.64 -24.27 -11.99
CA GLY C 114 17.69 -23.92 -13.03
C GLY C 114 16.31 -23.55 -12.49
N ASP C 115 16.19 -23.36 -11.19
CA ASP C 115 14.90 -23.11 -10.56
C ASP C 115 14.44 -21.67 -10.83
N SER C 116 13.32 -21.32 -10.20
CA SER C 116 12.74 -19.98 -10.30
C SER C 116 12.36 -19.51 -8.91
N ALA C 117 12.32 -18.18 -8.74
CA ALA C 117 12.02 -17.60 -7.44
C ALA C 117 10.53 -17.75 -7.12
N ALA C 118 10.20 -17.53 -5.85
CA ALA C 118 8.83 -17.69 -5.38
C ALA C 118 8.02 -16.47 -5.81
N ALA C 119 6.73 -16.47 -5.46
CA ALA C 119 5.85 -15.36 -5.84
C ALA C 119 6.14 -14.14 -4.98
N MET C 120 5.48 -13.03 -5.34
CA MET C 120 5.79 -11.74 -4.72
C MET C 120 5.48 -11.73 -3.22
N ARG C 121 4.37 -12.34 -2.82
CA ARG C 121 3.92 -12.23 -1.44
C ARG C 121 4.57 -13.24 -0.50
N PTR C 122 5.79 -13.66 -0.83
CA PTR C 122 6.48 -14.65 -0.01
C PTR C 122 7.94 -14.33 0.29
O PTR C 122 8.54 -14.98 1.14
CB PTR C 122 6.40 -16.02 -0.68
CG PTR C 122 5.00 -16.55 -0.85
CD1 PTR C 122 4.53 -16.96 -2.09
CD2 PTR C 122 4.13 -16.63 0.23
CE1 PTR C 122 3.25 -17.43 -2.25
CE2 PTR C 122 2.84 -17.11 0.08
CZ PTR C 122 2.40 -17.50 -1.17
OH PTR C 122 1.19 -17.96 -1.31
P PTR C 122 0.09 -17.22 -2.22
O1P PTR C 122 -0.95 -16.68 -1.32
O2P PTR C 122 0.71 -16.07 -3.03
O3P PTR C 122 -0.57 -18.24 -3.18
HB2 PTR C 122 6.89 -16.66 -0.14
HB3 PTR C 122 6.80 -15.96 -1.56
HD1 PTR C 122 5.10 -16.90 -2.83
HD2 PTR C 122 4.42 -16.37 1.07
HE1 PTR C 122 2.95 -17.70 -3.09
HE2 PTR C 122 2.27 -17.16 0.81
N THR C 123 8.55 -13.46 -0.53
CA THR C 123 9.94 -13.06 -0.33
C THR C 123 10.03 -11.74 0.42
N GLU C 124 11.21 -11.41 0.94
CA GLU C 124 11.44 -10.16 1.64
C GLU C 124 12.77 -9.58 1.19
N ILE C 125 12.88 -8.25 1.22
CA ILE C 125 14.03 -7.56 0.64
C ILE C 125 14.36 -6.31 1.44
N ARG C 126 15.60 -5.86 1.32
CA ARG C 126 16.03 -4.55 1.79
C ARG C 126 17.27 -4.16 1.01
N LEU C 127 17.72 -2.92 1.21
CA LEU C 127 18.92 -2.45 0.51
C LEU C 127 20.17 -3.10 1.08
N ALA C 128 21.15 -3.34 0.21
CA ALA C 128 22.44 -3.84 0.62
C ALA C 128 23.32 -2.68 1.08
N LYS C 129 24.40 -3.02 1.78
CA LYS C 129 25.25 -1.99 2.34
C LYS C 129 25.92 -1.17 1.25
N ILE C 130 26.34 -1.81 0.16
CA ILE C 130 27.05 -1.10 -0.90
C ILE C 130 26.13 -0.15 -1.65
N ALA C 131 24.83 -0.47 -1.72
CA ALA C 131 23.90 0.38 -2.44
C ALA C 131 23.83 1.78 -1.88
N HIS C 132 23.99 1.94 -0.56
CA HIS C 132 23.99 3.26 0.03
C HIS C 132 25.13 4.14 -0.48
N GLU C 133 26.20 3.53 -1.02
CA GLU C 133 27.25 4.33 -1.63
C GLU C 133 26.80 4.95 -2.95
N LEU C 134 25.93 4.26 -3.70
CA LEU C 134 25.47 4.82 -4.96
C LEU C 134 24.65 6.09 -4.75
N MET C 135 23.86 6.16 -3.68
CA MET C 135 22.96 7.27 -3.42
C MET C 135 23.52 8.21 -2.35
N ALA C 136 24.84 8.41 -2.34
CA ALA C 136 25.46 9.24 -1.33
C ALA C 136 25.32 10.72 -1.66
N ASP C 137 24.99 11.52 -0.65
CA ASP C 137 24.87 12.97 -0.80
C ASP C 137 23.79 13.35 -1.80
N LEU C 138 22.67 12.61 -1.78
CA LEU C 138 21.59 12.86 -2.72
C LEU C 138 20.77 14.09 -2.34
N GLU C 139 20.72 14.46 -1.07
CA GLU C 139 19.84 15.53 -0.62
C GLU C 139 20.46 16.92 -0.71
N LYS C 140 21.74 17.03 -1.05
CA LYS C 140 22.45 18.29 -1.01
C LYS C 140 22.50 18.98 -2.38
N GLU C 141 21.50 18.75 -3.22
CA GLU C 141 21.39 19.41 -4.52
C GLU C 141 22.62 19.13 -5.40
N THR C 142 22.91 17.85 -5.57
CA THR C 142 24.06 17.41 -6.37
C THR C 142 23.69 17.02 -7.80
N VAL C 143 22.44 16.63 -8.04
CA VAL C 143 21.98 16.21 -9.37
C VAL C 143 20.59 16.78 -9.62
N ASP C 144 20.22 16.83 -10.89
CA ASP C 144 18.97 17.43 -11.32
C ASP C 144 17.83 16.42 -11.28
N PHE C 145 16.61 16.94 -11.21
CA PHE C 145 15.39 16.16 -11.10
C PHE C 145 14.52 16.41 -12.32
N VAL C 146 13.67 15.42 -12.62
CA VAL C 146 12.72 15.51 -13.73
C VAL C 146 11.36 14.99 -13.26
N ASP C 147 10.31 15.45 -13.91
CA ASP C 147 8.97 15.05 -13.54
C ASP C 147 8.68 13.63 -14.01
N ASN C 148 7.77 12.97 -13.29
CA ASN C 148 7.31 11.64 -13.66
C ASN C 148 6.26 11.78 -14.77
N TYR C 149 5.56 10.69 -15.08
CA TYR C 149 4.76 10.66 -16.31
C TYR C 149 3.59 11.66 -16.26
N ASP C 150 2.90 11.75 -15.12
CA ASP C 150 1.73 12.62 -15.00
C ASP C 150 2.02 13.93 -14.26
N GLY C 151 3.29 14.29 -14.08
CA GLY C 151 3.64 15.57 -13.51
C GLY C 151 3.20 15.76 -12.07
N THR C 152 3.45 14.76 -11.22
CA THR C 152 3.05 14.79 -9.82
C THR C 152 4.20 14.56 -8.84
N GLU C 153 5.33 14.03 -9.27
CA GLU C 153 6.47 13.73 -8.41
C GLU C 153 7.75 14.19 -9.10
N LYS C 154 8.88 13.88 -8.49
CA LYS C 154 10.21 14.16 -9.03
C LYS C 154 11.05 12.91 -8.94
N ILE C 155 11.92 12.70 -9.94
CA ILE C 155 12.80 11.54 -10.00
C ILE C 155 14.21 12.05 -10.33
N PRO C 156 15.28 11.46 -9.81
CA PRO C 156 16.62 11.95 -10.19
C PRO C 156 16.94 11.65 -11.64
N ASP C 157 17.74 12.53 -12.25
CA ASP C 157 18.21 12.30 -13.61
C ASP C 157 19.34 11.28 -13.64
N VAL C 158 20.23 11.32 -12.64
CA VAL C 158 21.35 10.40 -12.56
C VAL C 158 21.81 10.37 -11.11
N MET C 159 22.12 9.17 -10.61
CA MET C 159 22.48 9.06 -9.20
C MET C 159 23.89 9.62 -8.98
N PRO C 160 24.15 10.26 -7.83
CA PRO C 160 25.53 10.73 -7.58
C PRO C 160 26.41 9.59 -7.10
N THR C 161 26.71 8.67 -8.01
CA THR C 161 27.37 7.43 -7.64
C THR C 161 28.79 7.69 -7.17
N LYS C 162 29.26 6.81 -6.28
CA LYS C 162 30.62 6.83 -5.78
C LYS C 162 31.41 5.57 -6.13
N ILE C 163 30.77 4.57 -6.76
CA ILE C 163 31.41 3.34 -7.22
C ILE C 163 31.47 3.40 -8.74
N PRO C 164 32.53 2.90 -9.40
CA PRO C 164 32.46 2.79 -10.87
C PRO C 164 31.56 1.63 -11.29
N ASN C 165 30.26 1.87 -11.35
CA ASN C 165 29.31 0.76 -11.40
C ASN C 165 29.33 0.03 -12.73
N LEU C 166 29.54 0.75 -13.83
CA LEU C 166 29.40 0.14 -15.16
C LEU C 166 30.42 -0.98 -15.37
N LEU C 167 31.70 -0.69 -15.14
CA LEU C 167 32.71 -1.72 -15.30
C LEU C 167 32.58 -2.80 -14.24
N VAL C 168 32.19 -2.42 -13.02
CA VAL C 168 32.19 -3.37 -11.91
C VAL C 168 31.11 -4.42 -12.11
N ASN C 169 29.90 -4.00 -12.47
CA ASN C 169 28.76 -4.92 -12.62
C ASN C 169 28.44 -5.26 -14.07
N GLY C 170 28.99 -4.54 -15.04
CA GLY C 170 28.72 -4.85 -16.43
C GLY C 170 27.27 -4.55 -16.80
N SER C 171 26.86 -5.06 -17.95
CA SER C 171 25.50 -4.84 -18.42
C SER C 171 25.23 -5.76 -19.61
N SER C 172 23.94 -5.87 -19.96
CA SER C 172 23.51 -6.63 -21.11
C SER C 172 22.13 -6.15 -21.52
N GLY C 173 21.96 -5.84 -22.80
CA GLY C 173 20.69 -5.30 -23.27
C GLY C 173 20.54 -5.40 -24.77
N ILE C 174 19.29 -5.43 -25.22
CA ILE C 174 18.93 -5.56 -26.63
C ILE C 174 17.98 -4.42 -26.97
N ALA C 175 18.42 -3.51 -27.85
CA ALA C 175 17.64 -2.38 -28.29
C ALA C 175 17.23 -2.59 -29.74
N VAL C 176 16.55 -1.59 -30.32
CA VAL C 176 16.15 -1.63 -31.72
C VAL C 176 17.30 -1.08 -32.56
N GLY C 177 17.94 -1.95 -33.34
CA GLY C 177 19.04 -1.57 -34.18
C GLY C 177 20.42 -1.71 -33.57
N MET C 178 20.54 -2.05 -32.29
CA MET C 178 21.84 -2.19 -31.65
C MET C 178 21.65 -2.94 -30.33
N ALA C 179 22.75 -3.39 -29.75
CA ALA C 179 22.74 -4.18 -28.53
C ALA C 179 24.02 -3.88 -27.75
N THR C 180 24.01 -4.26 -26.46
CA THR C 180 25.11 -3.95 -25.56
C THR C 180 25.41 -5.15 -24.68
N ASN C 181 26.69 -5.36 -24.40
CA ASN C 181 27.13 -6.51 -23.59
C ASN C 181 28.51 -6.20 -23.03
N ILE C 182 28.60 -6.05 -21.71
CA ILE C 182 29.84 -5.66 -21.03
C ILE C 182 30.02 -6.58 -19.82
N PRO C 183 31.17 -7.23 -19.62
CA PRO C 183 31.30 -8.19 -18.52
C PRO C 183 31.74 -7.50 -17.23
N PRO C 184 31.69 -8.18 -16.09
CA PRO C 184 32.07 -7.54 -14.83
C PRO C 184 33.58 -7.32 -14.74
N HIS C 185 33.99 -6.75 -13.60
CA HIS C 185 35.40 -6.52 -13.30
C HIS C 185 35.55 -6.55 -11.77
N ASN C 186 36.80 -6.48 -11.32
CA ASN C 186 37.12 -6.45 -9.90
C ASN C 186 37.26 -5.02 -9.41
N LEU C 187 36.81 -4.77 -8.19
CA LEU C 187 36.71 -3.39 -7.69
C LEU C 187 38.09 -2.78 -7.43
N THR C 188 38.98 -3.55 -6.79
CA THR C 188 40.28 -3.00 -6.42
C THR C 188 41.09 -2.61 -7.65
N GLU C 189 41.06 -3.47 -8.67
CA GLU C 189 41.78 -3.16 -9.91
C GLU C 189 41.23 -1.90 -10.56
N VAL C 190 39.90 -1.74 -10.59
CA VAL C 190 39.31 -0.57 -11.23
C VAL C 190 39.68 0.69 -10.47
N ILE C 191 39.67 0.64 -9.14
CA ILE C 191 40.02 1.83 -8.35
C ILE C 191 41.48 2.17 -8.55
N ASN C 192 42.35 1.16 -8.63
CA ASN C 192 43.76 1.42 -8.91
C ASN C 192 43.93 2.08 -10.27
N GLY C 193 43.18 1.62 -11.28
CA GLY C 193 43.24 2.25 -12.59
C GLY C 193 42.78 3.70 -12.55
N CYS C 194 41.71 3.96 -11.80
CA CYS C 194 41.22 5.34 -11.69
C CYS C 194 42.25 6.25 -11.04
N LEU C 195 42.89 5.78 -9.97
CA LEU C 195 43.92 6.58 -9.32
C LEU C 195 45.11 6.81 -10.26
N ALA C 196 45.50 5.77 -11.01
CA ALA C 196 46.59 5.93 -11.96
C ALA C 196 46.26 6.96 -13.03
N TYR C 197 45.01 6.95 -13.50
CA TYR C 197 44.58 7.98 -14.46
C TYR C 197 44.63 9.37 -13.84
N ILE C 198 44.19 9.50 -12.59
CA ILE C 198 44.16 10.82 -11.96
C ILE C 198 45.58 11.35 -11.80
N ASP C 199 46.54 10.47 -11.55
CA ASP C 199 47.92 10.91 -11.43
C ASP C 199 48.43 11.51 -12.74
N ASP C 200 48.10 10.89 -13.87
CA ASP C 200 48.59 11.30 -15.18
C ASP C 200 47.49 11.10 -16.21
N GLU C 201 47.15 12.17 -16.93
CA GLU C 201 46.05 12.15 -17.89
C GLU C 201 46.47 11.66 -19.28
N ASP C 202 47.76 11.51 -19.55
CA ASP C 202 48.25 11.07 -20.85
C ASP C 202 48.54 9.57 -20.88
N ILE C 203 47.95 8.81 -19.96
CA ILE C 203 48.25 7.38 -19.87
C ILE C 203 47.58 6.66 -21.02
N SER C 204 48.31 5.73 -21.64
CA SER C 204 47.83 4.95 -22.76
C SER C 204 47.11 3.70 -22.26
N ILE C 205 46.62 2.88 -23.20
CA ILE C 205 45.96 1.64 -22.82
C ILE C 205 46.94 0.68 -22.16
N GLU C 206 48.21 0.71 -22.58
CA GLU C 206 49.19 -0.18 -21.97
C GLU C 206 49.38 0.11 -20.50
N GLY C 207 49.41 1.40 -20.12
CA GLY C 207 49.52 1.73 -18.71
C GLY C 207 48.30 1.29 -17.91
N LEU C 208 47.11 1.45 -18.51
CA LEU C 208 45.88 1.06 -17.80
C LEU C 208 45.80 -0.45 -17.61
N MET C 209 46.21 -1.23 -18.61
CA MET C 209 46.08 -2.68 -18.51
C MET C 209 47.02 -3.28 -17.48
N GLU C 210 48.03 -2.55 -17.01
CA GLU C 210 48.88 -3.07 -15.95
C GLU C 210 48.10 -3.26 -14.65
N HIS C 211 47.16 -2.35 -14.37
CA HIS C 211 46.35 -2.43 -13.16
C HIS C 211 45.04 -3.17 -13.35
N ILE C 212 44.61 -3.40 -14.59
CA ILE C 212 43.36 -4.10 -14.90
C ILE C 212 43.68 -5.24 -15.86
N PRO C 213 44.14 -6.40 -15.38
CA PRO C 213 44.49 -7.48 -16.32
C PRO C 213 43.33 -7.97 -17.18
N GLY C 214 42.12 -8.03 -16.63
CA GLY C 214 40.99 -8.55 -17.37
C GLY C 214 39.74 -8.70 -16.54
N PRO C 215 38.70 -9.31 -17.12
CA PRO C 215 37.43 -9.49 -16.40
C PRO C 215 37.60 -10.34 -15.15
N ASP C 216 36.51 -10.43 -14.39
CA ASP C 216 36.49 -11.20 -13.15
C ASP C 216 35.04 -11.62 -12.90
N PHE C 217 34.71 -12.85 -13.28
CA PHE C 217 33.34 -13.29 -13.25
C PHE C 217 32.93 -13.74 -11.84
N PRO C 218 31.62 -13.85 -11.56
CA PRO C 218 31.22 -14.32 -10.23
C PRO C 218 31.41 -15.81 -10.02
N THR C 219 31.19 -16.63 -11.05
CA THR C 219 31.27 -18.07 -10.91
C THR C 219 32.69 -18.61 -10.94
N ALA C 220 33.68 -17.79 -11.30
CA ALA C 220 35.10 -18.14 -11.14
C ALA C 220 35.51 -19.30 -12.05
N ALA C 221 35.36 -19.11 -13.35
CA ALA C 221 35.84 -20.07 -14.34
C ALA C 221 37.30 -19.74 -14.68
N ILE C 222 37.80 -20.24 -15.80
CA ILE C 222 39.11 -19.86 -16.33
C ILE C 222 38.88 -19.12 -17.63
N ILE C 223 39.67 -18.07 -17.87
CA ILE C 223 39.67 -17.34 -19.13
C ILE C 223 40.89 -17.79 -19.92
N ASN C 224 40.66 -18.22 -21.17
CA ASN C 224 41.69 -18.80 -22.01
C ASN C 224 42.02 -17.81 -23.12
N GLY C 225 43.29 -17.45 -23.23
CA GLY C 225 43.73 -16.48 -24.22
C GLY C 225 43.78 -15.07 -23.66
N ARG C 226 44.53 -14.21 -24.36
CA ARG C 226 44.73 -12.83 -23.93
C ARG C 226 44.59 -11.81 -25.06
N ARG C 227 44.62 -12.21 -26.33
CA ARG C 227 44.54 -11.25 -27.41
C ARG C 227 43.16 -10.60 -27.47
N GLY C 228 42.11 -11.38 -27.23
CA GLY C 228 40.76 -10.85 -27.32
C GLY C 228 40.49 -9.73 -26.34
N ILE C 229 41.02 -9.86 -25.12
CA ILE C 229 40.84 -8.82 -24.11
C ILE C 229 41.47 -7.51 -24.57
N GLU C 230 42.70 -7.59 -25.09
CA GLU C 230 43.37 -6.38 -25.56
C GLU C 230 42.62 -5.76 -26.73
N GLU C 231 42.14 -6.59 -27.66
CA GLU C 231 41.39 -6.05 -28.79
C GLU C 231 40.11 -5.37 -28.32
N ALA C 232 39.41 -5.99 -27.36
CA ALA C 232 38.17 -5.41 -26.84
C ALA C 232 38.43 -4.08 -26.16
N TYR C 233 39.48 -4.00 -25.35
CA TYR C 233 39.77 -2.74 -24.66
C TYR C 233 40.27 -1.67 -25.63
N ARG C 234 40.88 -2.07 -26.74
CA ARG C 234 41.43 -1.07 -27.66
C ARG C 234 40.37 -0.52 -28.61
N THR C 235 39.58 -1.39 -29.23
CA THR C 235 38.59 -0.96 -30.22
C THR C 235 37.17 -0.90 -29.68
N GLY C 236 36.87 -1.64 -28.61
CA GLY C 236 35.53 -1.68 -28.04
C GLY C 236 34.76 -2.95 -28.36
N ARG C 237 35.23 -3.80 -29.27
CA ARG C 237 34.56 -5.04 -29.63
C ARG C 237 35.59 -6.17 -29.66
N GLY C 238 35.24 -7.31 -29.07
CA GLY C 238 36.17 -8.42 -29.02
C GLY C 238 35.46 -9.70 -28.62
N LYS C 239 36.24 -10.76 -28.46
CA LYS C 239 35.73 -12.08 -28.11
C LYS C 239 36.71 -12.79 -27.21
N VAL C 240 36.18 -13.51 -26.21
CA VAL C 240 36.98 -14.26 -25.26
C VAL C 240 36.38 -15.65 -25.06
N TYR C 241 37.18 -16.55 -24.50
CA TYR C 241 36.81 -17.94 -24.30
C TYR C 241 36.85 -18.28 -22.81
N ILE C 242 35.75 -18.82 -22.30
CA ILE C 242 35.61 -19.21 -20.90
C ILE C 242 35.59 -20.73 -20.85
N ARG C 243 36.46 -21.29 -20.01
CA ARG C 243 36.64 -22.74 -19.87
C ARG C 243 36.40 -23.14 -18.42
N ALA C 244 35.80 -24.31 -18.24
CA ALA C 244 35.54 -24.84 -16.90
C ALA C 244 36.82 -25.41 -16.29
N ARG C 245 36.87 -25.40 -14.97
CA ARG C 245 37.99 -25.95 -14.22
C ARG C 245 37.71 -27.41 -13.93
N ALA C 246 38.43 -28.30 -14.61
CA ALA C 246 38.25 -29.74 -14.47
C ALA C 246 39.61 -30.38 -14.23
N GLU C 247 39.59 -31.52 -13.56
CA GLU C 247 40.82 -32.20 -13.17
C GLU C 247 40.63 -33.70 -13.33
N VAL C 248 41.75 -34.40 -13.52
CA VAL C 248 41.78 -35.86 -13.66
C VAL C 248 42.47 -36.43 -12.44
N GLU C 249 41.78 -37.31 -11.72
CA GLU C 249 42.25 -37.87 -10.47
C GLU C 249 42.16 -39.39 -10.53
N VAL C 250 43.19 -40.06 -10.05
CA VAL C 250 43.23 -41.51 -10.00
C VAL C 250 43.76 -41.93 -8.63
N ASP C 251 43.13 -42.96 -8.05
CA ASP C 251 43.44 -43.42 -6.71
C ASP C 251 44.21 -44.75 -6.71
N ALA C 252 44.93 -45.03 -7.80
CA ALA C 252 45.79 -46.22 -7.92
C ALA C 252 44.92 -47.45 -7.74
N LYS C 253 45.38 -48.48 -7.03
CA LYS C 253 44.63 -49.72 -6.84
C LYS C 253 44.28 -50.35 -8.18
N THR C 254 43.06 -50.11 -8.69
CA THR C 254 42.65 -50.68 -9.96
C THR C 254 43.14 -49.88 -11.15
N GLY C 255 43.66 -48.68 -10.95
CA GLY C 255 44.21 -47.90 -12.04
C GLY C 255 43.20 -47.19 -12.92
N ARG C 256 41.96 -47.06 -12.46
CA ARG C 256 40.88 -46.44 -13.24
C ARG C 256 40.69 -45.02 -12.74
N GLU C 257 40.83 -44.05 -13.65
CA GLU C 257 40.80 -42.64 -13.30
C GLU C 257 39.38 -42.08 -13.41
N THR C 258 39.21 -40.87 -12.89
CA THR C 258 37.94 -40.17 -12.90
C THR C 258 38.19 -38.70 -13.19
N ILE C 259 37.15 -38.04 -13.71
CA ILE C 259 37.19 -36.61 -14.03
C ILE C 259 36.29 -35.89 -13.04
N ILE C 260 36.83 -34.87 -12.39
CA ILE C 260 36.12 -34.09 -11.38
C ILE C 260 36.01 -32.66 -11.87
N VAL C 261 34.80 -32.11 -11.83
CA VAL C 261 34.53 -30.73 -12.23
C VAL C 261 34.03 -29.96 -11.01
N HIS C 262 34.66 -28.82 -10.75
CA HIS C 262 34.37 -27.98 -9.58
C HIS C 262 33.67 -26.67 -9.91
N GLU C 263 33.92 -26.10 -11.09
CA GLU C 263 33.39 -24.79 -11.46
C GLU C 263 33.00 -24.80 -12.93
N ILE C 264 32.03 -23.97 -13.28
CA ILE C 264 31.45 -23.94 -14.62
C ILE C 264 31.50 -22.51 -15.14
N PRO C 265 31.34 -22.32 -16.46
CA PRO C 265 31.38 -20.96 -17.02
C PRO C 265 30.25 -20.07 -16.54
N TYR C 266 30.25 -18.82 -17.01
CA TYR C 266 29.25 -17.83 -16.63
C TYR C 266 27.98 -18.05 -17.44
N GLN C 267 26.83 -17.96 -16.78
CA GLN C 267 25.51 -18.12 -17.41
C GLN C 267 25.38 -19.49 -18.09
N VAL C 268 25.42 -20.53 -17.27
CA VAL C 268 25.20 -21.91 -17.72
C VAL C 268 24.40 -22.64 -16.66
N ASN C 269 23.40 -23.40 -17.08
CA ASN C 269 22.60 -24.22 -16.17
C ASN C 269 23.24 -25.58 -16.00
N LYS C 270 23.26 -26.08 -14.77
CA LYS C 270 23.92 -27.36 -14.50
C LYS C 270 23.08 -28.53 -14.99
N ALA C 271 21.75 -28.48 -14.76
CA ALA C 271 20.91 -29.62 -15.10
C ALA C 271 20.88 -29.85 -16.61
N ARG C 272 20.76 -28.78 -17.39
CA ARG C 272 20.75 -28.93 -18.84
C ARG C 272 22.09 -29.47 -19.34
N LEU C 273 23.19 -29.02 -18.72
CA LEU C 273 24.50 -29.55 -19.09
C LEU C 273 24.58 -31.04 -18.83
N ILE C 274 24.12 -31.49 -17.65
CA ILE C 274 24.22 -32.90 -17.30
C ILE C 274 23.36 -33.75 -18.24
N GLU C 275 22.14 -33.28 -18.51
CA GLU C 275 21.27 -34.07 -19.38
C GLU C 275 21.78 -34.07 -20.82
N LYS C 276 22.41 -32.98 -21.26
CA LYS C 276 23.02 -32.97 -22.58
C LYS C 276 24.16 -33.97 -22.67
N ILE C 277 25.00 -34.05 -21.62
CA ILE C 277 26.07 -35.03 -21.61
C ILE C 277 25.49 -36.44 -21.63
N ALA C 278 24.41 -36.66 -20.88
CA ALA C 278 23.77 -37.98 -20.86
C ALA C 278 23.25 -38.36 -22.24
N GLU C 279 22.61 -37.43 -22.93
CA GLU C 279 22.11 -37.71 -24.26
C GLU C 279 23.26 -37.96 -25.24
N LEU C 280 24.35 -37.21 -25.11
CA LEU C 280 25.49 -37.40 -25.99
C LEU C 280 26.09 -38.79 -25.82
N VAL C 281 26.28 -39.23 -24.56
CA VAL C 281 26.84 -40.57 -24.36
C VAL C 281 25.83 -41.65 -24.74
N LYS C 282 24.53 -41.35 -24.69
CA LYS C 282 23.53 -42.34 -25.08
C LYS C 282 23.65 -42.71 -26.56
N GLU C 283 23.90 -41.72 -27.41
CA GLU C 283 23.91 -41.94 -28.86
C GLU C 283 25.29 -42.30 -29.40
N LYS C 284 26.17 -42.83 -28.55
CA LYS C 284 27.49 -43.32 -28.98
C LYS C 284 28.33 -42.23 -29.64
N ARG C 285 28.12 -40.97 -29.23
CA ARG C 285 28.87 -39.85 -29.78
C ARG C 285 30.13 -39.53 -28.99
N VAL C 286 30.16 -39.85 -27.70
CA VAL C 286 31.33 -39.69 -26.84
C VAL C 286 31.69 -41.05 -26.29
N GLU C 287 32.93 -41.48 -26.54
CA GLU C 287 33.41 -42.78 -26.11
C GLU C 287 34.14 -42.66 -24.78
N GLY C 288 34.02 -43.70 -23.96
CA GLY C 288 34.84 -43.83 -22.77
C GLY C 288 34.25 -43.27 -21.50
N ILE C 289 32.95 -43.01 -21.44
CA ILE C 289 32.27 -42.53 -20.24
C ILE C 289 31.38 -43.65 -19.73
N SER C 290 31.70 -44.16 -18.54
CA SER C 290 30.98 -45.28 -17.95
C SER C 290 29.85 -44.81 -17.03
N ALA C 291 30.14 -43.87 -16.13
CA ALA C 291 29.16 -43.40 -15.16
C ALA C 291 29.28 -41.90 -14.94
N LEU C 292 28.18 -41.30 -14.52
CA LEU C 292 28.06 -39.87 -14.30
C LEU C 292 27.27 -39.62 -13.03
N ARG C 293 27.78 -38.74 -12.16
CA ARG C 293 27.11 -38.47 -10.90
C ARG C 293 27.34 -37.03 -10.48
N ASP C 294 26.42 -36.54 -9.65
CA ASP C 294 26.41 -35.18 -9.15
C ASP C 294 26.37 -35.24 -7.63
N GLU C 295 27.47 -34.84 -6.98
CA GLU C 295 27.58 -34.80 -5.53
C GLU C 295 27.51 -33.38 -4.99
N SER C 296 26.99 -32.44 -5.77
CA SER C 296 27.00 -31.03 -5.40
C SER C 296 25.89 -30.77 -4.41
N ASP C 297 26.26 -30.42 -3.18
CA ASP C 297 25.28 -30.08 -2.15
C ASP C 297 25.99 -29.39 -1.01
N LYS C 298 25.52 -28.19 -0.63
CA LYS C 298 25.98 -27.49 0.56
C LYS C 298 27.45 -27.12 0.48
N ASP C 299 28.34 -28.11 0.54
CA ASP C 299 29.77 -27.85 0.60
C ASP C 299 30.25 -27.11 -0.64
N GLY C 300 29.79 -27.53 -1.81
CA GLY C 300 30.21 -26.91 -3.05
C GLY C 300 29.73 -27.70 -4.25
N MET C 301 30.29 -27.37 -5.39
CA MET C 301 29.95 -28.02 -6.66
C MET C 301 30.98 -29.11 -6.96
N ARG C 302 30.48 -30.31 -7.21
CA ARG C 302 31.34 -31.45 -7.57
C ARG C 302 30.55 -32.31 -8.54
N ILE C 303 31.10 -32.51 -9.74
CA ILE C 303 30.53 -33.43 -10.73
C ILE C 303 31.58 -34.49 -11.03
N VAL C 304 31.19 -35.76 -10.93
CA VAL C 304 32.09 -36.90 -11.05
C VAL C 304 31.73 -37.66 -12.32
N ILE C 305 32.76 -37.96 -13.13
CA ILE C 305 32.60 -38.74 -14.35
C ILE C 305 33.60 -39.89 -14.27
N GLU C 306 33.09 -41.11 -14.29
CA GLU C 306 33.92 -42.31 -14.25
C GLU C 306 34.04 -42.87 -15.65
N VAL C 307 35.27 -42.92 -16.16
CA VAL C 307 35.57 -43.28 -17.55
C VAL C 307 35.74 -44.78 -17.68
N LYS C 308 35.73 -45.27 -18.92
CA LYS C 308 35.94 -46.69 -19.18
C LYS C 308 37.36 -47.10 -18.80
N ARG C 309 37.54 -48.43 -18.71
CA ARG C 309 38.79 -48.95 -18.15
C ARG C 309 39.97 -48.75 -19.10
N ASP C 310 39.76 -49.00 -20.39
CA ASP C 310 40.84 -48.94 -21.38
C ASP C 310 41.00 -47.56 -22.01
N ALA C 311 40.16 -46.59 -21.66
CA ALA C 311 40.26 -45.26 -22.24
C ALA C 311 41.34 -44.44 -21.53
N VAL C 312 41.58 -43.25 -22.07
CA VAL C 312 42.56 -42.31 -21.54
C VAL C 312 41.82 -41.04 -21.13
N GLY C 313 42.11 -40.53 -19.94
CA GLY C 313 41.37 -39.40 -19.41
C GLY C 313 41.51 -38.15 -20.25
N GLU C 314 42.73 -37.86 -20.71
CA GLU C 314 42.97 -36.66 -21.49
C GLU C 314 42.20 -36.68 -22.80
N VAL C 315 42.16 -37.84 -23.47
CA VAL C 315 41.52 -37.93 -24.77
C VAL C 315 40.02 -37.68 -24.64
N VAL C 316 39.38 -38.31 -23.67
CA VAL C 316 37.94 -38.10 -23.48
C VAL C 316 37.67 -36.69 -22.99
N LEU C 317 38.54 -36.15 -22.14
CA LEU C 317 38.30 -34.81 -21.60
C LEU C 317 38.37 -33.75 -22.69
N ASN C 318 39.38 -33.83 -23.57
CA ASN C 318 39.54 -32.80 -24.60
C ASN C 318 38.38 -32.82 -25.59
N ASN C 319 37.71 -33.96 -25.74
CA ASN C 319 36.51 -33.99 -26.58
C ASN C 319 35.34 -33.26 -25.94
N LEU C 320 35.27 -33.25 -24.61
CA LEU C 320 34.15 -32.60 -23.94
C LEU C 320 34.13 -31.10 -24.20
N TYR C 321 35.30 -30.45 -24.17
CA TYR C 321 35.35 -29.01 -24.42
C TYR C 321 34.86 -28.67 -25.82
N SER C 322 35.29 -29.43 -26.82
CA SER C 322 34.86 -29.16 -28.18
C SER C 322 33.38 -29.47 -28.39
N GLN C 323 32.86 -30.51 -27.74
CA GLN C 323 31.50 -30.96 -27.96
C GLN C 323 30.51 -30.38 -26.96
N THR C 324 30.75 -30.55 -25.67
CA THR C 324 29.78 -30.12 -24.66
C THR C 324 29.89 -28.61 -24.46
N GLN C 325 29.18 -28.09 -23.46
CA GLN C 325 29.12 -26.67 -23.17
C GLN C 325 30.06 -26.27 -22.05
N LEU C 326 31.10 -27.06 -21.80
CA LEU C 326 32.10 -26.70 -20.79
C LEU C 326 33.04 -25.60 -21.25
N GLN C 327 33.04 -25.26 -22.53
CA GLN C 327 33.75 -24.10 -23.06
C GLN C 327 32.77 -23.25 -23.84
N VAL C 328 32.75 -21.94 -23.56
CA VAL C 328 31.82 -21.02 -24.20
C VAL C 328 32.57 -19.79 -24.69
N SER C 329 31.93 -19.09 -25.62
CA SER C 329 32.48 -17.90 -26.26
C SER C 329 31.66 -16.68 -25.85
N PHE C 330 32.33 -15.67 -25.32
CA PHE C 330 31.69 -14.45 -24.84
C PHE C 330 32.13 -13.28 -25.72
N GLY C 331 31.16 -12.59 -26.30
CA GLY C 331 31.44 -11.49 -27.21
C GLY C 331 31.28 -10.13 -26.56
N ILE C 332 32.39 -9.48 -26.26
CA ILE C 332 32.37 -8.17 -25.60
C ILE C 332 32.03 -7.11 -26.64
N ASN C 333 31.06 -6.26 -26.31
CA ASN C 333 30.57 -5.23 -27.23
C ASN C 333 30.01 -4.09 -26.37
N MET C 334 30.72 -2.97 -26.33
CA MET C 334 30.41 -1.88 -25.40
C MET C 334 29.62 -0.80 -26.13
N VAL C 335 28.41 -0.52 -25.62
CA VAL C 335 27.58 0.57 -26.11
C VAL C 335 26.92 1.24 -24.91
N ALA C 336 26.92 2.57 -24.89
CA ALA C 336 26.39 3.30 -23.75
C ALA C 336 25.98 4.70 -24.19
N LEU C 337 25.18 5.34 -23.36
CA LEU C 337 24.70 6.70 -23.61
C LEU C 337 25.67 7.71 -23.00
N HIS C 338 26.18 8.61 -23.83
CA HIS C 338 27.13 9.63 -23.38
C HIS C 338 26.43 10.92 -22.99
N HIS C 339 25.72 11.54 -23.92
CA HIS C 339 24.91 12.74 -23.68
C HIS C 339 23.51 12.56 -24.23
N GLY C 340 22.91 11.40 -23.93
CA GLY C 340 21.59 11.09 -24.43
C GLY C 340 21.56 10.49 -25.83
N GLN C 341 22.70 10.03 -26.35
CA GLN C 341 22.77 9.38 -27.64
C GLN C 341 23.72 8.19 -27.55
N PRO C 342 23.44 7.09 -28.24
CA PRO C 342 24.30 5.90 -28.10
C PRO C 342 25.68 6.12 -28.69
N LYS C 343 26.66 5.44 -28.13
CA LYS C 343 28.02 5.49 -28.66
C LYS C 343 28.79 4.27 -28.17
N ILE C 344 29.85 3.94 -28.89
CA ILE C 344 30.72 2.80 -28.59
C ILE C 344 31.93 3.32 -27.82
N MET C 345 32.15 2.77 -26.63
CA MET C 345 33.16 3.25 -25.71
C MET C 345 34.29 2.23 -25.58
N ASN C 346 35.45 2.74 -25.17
CA ASN C 346 36.58 1.92 -24.71
C ASN C 346 36.92 2.35 -23.29
N LEU C 347 37.98 1.78 -22.74
CA LEU C 347 38.22 1.90 -21.30
C LEU C 347 38.49 3.34 -20.88
N LYS C 348 39.33 4.06 -21.64
CA LYS C 348 39.74 5.39 -21.23
C LYS C 348 38.56 6.37 -21.22
N ASP C 349 37.65 6.22 -22.19
CA ASP C 349 36.47 7.10 -22.21
C ASP C 349 35.63 6.90 -20.97
N ILE C 350 35.44 5.65 -20.55
CA ILE C 350 34.63 5.37 -19.36
C ILE C 350 35.28 5.98 -18.13
N ILE C 351 36.60 5.80 -17.98
CA ILE C 351 37.28 6.33 -16.81
C ILE C 351 37.21 7.86 -16.77
N ALA C 352 37.43 8.50 -17.92
CA ALA C 352 37.38 9.96 -17.97
C ALA C 352 35.98 10.48 -17.64
N ALA C 353 34.94 9.81 -18.15
CA ALA C 353 33.58 10.23 -17.85
C ALA C 353 33.30 10.12 -16.35
N PHE C 354 33.73 9.03 -15.72
CA PHE C 354 33.53 8.88 -14.28
C PHE C 354 34.23 9.98 -13.50
N VAL C 355 35.46 10.30 -13.87
CA VAL C 355 36.20 11.34 -13.14
C VAL C 355 35.51 12.69 -13.28
N ARG C 356 35.04 13.03 -14.48
CA ARG C 356 34.35 14.30 -14.65
C ARG C 356 33.08 14.34 -13.82
N HIS C 357 32.34 13.23 -13.76
CA HIS C 357 31.15 13.17 -12.93
C HIS C 357 31.47 13.46 -11.47
N ARG C 358 32.54 12.85 -10.96
CA ARG C 358 32.91 13.09 -9.56
C ARG C 358 33.29 14.54 -9.31
N ARG C 359 34.01 15.16 -10.25
CA ARG C 359 34.38 16.57 -10.08
C ARG C 359 33.15 17.46 -9.98
N GLU C 360 32.18 17.24 -10.87
CA GLU C 360 30.95 18.02 -10.85
C GLU C 360 30.21 17.86 -9.52
N VAL C 361 30.07 16.61 -9.05
CA VAL C 361 29.32 16.35 -7.84
C VAL C 361 29.97 17.03 -6.63
N VAL C 362 31.30 16.93 -6.52
CA VAL C 362 31.97 17.54 -5.38
C VAL C 362 31.81 19.06 -5.41
N THR C 363 31.91 19.67 -6.60
CA THR C 363 31.77 21.12 -6.67
C THR C 363 30.39 21.57 -6.19
N ARG C 364 29.34 20.90 -6.66
CA ARG C 364 27.99 21.31 -6.27
C ARG C 364 27.76 21.11 -4.77
N ARG C 365 28.24 20.00 -4.22
CA ARG C 365 28.09 19.76 -2.78
C ARG C 365 28.79 20.84 -1.96
N THR C 366 30.00 21.23 -2.37
CA THR C 366 30.72 22.25 -1.62
C THR C 366 29.99 23.59 -1.64
N ILE C 367 29.44 23.97 -2.80
CA ILE C 367 28.70 25.23 -2.87
C ILE C 367 27.50 25.20 -1.91
N PHE C 368 26.76 24.09 -1.91
CA PHE C 368 25.60 23.99 -1.04
C PHE C 368 25.98 24.12 0.43
N GLU C 369 27.05 23.43 0.84
CA GLU C 369 27.44 23.49 2.25
C GLU C 369 27.89 24.89 2.65
N LEU C 370 28.61 25.58 1.75
CA LEU C 370 29.03 26.95 2.07
C LEU C 370 27.82 27.85 2.30
N ARG C 371 26.82 27.77 1.42
CA ARG C 371 25.64 28.62 1.58
C ARG C 371 24.94 28.34 2.90
N LYS C 372 24.78 27.06 3.25
CA LYS C 372 24.10 26.72 4.49
C LYS C 372 24.86 27.26 5.71
N ALA C 373 26.19 27.12 5.71
CA ALA C 373 26.97 27.59 6.85
C ALA C 373 26.84 29.10 7.02
N ARG C 374 26.90 29.85 5.91
CA ARG C 374 26.74 31.30 6.01
C ARG C 374 25.38 31.66 6.58
N ASP C 375 24.31 31.00 6.10
CA ASP C 375 22.98 31.32 6.61
C ASP C 375 22.87 31.05 8.10
N ARG C 376 23.43 29.94 8.59
CA ARG C 376 23.34 29.67 10.02
C ARG C 376 24.13 30.67 10.84
N ALA C 377 25.33 31.05 10.36
CA ALA C 377 26.13 32.02 11.11
C ALA C 377 25.41 33.36 11.23
N HIS C 378 24.64 33.74 10.20
CA HIS C 378 23.92 35.01 10.26
C HIS C 378 22.95 35.04 11.45
N ILE C 379 22.20 33.97 11.67
CA ILE C 379 21.25 33.94 12.77
C ILE C 379 21.97 33.85 14.11
N LEU C 380 23.06 33.08 14.17
CA LEU C 380 23.77 32.94 15.45
C LEU C 380 24.33 34.27 15.92
N GLU C 381 24.81 35.10 15.00
CA GLU C 381 25.30 36.43 15.39
C GLU C 381 24.19 37.25 16.06
N ALA C 382 23.00 37.25 15.45
CA ALA C 382 21.89 38.02 15.99
C ALA C 382 21.48 37.51 17.37
N LEU C 383 21.44 36.18 17.54
CA LEU C 383 21.07 35.64 18.84
C LEU C 383 22.09 36.03 19.91
N ALA C 384 23.39 35.96 19.58
CA ALA C 384 24.41 36.35 20.55
C ALA C 384 24.27 37.83 20.92
N VAL C 385 24.06 38.70 19.93
CA VAL C 385 23.92 40.12 20.20
C VAL C 385 22.71 40.37 21.10
N ALA C 386 21.58 39.70 20.80
CA ALA C 386 20.39 39.90 21.61
C ALA C 386 20.59 39.43 23.04
N LEU C 387 21.22 38.26 23.23
CA LEU C 387 21.46 37.77 24.58
C LEU C 387 22.45 38.65 25.34
N ALA C 388 23.34 39.36 24.64
CA ALA C 388 24.29 40.22 25.34
C ALA C 388 23.61 41.39 26.05
N ASN C 389 22.40 41.76 25.65
CA ASN C 389 21.70 42.94 26.14
C ASN C 389 20.26 42.60 26.47
N ILE C 390 20.07 41.53 27.25
CA ILE C 390 18.74 40.96 27.45
C ILE C 390 17.81 41.96 28.16
N ASP C 391 18.31 42.66 29.18
CA ASP C 391 17.44 43.47 30.02
C ASP C 391 16.75 44.60 29.26
N PRO C 392 17.43 45.42 28.47
CA PRO C 392 16.70 46.37 27.61
C PRO C 392 15.72 45.72 26.66
N ILE C 393 16.05 44.53 26.13
CA ILE C 393 15.18 43.88 25.16
C ILE C 393 13.86 43.50 25.80
N ILE C 394 13.92 42.82 26.95
CA ILE C 394 12.68 42.42 27.63
C ILE C 394 11.93 43.66 28.13
N GLU C 395 12.66 44.68 28.57
CA GLU C 395 12.00 45.90 29.02
C GLU C 395 11.23 46.56 27.88
N LEU C 396 11.80 46.56 26.67
CA LEU C 396 11.08 47.07 25.51
C LEU C 396 9.89 46.19 25.17
N ILE C 397 10.06 44.86 25.23
CA ILE C 397 9.02 43.96 24.80
C ILE C 397 7.80 44.05 25.73
N ARG C 398 8.03 44.27 27.02
CA ARG C 398 6.93 44.29 27.97
C ARG C 398 5.94 45.41 27.67
N HIS C 399 6.40 46.51 27.07
CA HIS C 399 5.53 47.63 26.70
C HIS C 399 5.10 47.59 25.25
N ALA C 400 5.12 46.41 24.62
CA ALA C 400 4.79 46.27 23.21
C ALA C 400 3.31 45.95 23.06
N PRO C 401 2.50 46.75 22.35
CA PRO C 401 1.09 46.35 22.17
C PRO C 401 0.91 45.02 21.44
N THR C 402 1.76 44.71 20.47
CA THR C 402 1.60 43.52 19.65
C THR C 402 2.97 43.07 19.17
N PRO C 403 3.09 41.84 18.65
CA PRO C 403 4.40 41.40 18.13
C PRO C 403 4.95 42.26 17.01
N ALA C 404 4.10 42.74 16.10
CA ALA C 404 4.59 43.50 14.95
C ALA C 404 5.23 44.81 15.41
N GLU C 405 4.60 45.49 16.36
CA GLU C 405 5.16 46.74 16.85
C GLU C 405 6.50 46.49 17.55
N ALA C 406 6.60 45.40 18.30
CA ALA C 406 7.89 45.05 18.92
C ALA C 406 8.96 44.80 17.86
N LYS C 407 8.60 44.09 16.79
CA LYS C 407 9.57 43.84 15.73
C LYS C 407 10.01 45.14 15.08
N THR C 408 9.08 46.04 14.80
CA THR C 408 9.44 47.32 14.20
C THR C 408 10.34 48.12 15.13
N ALA C 409 10.03 48.13 16.43
CA ALA C 409 10.87 48.86 17.38
C ALA C 409 12.28 48.27 17.44
N LEU C 410 12.38 46.94 17.42
CA LEU C 410 13.69 46.30 17.44
C LEU C 410 14.49 46.64 16.18
N VAL C 411 13.83 46.61 15.02
CA VAL C 411 14.55 46.86 13.78
C VAL C 411 15.04 48.29 13.70
N ALA C 412 14.18 49.25 14.08
CA ALA C 412 14.46 50.67 13.85
C ALA C 412 15.25 51.30 14.99
N ASN C 413 16.38 50.69 15.36
CA ASN C 413 17.30 51.30 16.32
C ASN C 413 18.62 50.53 16.33
N PRO C 414 19.77 51.17 16.59
CA PRO C 414 21.00 50.40 16.80
C PRO C 414 21.07 49.82 18.20
N TRP C 415 22.08 48.96 18.39
CA TRP C 415 22.36 48.33 19.68
C TRP C 415 23.86 48.39 19.95
N GLN C 416 24.20 48.37 21.23
CA GLN C 416 25.59 48.33 21.65
C GLN C 416 26.10 46.89 21.62
N LEU C 417 27.26 46.71 20.99
CA LEU C 417 27.83 45.36 20.92
C LEU C 417 28.22 44.85 22.30
N GLY C 418 28.82 45.70 23.13
CA GLY C 418 29.24 45.29 24.44
C GLY C 418 30.51 44.44 24.40
N ASN C 419 30.54 43.38 25.22
CA ASN C 419 31.73 42.54 25.33
C ASN C 419 31.83 41.48 24.25
N VAL C 420 30.83 41.37 23.36
CA VAL C 420 30.87 40.35 22.30
C VAL C 420 31.65 40.80 21.08
N ALA C 421 31.89 42.11 20.93
CA ALA C 421 32.52 42.62 19.71
C ALA C 421 33.89 42.02 19.48
N ALA C 422 34.61 41.70 20.56
CA ALA C 422 35.92 41.07 20.43
C ALA C 422 35.84 39.77 19.64
N MET C 423 34.80 38.96 19.90
CA MET C 423 34.61 37.75 19.12
C MET C 423 34.45 38.08 17.64
N LEU C 424 33.68 39.11 17.32
CA LEU C 424 33.50 39.49 15.94
C LEU C 424 34.79 39.98 15.30
N GLU C 425 35.77 40.43 16.09
CA GLU C 425 37.05 40.81 15.50
C GLU C 425 37.73 39.63 14.84
N ARG C 426 37.46 38.41 15.33
CA ARG C 426 37.97 37.22 14.66
C ARG C 426 37.19 36.89 13.40
N ALA C 427 35.92 37.30 13.33
CA ALA C 427 35.04 36.92 12.23
C ALA C 427 34.95 37.99 11.14
N GLY C 428 35.77 39.03 11.18
CA GLY C 428 35.67 40.11 10.22
C GLY C 428 36.06 39.73 8.81
N ASP C 429 36.39 40.74 7.99
CA ASP C 429 36.83 40.55 6.61
C ASP C 429 35.73 39.99 5.71
N ASP C 430 34.47 40.12 6.10
CA ASP C 430 33.33 39.71 5.27
C ASP C 430 33.37 38.23 4.92
N ALA C 431 33.86 37.39 5.85
CA ALA C 431 33.91 35.96 5.60
C ALA C 431 32.54 35.31 5.68
N ALA C 432 31.73 35.70 6.67
CA ALA C 432 30.46 35.04 6.97
C ALA C 432 29.24 35.84 6.55
N ARG C 433 29.41 36.98 5.89
CA ARG C 433 28.25 37.73 5.44
C ARG C 433 27.62 37.02 4.23
N PRO C 434 26.32 36.70 4.27
CA PRO C 434 25.69 36.11 3.08
C PRO C 434 25.76 37.05 1.88
N GLU C 435 25.82 36.45 0.69
CA GLU C 435 25.96 37.25 -0.52
C GLU C 435 24.76 38.15 -0.74
N TRP C 436 23.55 37.64 -0.47
CA TRP C 436 22.34 38.42 -0.74
C TRP C 436 22.14 39.56 0.25
N LEU C 437 22.90 39.60 1.34
CA LEU C 437 22.74 40.68 2.32
C LEU C 437 23.27 42.00 1.76
N GLU C 438 22.56 43.09 2.08
CA GLU C 438 22.94 44.42 1.64
C GLU C 438 24.01 45.01 2.55
N PRO C 439 24.73 46.04 2.10
CA PRO C 439 25.73 46.68 2.97
C PRO C 439 25.13 47.52 4.08
N GLU C 440 23.84 47.85 4.02
CA GLU C 440 23.24 48.68 5.05
C GLU C 440 23.24 47.97 6.41
N PHE C 441 22.95 46.67 6.40
CA PHE C 441 22.84 45.89 7.63
C PHE C 441 24.22 45.43 8.08
N GLY C 442 24.25 44.69 9.18
CA GLY C 442 25.50 44.24 9.75
C GLY C 442 26.20 45.32 10.54
N VAL C 443 27.36 44.97 11.08
CA VAL C 443 28.13 45.89 11.91
C VAL C 443 28.66 47.00 11.03
N ARG C 444 28.48 48.25 11.47
CA ARG C 444 28.93 49.43 10.74
C ARG C 444 30.01 50.20 11.50
N ASP C 445 29.73 50.64 12.73
CA ASP C 445 30.65 51.45 13.51
C ASP C 445 30.61 51.01 14.97
N GLY C 446 30.66 49.70 15.21
CA GLY C 446 30.52 49.19 16.56
C GLY C 446 29.10 49.19 17.08
N LEU C 447 28.10 49.26 16.18
CA LEU C 447 26.69 49.27 16.56
C LEU C 447 25.96 48.37 15.59
N TYR C 448 25.47 47.23 16.08
CA TYR C 448 24.86 46.24 15.19
C TYR C 448 23.52 46.75 14.67
N TYR C 449 23.20 46.35 13.44
CA TYR C 449 21.91 46.64 12.81
C TYR C 449 21.18 45.32 12.56
N LEU C 450 19.92 45.26 12.94
CA LEU C 450 19.11 44.07 12.81
C LEU C 450 18.23 44.15 11.56
N THR C 451 17.84 42.99 11.06
CA THR C 451 16.89 42.87 9.96
C THR C 451 15.55 42.38 10.49
N GLU C 452 14.61 42.14 9.57
CA GLU C 452 13.32 41.60 9.97
C GLU C 452 13.45 40.15 10.44
N GLN C 453 14.17 39.33 9.67
CA GLN C 453 14.32 37.93 10.04
C GLN C 453 15.08 37.75 11.34
N GLN C 454 16.12 38.55 11.58
CA GLN C 454 16.85 38.47 12.83
C GLN C 454 15.95 38.82 14.01
N ALA C 455 15.12 39.86 13.87
CA ALA C 455 14.20 40.21 14.93
C ALA C 455 13.20 39.10 15.20
N GLN C 456 12.68 38.49 14.12
CA GLN C 456 11.76 37.38 14.30
C GLN C 456 12.43 36.20 15.01
N ALA C 457 13.69 35.95 14.68
CA ALA C 457 14.43 34.90 15.37
C ALA C 457 14.62 35.23 16.85
N ILE C 458 14.87 36.51 17.16
CA ILE C 458 15.01 36.92 18.56
C ILE C 458 13.71 36.71 19.30
N LEU C 459 12.57 36.97 18.65
CA LEU C 459 11.29 36.84 19.33
C LEU C 459 10.98 35.42 19.76
N ASP C 460 11.51 34.41 19.06
CA ASP C 460 11.25 33.01 19.36
C ASP C 460 12.35 32.38 20.21
N LEU C 461 12.92 33.16 21.12
CA LEU C 461 13.96 32.69 22.03
C LEU C 461 13.31 32.19 23.31
N ARG C 462 13.75 31.02 23.79
CA ARG C 462 13.21 30.43 25.00
C ARG C 462 13.97 30.91 26.23
N LEU C 463 13.27 30.97 27.36
CA LEU C 463 13.92 31.36 28.61
C LEU C 463 14.99 30.36 29.00
N GLN C 464 14.84 29.09 28.61
CA GLN C 464 15.78 28.04 28.98
C GLN C 464 17.21 28.36 28.54
N LYS C 465 17.39 29.18 27.51
CA LYS C 465 18.70 29.51 26.99
C LYS C 465 19.36 30.67 27.73
N LEU C 466 18.78 31.13 28.84
CA LEU C 466 19.40 32.19 29.63
C LEU C 466 20.44 31.69 30.62
N THR C 467 20.63 30.37 30.72
CA THR C 467 21.64 29.81 31.62
C THR C 467 23.02 29.87 30.97
N GLY C 468 24.04 29.60 31.78
CA GLY C 468 25.41 29.75 31.31
C GLY C 468 25.80 28.76 30.22
N LEU C 469 25.42 27.49 30.39
CA LEU C 469 25.86 26.46 29.45
C LEU C 469 25.29 26.71 28.06
N GLU C 470 23.99 27.01 27.99
CA GLU C 470 23.37 27.34 26.72
C GLU C 470 23.96 28.61 26.11
N HIS C 471 24.45 29.53 26.95
CA HIS C 471 25.13 30.70 26.46
C HIS C 471 26.46 30.36 25.82
N GLU C 472 27.23 29.44 26.43
CA GLU C 472 28.54 29.08 25.89
C GLU C 472 28.44 28.21 24.65
N LYS C 473 27.37 27.42 24.53
CA LYS C 473 27.22 26.55 23.37
C LYS C 473 27.15 27.35 22.07
N LEU C 474 26.43 28.48 22.07
CA LEU C 474 26.33 29.28 20.87
C LEU C 474 27.68 29.84 20.45
N LEU C 475 28.48 30.32 21.41
CA LEU C 475 29.81 30.82 21.09
C LEU C 475 30.69 29.73 20.50
N ASP C 476 30.64 28.53 21.08
CA ASP C 476 31.44 27.43 20.54
C ASP C 476 31.00 27.08 19.12
N GLU C 477 29.69 27.05 18.87
CA GLU C 477 29.19 26.73 17.54
C GLU C 477 29.65 27.77 16.53
N TYR C 478 29.58 29.05 16.88
CA TYR C 478 30.05 30.10 15.98
C TYR C 478 31.55 29.95 15.69
N LYS C 479 32.33 29.64 16.73
CA LYS C 479 33.77 29.52 16.57
C LYS C 479 34.13 28.38 15.61
N GLU C 480 33.43 27.25 15.70
CA GLU C 480 33.73 26.17 14.76
C GLU C 480 33.16 26.45 13.36
N LEU C 481 32.04 27.15 13.28
CA LEU C 481 31.48 27.48 11.97
C LEU C 481 32.41 28.35 11.17
N LEU C 482 33.16 29.25 11.84
CA LEU C 482 34.13 30.07 11.11
C LEU C 482 35.17 29.20 10.40
N ASP C 483 35.72 28.22 11.11
CA ASP C 483 36.72 27.34 10.50
C ASP C 483 36.10 26.51 9.37
N GLN C 484 34.86 26.05 9.56
CA GLN C 484 34.21 25.30 8.49
C GLN C 484 34.08 26.14 7.23
N ILE C 485 33.66 27.39 7.37
CA ILE C 485 33.50 28.25 6.20
C ILE C 485 34.86 28.50 5.54
N ALA C 486 35.91 28.68 6.34
CA ALA C 486 37.24 28.87 5.78
C ALA C 486 37.67 27.67 4.95
N GLU C 487 37.45 26.46 5.48
CA GLU C 487 37.84 25.25 4.74
C GLU C 487 37.04 25.11 3.45
N LEU C 488 35.74 25.39 3.51
CA LEU C 488 34.92 25.27 2.30
C LEU C 488 35.36 26.27 1.23
N LEU C 489 35.74 27.48 1.64
CA LEU C 489 36.28 28.43 0.67
C LEU C 489 37.60 27.93 0.09
N ARG C 490 38.46 27.36 0.94
CA ARG C 490 39.75 26.89 0.45
C ARG C 490 39.60 25.77 -0.57
N ILE C 491 38.61 24.89 -0.40
CA ILE C 491 38.42 23.81 -1.36
C ILE C 491 38.07 24.37 -2.75
N LEU C 492 37.20 25.38 -2.80
CA LEU C 492 36.84 25.99 -4.07
C LEU C 492 37.92 26.92 -4.61
N GLY C 493 38.87 27.34 -3.78
CA GLY C 493 39.86 28.30 -4.23
C GLY C 493 40.93 27.76 -5.16
N SER C 494 41.02 26.44 -5.33
CA SER C 494 42.05 25.86 -6.18
C SER C 494 41.58 24.51 -6.67
N ALA C 495 42.27 23.99 -7.70
CA ALA C 495 41.93 22.72 -8.31
C ALA C 495 42.62 21.54 -7.65
N ASP C 496 43.80 21.74 -7.05
CA ASP C 496 44.52 20.62 -6.47
C ASP C 496 43.77 20.02 -5.29
N ARG C 497 43.19 20.86 -4.44
CA ARG C 497 42.50 20.36 -3.26
C ARG C 497 41.31 19.48 -3.65
N LEU C 498 40.65 19.83 -4.76
CA LEU C 498 39.54 19.02 -5.25
C LEU C 498 40.00 17.60 -5.58
N MET C 499 41.12 17.48 -6.31
CA MET C 499 41.63 16.16 -6.66
C MET C 499 42.12 15.41 -5.43
N GLU C 500 42.68 16.12 -4.44
CA GLU C 500 43.07 15.45 -3.21
C GLU C 500 41.86 14.87 -2.48
N VAL C 501 40.76 15.62 -2.43
CA VAL C 501 39.55 15.12 -1.80
C VAL C 501 39.04 13.89 -2.55
N ILE C 502 39.05 13.92 -3.88
CA ILE C 502 38.59 12.78 -4.66
C ILE C 502 39.47 11.57 -4.40
N ARG C 503 40.79 11.77 -4.30
CA ARG C 503 41.69 10.67 -4.01
C ARG C 503 41.39 10.05 -2.65
N GLU C 504 41.15 10.90 -1.64
CA GLU C 504 40.83 10.37 -0.32
C GLU C 504 39.55 9.55 -0.35
N GLU C 505 38.52 10.03 -1.04
CA GLU C 505 37.27 9.29 -1.11
C GLU C 505 37.47 7.94 -1.78
N LEU C 506 38.21 7.92 -2.89
CA LEU C 506 38.42 6.65 -3.60
C LEU C 506 39.21 5.67 -2.75
N GLU C 507 40.24 6.14 -2.03
CA GLU C 507 41.01 5.25 -1.18
C GLU C 507 40.15 4.67 -0.06
N LEU C 508 39.30 5.50 0.56
CA LEU C 508 38.42 5.01 1.61
C LEU C 508 37.47 3.95 1.08
N VAL C 509 36.89 4.18 -0.10
CA VAL C 509 35.98 3.21 -0.68
C VAL C 509 36.70 1.90 -0.97
N ARG C 510 37.92 1.99 -1.51
CA ARG C 510 38.69 0.79 -1.80
C ARG C 510 38.95 -0.01 -0.53
N GLU C 511 39.32 0.67 0.56
CA GLU C 511 39.58 -0.04 1.80
C GLU C 511 38.32 -0.70 2.34
N GLN C 512 37.18 -0.03 2.23
CA GLN C 512 35.96 -0.58 2.80
C GLN C 512 35.45 -1.78 2.01
N PHE C 513 35.36 -1.66 0.69
CA PHE C 513 34.61 -2.61 -0.13
C PHE C 513 35.48 -3.48 -1.05
N GLY C 514 36.80 -3.44 -0.89
CA GLY C 514 37.65 -4.24 -1.75
C GLY C 514 37.58 -5.72 -1.43
N ASP C 515 37.99 -6.54 -2.41
CA ASP C 515 38.03 -7.99 -2.22
C ASP C 515 38.99 -8.59 -3.25
N LYS C 516 39.11 -9.91 -3.22
CA LYS C 516 40.11 -10.64 -3.99
C LYS C 516 39.61 -10.99 -5.38
N ARG C 517 40.50 -11.59 -6.17
CA ARG C 517 40.20 -12.04 -7.52
C ARG C 517 39.74 -13.50 -7.51
N ARG C 518 38.93 -13.86 -8.50
CA ARG C 518 38.39 -15.21 -8.64
C ARG C 518 38.83 -15.89 -9.92
N THR C 519 38.58 -15.27 -11.08
CA THR C 519 38.88 -15.92 -12.36
C THR C 519 40.37 -15.85 -12.66
N GLU C 520 40.90 -16.94 -13.21
CA GLU C 520 42.30 -17.05 -13.58
C GLU C 520 42.44 -16.90 -15.09
N ILE C 521 43.39 -16.07 -15.52
CA ILE C 521 43.64 -15.81 -16.93
C ILE C 521 44.89 -16.58 -17.35
N THR C 522 44.79 -17.29 -18.49
CA THR C 522 45.92 -18.05 -19.02
C THR C 522 46.00 -17.86 -20.52
N ALA C 523 47.20 -18.02 -21.05
CA ALA C 523 47.40 -18.00 -22.49
C ALA C 523 46.90 -19.30 -23.11
N ASN C 524 46.86 -19.33 -24.43
CA ASN C 524 46.32 -20.48 -25.16
C ASN C 524 47.13 -21.75 -24.88
N GLY D 406 -12.52 -19.60 -30.14
CA GLY D 406 -12.61 -18.94 -28.85
C GLY D 406 -12.24 -17.47 -28.93
N LYS D 407 -12.73 -16.70 -27.96
CA LYS D 407 -12.45 -15.27 -27.88
C LYS D 407 -12.95 -14.55 -29.13
N LEU D 408 -14.25 -14.65 -29.36
CA LEU D 408 -14.87 -13.96 -30.49
C LEU D 408 -16.35 -13.79 -30.19
N ALA D 409 -16.76 -12.56 -29.89
CA ALA D 409 -18.16 -12.25 -29.63
C ALA D 409 -18.78 -11.75 -30.94
N ASP D 410 -19.66 -12.54 -31.53
CA ASP D 410 -20.20 -12.27 -32.84
C ASP D 410 -21.42 -11.36 -32.76
N CYS D 411 -21.80 -10.81 -33.91
CA CYS D 411 -22.96 -9.94 -34.05
C CYS D 411 -24.14 -10.73 -34.61
N GLN D 412 -25.31 -10.11 -34.54
CA GLN D 412 -26.54 -10.72 -35.04
C GLN D 412 -26.80 -10.41 -36.50
N GLU D 413 -26.34 -9.27 -36.99
CA GLU D 413 -26.50 -8.93 -38.41
C GLU D 413 -25.75 -9.93 -39.27
N ARG D 414 -26.41 -10.44 -40.31
CA ARG D 414 -25.84 -11.41 -41.23
C ARG D 414 -25.50 -10.83 -42.60
N ASP D 415 -26.07 -9.69 -42.96
CA ASP D 415 -25.69 -9.05 -44.21
C ASP D 415 -24.29 -8.47 -44.06
N PRO D 416 -23.30 -8.80 -44.95
CA PRO D 416 -21.95 -8.25 -44.80
C PRO D 416 -21.79 -6.88 -45.47
N ALA D 417 -22.67 -5.94 -45.11
CA ALA D 417 -22.51 -4.54 -45.48
C ALA D 417 -22.88 -3.59 -44.37
N LEU D 418 -23.21 -4.08 -43.18
CA LEU D 418 -23.54 -3.23 -42.03
C LEU D 418 -22.88 -3.72 -40.75
N SER D 419 -21.90 -4.61 -40.84
CA SER D 419 -21.21 -5.14 -39.68
C SER D 419 -19.92 -4.36 -39.44
N GLU D 420 -19.37 -4.53 -38.24
CA GLU D 420 -18.11 -3.90 -37.85
C GLU D 420 -17.34 -4.87 -36.97
N LEU D 421 -16.02 -4.72 -36.96
CA LEU D 421 -15.14 -5.58 -36.18
C LEU D 421 -14.11 -4.71 -35.47
N TYR D 422 -13.97 -4.92 -34.17
CA TYR D 422 -13.01 -4.19 -33.34
C TYR D 422 -11.95 -5.16 -32.85
N LEU D 423 -10.70 -4.69 -32.83
CA LEU D 423 -9.55 -5.47 -32.38
C LEU D 423 -8.97 -4.78 -31.15
N VAL D 424 -9.53 -5.09 -29.99
CA VAL D 424 -9.17 -4.41 -28.75
C VAL D 424 -7.90 -5.03 -28.20
N GLU D 425 -7.04 -4.18 -27.63
CA GLU D 425 -5.79 -4.62 -27.03
C GLU D 425 -6.02 -4.95 -25.56
N GLY D 426 -5.58 -6.13 -25.14
CA GLY D 426 -5.72 -6.57 -23.77
C GLY D 426 -7.02 -7.32 -23.53
N ASP D 427 -6.97 -8.25 -22.59
CA ASP D 427 -8.15 -9.03 -22.24
C ASP D 427 -9.17 -8.22 -21.46
N SER D 428 -8.71 -7.38 -20.52
CA SER D 428 -9.66 -6.62 -19.70
C SER D 428 -10.37 -5.55 -20.52
N ALA D 429 -9.66 -4.90 -21.44
CA ALA D 429 -10.30 -3.90 -22.29
C ALA D 429 -11.36 -4.54 -23.17
N GLY D 430 -11.06 -5.71 -23.73
CA GLY D 430 -12.06 -6.41 -24.52
C GLY D 430 -13.25 -6.86 -23.68
N GLY D 431 -12.98 -7.34 -22.47
CA GLY D 431 -14.08 -7.72 -21.60
C GLY D 431 -14.98 -6.55 -21.25
N SER D 432 -14.39 -5.38 -20.99
CA SER D 432 -15.19 -4.18 -20.75
C SER D 432 -15.97 -3.77 -21.98
N ALA D 433 -15.35 -3.86 -23.17
CA ALA D 433 -16.02 -3.45 -24.39
C ALA D 433 -17.17 -4.38 -24.74
N LYS D 434 -17.07 -5.66 -24.41
CA LYS D 434 -18.15 -6.60 -24.72
C LYS D 434 -19.44 -6.23 -23.99
N GLN D 435 -19.34 -5.53 -22.86
CA GLN D 435 -20.52 -5.12 -22.13
C GLN D 435 -21.24 -3.98 -22.85
N GLY D 436 -20.55 -2.84 -23.01
CA GLY D 436 -21.15 -1.66 -23.60
C GLY D 436 -20.95 -1.53 -25.10
N ARG D 437 -21.64 -2.35 -25.87
CA ARG D 437 -21.59 -2.28 -27.33
C ARG D 437 -22.97 -2.53 -27.90
N ASN D 438 -23.23 -1.93 -29.06
CA ASN D 438 -24.48 -2.19 -29.78
C ASN D 438 -24.40 -3.60 -30.32
N ARG D 439 -25.06 -4.54 -29.64
CA ARG D 439 -24.94 -5.95 -29.95
C ARG D 439 -25.54 -6.33 -31.30
N LYS D 440 -26.30 -5.43 -31.93
CA LYS D 440 -26.97 -5.79 -33.17
C LYS D 440 -25.99 -6.07 -34.30
N ASN D 441 -25.05 -5.15 -34.53
CA ASN D 441 -24.14 -5.23 -35.68
C ASN D 441 -22.73 -4.81 -35.30
N GLN D 442 -22.21 -5.36 -34.20
CA GLN D 442 -20.83 -5.09 -33.78
C GLN D 442 -20.24 -6.34 -33.16
N ALA D 443 -18.93 -6.52 -33.37
CA ALA D 443 -18.21 -7.70 -32.90
C ALA D 443 -16.91 -7.25 -32.23
N ILE D 444 -16.36 -8.16 -31.41
CA ILE D 444 -15.15 -7.89 -30.62
C ILE D 444 -14.21 -9.07 -30.79
N LEU D 445 -12.91 -8.80 -30.69
CA LEU D 445 -11.88 -9.84 -30.79
C LEU D 445 -10.65 -9.38 -30.03
N PRO D 446 -10.54 -9.69 -28.74
CA PRO D 446 -9.38 -9.23 -27.97
C PRO D 446 -8.09 -9.88 -28.45
N LEU D 447 -7.00 -9.14 -28.27
CA LEU D 447 -5.64 -9.62 -28.52
C LEU D 447 -4.87 -9.59 -27.20
N LYS D 448 -4.25 -10.71 -26.85
CA LYS D 448 -3.65 -10.83 -25.52
C LYS D 448 -2.44 -9.92 -25.36
N GLY D 449 -1.53 -9.93 -26.32
CA GLY D 449 -0.31 -9.14 -26.25
C GLY D 449 0.21 -8.80 -27.61
N LYS D 450 1.51 -8.88 -27.79
CA LYS D 450 2.11 -8.62 -29.09
C LYS D 450 1.94 -9.82 -30.00
N ILE D 451 1.76 -9.55 -31.30
CA ILE D 451 1.41 -10.57 -32.28
C ILE D 451 2.58 -10.81 -33.22
N LEU D 452 2.48 -11.85 -34.05
CA LEU D 452 3.57 -12.28 -34.89
C LEU D 452 3.89 -11.26 -35.97
N ASN D 453 5.17 -11.17 -36.31
CA ASN D 453 5.64 -10.35 -37.43
C ASN D 453 5.73 -11.23 -38.66
N VAL D 454 4.86 -10.97 -39.64
CA VAL D 454 4.78 -11.85 -40.80
C VAL D 454 5.87 -11.56 -41.83
N GLU D 455 6.48 -10.38 -41.79
CA GLU D 455 7.54 -10.07 -42.76
C GLU D 455 8.76 -10.95 -42.53
N LYS D 456 9.20 -11.10 -41.29
CA LYS D 456 10.33 -11.96 -40.96
C LYS D 456 9.99 -13.43 -40.96
N ALA D 457 8.78 -13.79 -40.53
CA ALA D 457 8.41 -15.18 -40.30
C ALA D 457 8.12 -15.89 -41.62
N ARG D 458 8.03 -17.20 -41.54
CA ARG D 458 7.74 -18.06 -42.67
C ARG D 458 6.24 -18.31 -42.77
N PHE D 459 5.82 -18.77 -43.96
CA PHE D 459 4.40 -19.00 -44.20
C PHE D 459 3.85 -20.09 -43.28
N ASP D 460 4.58 -21.18 -43.12
CA ASP D 460 4.11 -22.28 -42.29
C ASP D 460 3.97 -21.85 -40.84
N LYS D 461 4.96 -21.12 -40.32
CA LYS D 461 4.87 -20.64 -38.95
C LYS D 461 3.74 -19.65 -38.78
N MET D 462 3.46 -18.85 -39.81
CA MET D 462 2.30 -17.96 -39.74
C MET D 462 1.00 -18.75 -39.64
N LEU D 463 0.86 -19.80 -40.45
CA LEU D 463 -0.35 -20.61 -40.38
C LEU D 463 -0.48 -21.35 -39.06
N SER D 464 0.64 -21.79 -38.47
CA SER D 464 0.56 -22.60 -37.25
C SER D 464 0.21 -21.77 -36.02
N SER D 465 0.45 -20.47 -36.04
CA SER D 465 0.22 -19.65 -34.86
C SER D 465 -1.27 -19.59 -34.53
N GLN D 466 -1.56 -19.01 -33.36
CA GLN D 466 -2.92 -18.99 -32.83
C GLN D 466 -3.69 -17.71 -33.18
N GLU D 467 -3.12 -16.54 -32.88
CA GLU D 467 -3.86 -15.30 -33.06
C GLU D 467 -4.17 -15.03 -34.52
N VAL D 468 -3.17 -15.16 -35.39
CA VAL D 468 -3.38 -14.88 -36.81
C VAL D 468 -4.34 -15.89 -37.42
N ALA D 469 -4.29 -17.15 -36.96
CA ALA D 469 -5.25 -18.14 -37.46
C ALA D 469 -6.67 -17.75 -37.11
N THR D 470 -6.90 -17.32 -35.87
CA THR D 470 -8.24 -16.90 -35.46
C THR D 470 -8.69 -15.67 -36.25
N LEU D 471 -7.77 -14.72 -36.48
CA LEU D 471 -8.13 -13.53 -37.26
C LEU D 471 -8.50 -13.91 -38.70
N ILE D 472 -7.72 -14.81 -39.31
CA ILE D 472 -8.01 -15.23 -40.68
C ILE D 472 -9.36 -15.93 -40.74
N THR D 473 -9.63 -16.80 -39.77
CA THR D 473 -10.92 -17.49 -39.74
C THR D 473 -12.07 -16.51 -39.57
N ALA D 474 -11.90 -15.51 -38.70
CA ALA D 474 -12.96 -14.55 -38.46
C ALA D 474 -13.23 -13.69 -39.69
N LEU D 475 -12.18 -13.28 -40.40
CA LEU D 475 -12.38 -12.46 -41.60
C LEU D 475 -13.14 -13.23 -42.67
N GLY D 476 -12.82 -14.51 -42.86
CA GLY D 476 -13.55 -15.38 -43.75
C GLY D 476 -12.95 -15.54 -45.13
N CYS D 477 -12.07 -14.64 -45.54
CA CYS D 477 -11.41 -14.77 -46.83
C CYS D 477 -10.36 -15.87 -46.76
N GLY D 478 -9.82 -16.23 -47.93
CA GLY D 478 -8.75 -17.19 -48.01
C GLY D 478 -7.42 -16.56 -47.62
N ILE D 479 -6.37 -17.39 -47.69
CA ILE D 479 -5.01 -16.97 -47.35
C ILE D 479 -4.06 -17.50 -48.40
N GLY D 480 -3.12 -16.65 -48.82
CA GLY D 480 -2.14 -17.03 -49.82
C GLY D 480 -2.69 -16.99 -51.23
N ARG D 481 -1.79 -17.17 -52.19
CA ARG D 481 -2.15 -17.16 -53.59
C ARG D 481 -3.03 -18.35 -53.94
N ASP D 482 -3.88 -18.17 -54.94
CA ASP D 482 -4.80 -19.18 -55.49
C ASP D 482 -5.99 -19.47 -54.58
N GLU D 483 -6.08 -18.84 -53.40
CA GLU D 483 -7.21 -19.02 -52.51
C GLU D 483 -7.76 -17.67 -52.04
N TYR D 484 -6.90 -16.67 -51.94
CA TYR D 484 -7.33 -15.34 -51.52
C TYR D 484 -8.35 -14.77 -52.50
N ASN D 485 -9.45 -14.25 -51.96
CA ASN D 485 -10.56 -13.76 -52.78
C ASN D 485 -11.32 -12.72 -51.95
N PRO D 486 -11.11 -11.42 -52.18
CA PRO D 486 -11.75 -10.42 -51.31
C PRO D 486 -13.26 -10.30 -51.48
N ASP D 487 -13.86 -11.00 -52.45
CA ASP D 487 -15.30 -10.89 -52.63
C ASP D 487 -16.08 -11.42 -51.43
N LYS D 488 -15.65 -12.54 -50.86
CA LYS D 488 -16.38 -13.19 -49.76
C LYS D 488 -15.94 -12.62 -48.42
N LEU D 489 -16.07 -11.30 -48.27
CA LEU D 489 -15.59 -10.59 -47.10
C LEU D 489 -16.73 -10.37 -46.11
N ARG D 490 -16.54 -10.87 -44.89
CA ARG D 490 -17.39 -10.55 -43.76
C ARG D 490 -16.81 -9.34 -43.03
N TYR D 491 -17.68 -8.62 -42.32
CA TYR D 491 -17.26 -7.46 -41.52
C TYR D 491 -16.59 -6.40 -42.41
N HIS D 492 -17.42 -5.77 -43.25
CA HIS D 492 -16.92 -4.85 -44.27
C HIS D 492 -16.12 -3.67 -43.69
N SER D 493 -16.31 -3.33 -42.42
CA SER D 493 -15.57 -2.26 -41.76
C SER D 493 -14.75 -2.84 -40.61
N ILE D 494 -13.48 -2.47 -40.54
CA ILE D 494 -12.54 -2.99 -39.54
C ILE D 494 -11.91 -1.81 -38.81
N ILE D 495 -11.87 -1.90 -37.48
CA ILE D 495 -11.35 -0.83 -36.62
C ILE D 495 -10.28 -1.42 -35.71
N ILE D 496 -9.22 -0.64 -35.46
CA ILE D 496 -8.08 -1.12 -34.70
C ILE D 496 -8.28 -0.85 -33.21
N MET D 497 -8.25 0.43 -32.81
CA MET D 497 -8.47 0.84 -31.43
C MET D 497 -7.47 0.17 -30.48
N THR D 498 -6.22 0.62 -30.58
CA THR D 498 -5.16 0.19 -29.68
C THR D 498 -4.97 1.22 -28.56
N ASP D 499 -4.07 0.89 -27.64
CA ASP D 499 -3.75 1.75 -26.52
C ASP D 499 -3.16 3.08 -27.02
N ALA D 500 -2.97 4.03 -26.10
CA ALA D 500 -2.53 5.37 -26.42
C ALA D 500 -1.11 5.65 -25.92
N ASP D 501 -0.22 4.67 -26.06
CA ASP D 501 1.18 4.80 -25.69
C ASP D 501 2.04 4.13 -26.76
N VAL D 502 3.34 4.00 -26.49
CA VAL D 502 4.28 3.56 -27.52
C VAL D 502 3.98 2.12 -27.95
N ASP D 503 3.67 1.24 -27.01
CA ASP D 503 3.42 -0.16 -27.35
C ASP D 503 2.16 -0.30 -28.19
N GLY D 504 1.17 0.56 -27.96
CA GLY D 504 0.01 0.57 -28.85
C GLY D 504 0.38 0.90 -30.27
N SER D 505 1.29 1.86 -30.45
CA SER D 505 1.74 2.20 -31.80
C SER D 505 2.52 1.05 -32.42
N HIS D 506 3.31 0.34 -31.63
CA HIS D 506 4.03 -0.81 -32.17
C HIS D 506 3.08 -1.90 -32.64
N ILE D 507 2.05 -2.21 -31.84
CA ILE D 507 1.08 -3.21 -32.24
C ILE D 507 0.31 -2.74 -33.47
N ARG D 508 0.03 -1.45 -33.56
CA ARG D 508 -0.62 -0.90 -34.74
C ARG D 508 0.24 -1.10 -35.98
N THR D 509 1.54 -0.86 -35.87
CA THR D 509 2.43 -1.06 -37.01
C THR D 509 2.46 -2.52 -37.43
N LEU D 510 2.48 -3.45 -36.46
CA LEU D 510 2.46 -4.86 -36.81
C LEU D 510 1.18 -5.24 -37.54
N LEU D 511 0.03 -4.74 -37.05
CA LEU D 511 -1.23 -5.06 -37.71
C LEU D 511 -1.29 -4.48 -39.12
N LEU D 512 -0.80 -3.25 -39.30
CA LEU D 512 -0.76 -2.68 -40.64
C LEU D 512 0.13 -3.49 -41.57
N THR D 513 1.27 -3.97 -41.06
CA THR D 513 2.15 -4.81 -41.88
C THR D 513 1.42 -6.07 -42.32
N PHE D 514 0.72 -6.72 -41.39
CA PHE D 514 -0.02 -7.93 -41.73
C PHE D 514 -1.06 -7.64 -42.80
N PHE D 515 -1.88 -6.60 -42.60
CA PHE D 515 -2.95 -6.32 -43.54
C PHE D 515 -2.42 -5.97 -44.92
N TYR D 516 -1.37 -5.17 -45.00
CA TYR D 516 -0.89 -4.74 -46.31
C TYR D 516 -0.14 -5.86 -47.03
N ARG D 517 0.65 -6.65 -46.31
CA ARG D 517 1.43 -7.69 -46.97
C ARG D 517 0.56 -8.87 -47.39
N GLN D 518 -0.40 -9.27 -46.55
CA GLN D 518 -1.20 -10.46 -46.81
C GLN D 518 -2.50 -10.18 -47.55
N MET D 519 -3.01 -8.95 -47.49
CA MET D 519 -4.32 -8.61 -48.05
C MET D 519 -4.28 -7.19 -48.61
N PRO D 520 -3.73 -7.01 -49.82
CA PRO D 520 -3.63 -5.65 -50.37
C PRO D 520 -4.98 -5.00 -50.67
N GLU D 521 -5.91 -5.74 -51.29
CA GLU D 521 -7.15 -5.13 -51.74
C GLU D 521 -8.01 -4.65 -50.59
N ILE D 522 -7.90 -5.30 -49.43
CA ILE D 522 -8.64 -4.83 -48.25
C ILE D 522 -8.17 -3.43 -47.88
N VAL D 523 -6.86 -3.19 -47.89
CA VAL D 523 -6.35 -1.87 -47.58
C VAL D 523 -6.74 -0.88 -48.67
N GLU D 524 -6.60 -1.27 -49.94
CA GLU D 524 -6.83 -0.32 -51.03
C GLU D 524 -8.30 0.10 -51.12
N ARG D 525 -9.23 -0.82 -50.94
CA ARG D 525 -10.64 -0.49 -51.08
C ARG D 525 -11.18 0.38 -49.95
N GLY D 526 -10.47 0.47 -48.83
CA GLY D 526 -10.91 1.32 -47.73
C GLY D 526 -11.85 0.61 -46.76
N HIS D 527 -11.42 -0.54 -46.26
CA HIS D 527 -12.14 -1.28 -45.23
C HIS D 527 -11.39 -1.32 -43.91
N VAL D 528 -10.38 -0.45 -43.73
CA VAL D 528 -9.55 -0.42 -42.54
C VAL D 528 -9.62 0.98 -41.96
N TYR D 529 -9.89 1.06 -40.66
CA TYR D 529 -10.00 2.34 -39.96
C TYR D 529 -9.17 2.28 -38.69
N ILE D 530 -8.78 3.47 -38.21
CA ILE D 530 -8.01 3.62 -36.99
C ILE D 530 -8.79 4.51 -36.04
N ALA D 531 -8.97 4.05 -34.80
CA ALA D 531 -9.74 4.76 -33.79
C ALA D 531 -8.81 5.60 -32.92
N GLN D 532 -9.38 6.63 -32.30
CA GLN D 532 -8.63 7.64 -31.54
C GLN D 532 -9.31 7.90 -30.19
N PRO D 533 -9.05 7.06 -29.18
CA PRO D 533 -9.67 7.27 -27.88
C PRO D 533 -9.07 8.49 -27.18
N PRO D 534 -9.78 9.08 -26.22
CA PRO D 534 -9.25 10.27 -25.54
C PRO D 534 -8.23 9.89 -24.48
N LEU D 535 -7.60 10.92 -23.91
CA LEU D 535 -6.54 10.75 -22.91
C LEU D 535 -6.88 11.38 -21.58
N TYR D 536 -7.33 12.64 -21.56
CA TYR D 536 -7.68 13.35 -20.34
C TYR D 536 -9.20 13.48 -20.23
N LYS D 537 -9.70 13.49 -19.00
CA LYS D 537 -11.08 13.82 -18.71
C LYS D 537 -11.10 14.93 -17.66
N VAL D 538 -11.78 16.04 -17.96
CA VAL D 538 -11.83 17.19 -17.07
C VAL D 538 -13.27 17.45 -16.67
N LYS D 539 -13.49 17.59 -15.36
CA LYS D 539 -14.79 17.93 -14.79
C LYS D 539 -14.63 19.15 -13.92
N LYS D 540 -15.61 20.05 -13.98
CA LYS D 540 -15.62 21.30 -13.21
C LYS D 540 -16.98 21.47 -12.54
N GLY D 541 -17.45 20.40 -11.90
CA GLY D 541 -18.75 20.41 -11.25
C GLY D 541 -19.87 20.14 -12.22
N LYS D 542 -20.16 21.11 -13.08
CA LYS D 542 -21.19 20.99 -14.10
C LYS D 542 -20.61 20.61 -15.46
N GLN D 543 -19.61 21.36 -15.93
CA GLN D 543 -18.97 21.03 -17.19
C GLN D 543 -18.14 19.76 -17.04
N GLU D 544 -18.27 18.87 -18.03
CA GLU D 544 -17.51 17.63 -18.08
C GLU D 544 -17.20 17.33 -19.52
N GLN D 545 -15.93 17.07 -19.83
CA GLN D 545 -15.57 16.82 -21.22
C GLN D 545 -14.24 16.10 -21.30
N TYR D 546 -14.06 15.38 -22.40
CA TYR D 546 -12.82 14.68 -22.69
C TYR D 546 -11.92 15.56 -23.55
N ILE D 547 -10.61 15.42 -23.34
CA ILE D 547 -9.60 16.17 -24.08
C ILE D 547 -8.56 15.17 -24.57
N LYS D 548 -8.19 15.29 -25.84
CA LYS D 548 -7.21 14.40 -26.46
C LYS D 548 -5.83 15.04 -26.40
N ASP D 549 -4.80 14.19 -26.26
CA ASP D 549 -3.39 14.57 -26.30
C ASP D 549 -3.07 15.71 -25.33
N ASP D 550 -1.90 16.33 -25.49
CA ASP D 550 -1.43 17.38 -24.60
C ASP D 550 -1.71 18.79 -25.10
N GLU D 551 -1.66 19.01 -26.42
CA GLU D 551 -1.85 20.35 -26.96
C GLU D 551 -3.24 20.88 -26.64
N ALA D 552 -4.27 20.06 -26.84
CA ALA D 552 -5.63 20.50 -26.54
C ALA D 552 -5.82 20.75 -25.06
N MET D 553 -5.11 20.01 -24.21
CA MET D 553 -5.15 20.30 -22.78
C MET D 553 -4.58 21.68 -22.49
N ASP D 554 -3.48 22.04 -23.16
CA ASP D 554 -2.92 23.38 -22.99
C ASP D 554 -3.89 24.46 -23.46
N GLN D 555 -4.55 24.23 -24.59
CA GLN D 555 -5.53 25.20 -25.07
C GLN D 555 -6.68 25.35 -24.09
N TYR D 556 -7.19 24.24 -23.56
CA TYR D 556 -8.27 24.30 -22.58
C TYR D 556 -7.83 25.02 -21.32
N GLN D 557 -6.61 24.76 -20.85
CA GLN D 557 -6.09 25.44 -19.67
C GLN D 557 -5.98 26.94 -19.92
N ILE D 558 -5.50 27.33 -21.10
CA ILE D 558 -5.36 28.75 -21.43
C ILE D 558 -6.73 29.42 -21.46
N SER D 559 -7.71 28.77 -22.08
CA SER D 559 -9.05 29.36 -22.16
C SER D 559 -9.68 29.47 -20.78
N ILE D 560 -9.53 28.46 -19.94
CA ILE D 560 -10.14 28.50 -18.62
C ILE D 560 -9.46 29.55 -17.74
N ALA D 561 -8.15 29.72 -17.88
CA ALA D 561 -7.44 30.69 -17.05
C ALA D 561 -7.94 32.10 -17.30
N LEU D 562 -8.19 32.45 -18.56
CA LEU D 562 -8.70 33.77 -18.94
C LEU D 562 -10.21 33.78 -19.11
N ASP D 563 -10.92 32.91 -18.41
CA ASP D 563 -12.37 32.78 -18.53
C ASP D 563 -13.01 33.70 -17.51
N GLY D 564 -13.54 34.83 -17.98
CA GLY D 564 -14.23 35.77 -17.13
C GLY D 564 -13.30 36.56 -16.23
N ALA D 565 -13.65 37.81 -15.96
CA ALA D 565 -12.85 38.70 -15.10
C ALA D 565 -11.47 38.85 -15.77
N THR D 566 -10.37 38.85 -15.00
CA THR D 566 -9.02 39.02 -15.55
C THR D 566 -8.90 40.35 -16.28
N LEU D 567 -9.54 41.39 -15.75
CA LEU D 567 -9.45 42.74 -16.29
C LEU D 567 -8.22 43.41 -15.68
N HIS D 568 -7.08 43.26 -16.36
CA HIS D 568 -5.81 43.71 -15.79
C HIS D 568 -5.80 45.23 -15.63
N THR D 569 -5.36 45.68 -14.46
CA THR D 569 -5.27 47.10 -14.14
C THR D 569 -3.81 47.51 -14.09
N ASN D 570 -3.44 48.48 -14.93
CA ASN D 570 -2.06 48.95 -15.00
C ASN D 570 -1.73 49.88 -13.82
N ALA D 571 -2.34 51.07 -13.79
CA ALA D 571 -2.06 52.06 -12.75
C ALA D 571 -3.29 52.35 -11.89
N SER D 572 -4.40 52.79 -12.48
CA SER D 572 -5.61 53.12 -11.73
C SER D 572 -6.79 52.22 -12.10
N ALA D 573 -7.23 52.23 -13.37
CA ALA D 573 -8.29 51.31 -13.80
C ALA D 573 -8.46 51.27 -15.31
N PRO D 574 -7.49 50.79 -16.11
CA PRO D 574 -7.79 50.41 -17.50
C PRO D 574 -8.53 49.08 -17.56
N ALA D 575 -8.73 48.55 -18.77
CA ALA D 575 -9.37 47.25 -18.95
C ALA D 575 -8.92 46.68 -20.28
N LEU D 576 -7.97 45.73 -20.24
CA LEU D 576 -7.59 45.02 -21.46
C LEU D 576 -8.76 44.20 -21.99
N ALA D 577 -9.48 43.51 -21.11
CA ALA D 577 -10.74 42.86 -21.42
C ALA D 577 -10.61 41.83 -22.55
N GLY D 578 -9.86 40.77 -22.26
CA GLY D 578 -9.90 39.58 -23.09
C GLY D 578 -8.90 39.50 -24.23
N GLU D 579 -9.37 39.86 -25.43
CA GLU D 579 -8.67 39.47 -26.66
C GLU D 579 -7.25 40.05 -26.72
N ALA D 580 -7.05 41.27 -26.22
CA ALA D 580 -5.69 41.80 -26.16
C ALA D 580 -4.82 40.96 -25.22
N LEU D 581 -5.36 40.63 -24.04
CA LEU D 581 -4.64 39.77 -23.11
C LEU D 581 -4.43 38.38 -23.70
N GLU D 582 -5.43 37.87 -24.42
CA GLU D 582 -5.29 36.56 -25.06
C GLU D 582 -4.18 36.57 -26.10
N LYS D 583 -4.11 37.63 -26.92
CA LYS D 583 -3.05 37.74 -27.91
C LYS D 583 -1.68 37.82 -27.24
N LEU D 584 -1.57 38.60 -26.17
CA LEU D 584 -0.30 38.69 -25.45
C LEU D 584 0.11 37.33 -24.90
N VAL D 585 -0.84 36.61 -24.30
CA VAL D 585 -0.54 35.30 -23.72
C VAL D 585 -0.11 34.32 -24.81
N SER D 586 -0.81 34.29 -25.93
CA SER D 586 -0.47 33.37 -27.01
C SER D 586 0.92 33.68 -27.57
N GLU D 587 1.21 34.96 -27.78
CA GLU D 587 2.52 35.32 -28.31
C GLU D 587 3.63 34.96 -27.33
N TYR D 588 3.40 35.23 -26.04
CA TYR D 588 4.42 34.90 -25.04
C TYR D 588 4.65 33.40 -24.97
N ASN D 589 3.58 32.60 -25.02
CA ASN D 589 3.75 31.16 -24.99
C ASN D 589 4.48 30.66 -26.24
N ALA D 590 4.19 31.26 -27.40
CA ALA D 590 4.90 30.87 -28.61
C ALA D 590 6.39 31.19 -28.48
N THR D 591 6.73 32.36 -27.96
CA THR D 591 8.14 32.71 -27.77
C THR D 591 8.80 31.79 -26.75
N GLN D 592 8.07 31.42 -25.69
CA GLN D 592 8.62 30.49 -24.71
C GLN D 592 8.90 29.13 -25.34
N LYS D 593 7.98 28.65 -26.18
CA LYS D 593 8.21 27.37 -26.86
C LYS D 593 9.41 27.45 -27.79
N MET D 594 9.56 28.58 -28.50
CA MET D 594 10.73 28.75 -29.35
C MET D 594 12.01 28.74 -28.52
N ILE D 595 11.99 29.40 -27.36
CA ILE D 595 13.17 29.46 -26.52
C ILE D 595 13.52 28.07 -25.98
N ASN D 596 12.51 27.28 -25.61
CA ASN D 596 12.75 26.01 -24.95
C ASN D 596 13.48 25.02 -25.85
N ARG D 597 13.33 25.15 -27.17
CA ARG D 597 13.91 24.19 -28.12
C ARG D 597 15.28 24.63 -28.62
N MET D 598 15.94 25.57 -27.95
CA MET D 598 17.27 26.03 -28.32
C MET D 598 18.16 26.22 -27.09
N GLU D 599 17.91 25.45 -26.03
CA GLU D 599 18.76 25.53 -24.84
C GLU D 599 20.12 24.89 -25.08
N ARG D 600 20.25 24.06 -26.12
CA ARG D 600 21.54 23.42 -26.38
C ARG D 600 22.62 24.44 -26.70
N ARG D 601 22.28 25.47 -27.48
CA ARG D 601 23.27 26.40 -27.97
C ARG D 601 23.64 27.49 -26.96
N TYR D 602 22.68 27.97 -26.18
CA TYR D 602 22.91 29.07 -25.26
C TYR D 602 22.10 28.83 -23.99
N PRO D 603 22.45 29.47 -22.88
CA PRO D 603 21.66 29.29 -21.65
C PRO D 603 20.28 29.88 -21.78
N LYS D 604 19.35 29.33 -20.99
CA LYS D 604 17.99 29.89 -20.93
C LYS D 604 18.00 31.30 -20.37
N ALA D 605 18.80 31.55 -19.32
CA ALA D 605 18.79 32.85 -18.67
C ALA D 605 19.25 33.95 -19.62
N MET D 606 20.21 33.65 -20.49
CA MET D 606 20.69 34.64 -21.44
C MET D 606 19.57 35.11 -22.36
N LEU D 607 18.78 34.16 -22.87
CA LEU D 607 17.66 34.53 -23.73
C LEU D 607 16.55 35.21 -22.95
N LYS D 608 16.32 34.77 -21.70
CA LYS D 608 15.27 35.37 -20.88
C LYS D 608 15.57 36.83 -20.58
N GLU D 609 16.82 37.16 -20.30
CA GLU D 609 17.17 38.51 -19.89
C GLU D 609 17.04 39.51 -21.02
N LEU D 610 17.25 39.08 -22.27
CA LEU D 610 17.28 40.00 -23.40
C LEU D 610 15.94 40.68 -23.65
N ILE D 611 14.83 40.07 -23.24
CA ILE D 611 13.53 40.63 -23.57
C ILE D 611 13.28 41.94 -22.84
N TYR D 612 13.70 42.04 -21.58
CA TYR D 612 13.48 43.25 -20.80
C TYR D 612 14.43 44.38 -21.19
N GLN D 613 15.68 44.05 -21.51
CA GLN D 613 16.66 45.06 -21.87
C GLN D 613 16.34 45.66 -23.24
N PRO D 614 16.80 46.88 -23.52
CA PRO D 614 16.45 47.51 -24.80
C PRO D 614 17.14 46.83 -25.97
N THR D 615 16.67 47.20 -27.16
CA THR D 615 17.22 46.63 -28.38
C THR D 615 18.69 47.00 -28.53
N LEU D 616 19.47 46.08 -29.08
CA LEU D 616 20.90 46.34 -29.28
C LEU D 616 21.12 47.47 -30.28
N THR D 617 20.32 47.51 -31.34
CA THR D 617 20.40 48.55 -32.37
C THR D 617 21.79 48.56 -33.02
N GLU D 618 22.06 47.46 -33.73
CA GLU D 618 23.31 47.33 -34.45
C GLU D 618 23.49 48.37 -35.54
N ALA D 619 22.38 48.95 -36.04
CA ALA D 619 22.48 49.94 -37.10
C ALA D 619 23.25 51.18 -36.64
N ASP D 620 22.93 51.69 -35.45
CA ASP D 620 23.59 52.88 -34.91
C ASP D 620 24.70 52.54 -33.92
N LEU D 621 25.00 51.25 -33.71
CA LEU D 621 26.06 50.89 -32.79
C LEU D 621 27.43 51.21 -33.40
N SER D 622 27.76 50.56 -34.51
CA SER D 622 29.01 50.81 -35.23
C SER D 622 30.22 50.60 -34.31
N ASP D 623 30.90 51.68 -33.90
CA ASP D 623 32.03 51.60 -32.98
C ASP D 623 31.93 52.70 -31.94
N GLU D 624 30.73 52.89 -31.39
CA GLU D 624 30.50 53.90 -30.37
C GLU D 624 31.04 53.49 -29.00
N GLN D 625 31.45 52.23 -28.83
CA GLN D 625 31.91 51.67 -27.57
C GLN D 625 30.81 51.62 -26.51
N THR D 626 29.54 51.75 -26.93
CA THR D 626 28.42 51.52 -26.03
C THR D 626 28.12 50.03 -25.84
N VAL D 627 28.73 49.16 -26.65
CA VAL D 627 28.62 47.73 -26.43
C VAL D 627 29.21 47.34 -25.09
N THR D 628 30.24 48.07 -24.64
CA THR D 628 30.81 47.82 -23.32
C THR D 628 29.78 48.08 -22.23
N ARG D 629 29.08 49.21 -22.30
CA ARG D 629 28.04 49.49 -21.32
C ARG D 629 26.90 48.49 -21.42
N TRP D 630 26.54 48.09 -22.64
CA TRP D 630 25.46 47.12 -22.83
C TRP D 630 25.81 45.78 -22.17
N VAL D 631 26.99 45.25 -22.47
CA VAL D 631 27.36 43.95 -21.90
C VAL D 631 27.58 44.07 -20.39
N ASN D 632 28.10 45.20 -19.92
CA ASN D 632 28.24 45.40 -18.48
C ASN D 632 26.90 45.38 -17.79
N ALA D 633 25.90 46.07 -18.35
CA ALA D 633 24.57 46.08 -17.76
C ALA D 633 23.97 44.68 -17.78
N LEU D 634 24.14 43.96 -18.90
CA LEU D 634 23.60 42.60 -18.97
C LEU D 634 24.23 41.70 -17.91
N VAL D 635 25.55 41.75 -17.76
CA VAL D 635 26.23 40.90 -16.79
C VAL D 635 25.84 41.30 -15.37
N SER D 636 25.71 42.60 -15.11
CA SER D 636 25.32 43.04 -13.77
C SER D 636 23.92 42.58 -13.43
N GLU D 637 22.99 42.67 -14.39
CA GLU D 637 21.64 42.19 -14.14
C GLU D 637 21.62 40.68 -13.91
N LEU D 638 22.41 39.93 -14.69
CA LEU D 638 22.47 38.49 -14.50
C LEU D 638 23.02 38.12 -13.14
N ASN D 639 24.10 38.78 -12.72
CA ASN D 639 24.74 38.45 -11.45
C ASN D 639 24.00 39.00 -10.25
N ASP D 640 23.15 40.00 -10.43
CA ASP D 640 22.42 40.56 -9.30
C ASP D 640 21.45 39.54 -8.70
N LYS D 641 20.68 38.88 -9.56
CA LYS D 641 19.68 37.90 -9.15
C LYS D 641 20.12 36.47 -9.41
N GLU D 642 21.42 36.24 -9.58
CA GLU D 642 21.92 34.88 -9.76
C GLU D 642 21.74 34.09 -8.47
N GLN D 643 21.29 32.84 -8.60
CA GLN D 643 20.99 32.00 -7.45
C GLN D 643 21.43 30.56 -7.69
N HIS D 644 22.52 30.36 -8.44
CA HIS D 644 23.05 29.03 -8.71
C HIS D 644 24.57 28.97 -8.61
N GLY D 645 25.24 30.04 -8.17
CA GLY D 645 26.66 30.03 -7.96
C GLY D 645 27.51 30.30 -9.18
N SER D 646 26.90 30.43 -10.36
CA SER D 646 27.66 30.72 -11.56
C SER D 646 28.15 32.17 -11.54
N GLN D 647 29.22 32.42 -12.29
CA GLN D 647 29.76 33.76 -12.48
C GLN D 647 29.90 34.06 -13.97
N TRP D 648 29.80 35.34 -14.29
CA TRP D 648 29.81 35.83 -15.65
C TRP D 648 30.85 36.94 -15.79
N LYS D 649 31.53 36.93 -16.93
CA LYS D 649 32.45 37.99 -17.31
C LYS D 649 32.16 38.35 -18.76
N PHE D 650 32.65 39.52 -19.18
CA PHE D 650 32.42 40.03 -20.51
C PHE D 650 33.77 40.27 -21.18
N ASP D 651 33.76 40.19 -22.52
CA ASP D 651 34.96 40.50 -23.30
C ASP D 651 34.52 41.15 -24.60
N VAL D 652 35.33 42.11 -25.06
CA VAL D 652 35.05 42.86 -26.28
C VAL D 652 36.31 42.93 -27.12
N HIS D 653 36.13 43.13 -28.42
CA HIS D 653 37.24 43.32 -29.34
C HIS D 653 36.71 43.97 -30.61
N THR D 654 37.63 44.48 -31.42
CA THR D 654 37.33 45.27 -32.62
C THR D 654 38.05 44.66 -33.82
N ASN D 655 37.91 43.34 -33.99
CA ASN D 655 38.56 42.67 -35.11
C ASN D 655 37.99 43.10 -36.45
N ALA D 656 36.80 43.69 -36.47
CA ALA D 656 36.17 44.17 -37.71
C ALA D 656 35.68 45.59 -37.46
N GLU D 657 34.96 46.15 -38.44
CA GLU D 657 34.44 47.50 -38.32
C GLU D 657 33.44 47.59 -37.17
N GLN D 658 32.52 46.63 -37.09
CA GLN D 658 31.56 46.56 -35.99
C GLN D 658 32.20 45.79 -34.84
N ASN D 659 32.25 46.42 -33.67
CA ASN D 659 32.88 45.79 -32.52
C ASN D 659 32.06 44.57 -32.07
N LEU D 660 32.78 43.50 -31.75
CA LEU D 660 32.18 42.23 -31.33
C LEU D 660 32.46 42.03 -29.85
N PHE D 661 31.58 41.26 -29.21
CA PHE D 661 31.69 40.99 -27.78
C PHE D 661 31.12 39.62 -27.51
N GLU D 662 31.54 39.03 -26.39
CA GLU D 662 31.06 37.73 -25.97
C GLU D 662 31.17 37.59 -24.45
N PRO D 663 30.28 36.86 -23.80
CA PRO D 663 30.46 36.57 -22.38
C PRO D 663 31.18 35.24 -22.15
N ILE D 664 31.81 35.15 -20.99
CA ILE D 664 32.43 33.94 -20.49
C ILE D 664 31.73 33.56 -19.19
N VAL D 665 31.18 32.35 -19.14
CA VAL D 665 30.36 31.90 -18.03
C VAL D 665 31.01 30.69 -17.40
N ARG D 666 31.17 30.75 -16.07
CA ARG D 666 31.62 29.61 -15.27
C ARG D 666 30.42 29.16 -14.45
N VAL D 667 30.01 27.91 -14.63
CA VAL D 667 28.78 27.37 -14.08
C VAL D 667 29.15 26.29 -13.06
N ARG D 668 28.13 25.68 -12.45
CA ARG D 668 28.34 24.76 -11.34
C ARG D 668 29.24 23.58 -11.71
N THR D 669 29.32 23.25 -12.99
CA THR D 669 30.11 22.10 -13.43
C THR D 669 31.61 22.27 -13.22
N HIS D 670 32.08 23.47 -12.89
CA HIS D 670 33.49 23.80 -12.69
C HIS D 670 34.26 23.88 -14.01
N GLY D 671 33.60 23.71 -15.15
CA GLY D 671 34.21 23.90 -16.45
C GLY D 671 33.61 25.13 -17.10
N VAL D 672 34.45 25.88 -17.80
CA VAL D 672 34.07 27.16 -18.39
C VAL D 672 34.05 27.03 -19.90
N ASP D 673 32.95 27.44 -20.51
CA ASP D 673 32.84 27.46 -21.97
C ASP D 673 33.70 28.60 -22.50
N THR D 674 34.22 28.43 -23.72
CA THR D 674 35.12 29.43 -24.28
C THR D 674 34.43 30.78 -24.45
N ASP D 675 33.19 30.79 -24.96
CA ASP D 675 32.43 32.01 -25.14
C ASP D 675 31.07 31.65 -25.71
N TYR D 676 30.16 32.62 -25.66
CA TYR D 676 28.83 32.51 -26.26
C TYR D 676 28.57 33.78 -27.07
N PRO D 677 29.30 33.97 -28.17
CA PRO D 677 29.24 35.26 -28.88
C PRO D 677 27.89 35.52 -29.51
N LEU D 678 27.34 36.71 -29.24
CA LEU D 678 26.17 37.21 -29.95
C LEU D 678 26.65 37.88 -31.24
N ASP D 679 27.01 37.04 -32.19
CA ASP D 679 27.71 37.49 -33.39
C ASP D 679 26.72 38.12 -34.37
N HIS D 680 27.18 38.35 -35.60
CA HIS D 680 26.34 39.01 -36.61
C HIS D 680 25.10 38.18 -36.91
N GLU D 681 25.24 36.85 -36.96
CA GLU D 681 24.11 35.98 -37.27
C GLU D 681 23.03 36.09 -36.21
N PHE D 682 23.43 36.14 -34.93
CA PHE D 682 22.45 36.19 -33.84
C PHE D 682 21.64 37.49 -33.89
N ILE D 683 22.31 38.62 -34.08
CA ILE D 683 21.61 39.90 -34.12
C ILE D 683 20.76 40.00 -35.39
N THR D 684 21.25 39.47 -36.51
CA THR D 684 20.50 39.52 -37.76
C THR D 684 19.40 38.47 -37.83
N GLY D 685 19.44 37.44 -36.99
CA GLY D 685 18.41 36.43 -37.01
C GLY D 685 17.05 36.99 -36.63
N GLY D 686 16.02 36.40 -37.22
CA GLY D 686 14.66 36.83 -36.94
C GLY D 686 14.19 36.48 -35.54
N GLU D 687 14.84 35.51 -34.89
CA GLU D 687 14.48 35.17 -33.52
C GLU D 687 14.66 36.36 -32.60
N TYR D 688 15.80 37.04 -32.70
CA TYR D 688 16.04 38.21 -31.88
C TYR D 688 15.07 39.35 -32.22
N ARG D 689 14.71 39.47 -33.50
CA ARG D 689 13.78 40.52 -33.89
C ARG D 689 12.40 40.29 -33.26
N ARG D 690 11.89 39.06 -33.31
CA ARG D 690 10.60 38.79 -32.68
C ARG D 690 10.69 38.89 -31.16
N ILE D 691 11.83 38.51 -30.58
CA ILE D 691 12.00 38.66 -29.13
C ILE D 691 11.93 40.13 -28.74
N CYS D 692 12.61 41.00 -29.49
CA CYS D 692 12.53 42.43 -29.23
C CYS D 692 11.13 42.97 -29.47
N THR D 693 10.44 42.47 -30.49
CA THR D 693 9.07 42.92 -30.75
C THR D 693 8.17 42.61 -29.57
N LEU D 694 8.26 41.38 -29.04
CA LEU D 694 7.46 41.04 -27.87
C LEU D 694 7.88 41.83 -26.65
N GLY D 695 9.19 42.03 -26.46
CA GLY D 695 9.66 42.74 -25.29
C GLY D 695 9.30 44.22 -25.31
N GLU D 696 9.06 44.77 -26.51
CA GLU D 696 8.67 46.17 -26.62
C GLU D 696 7.37 46.43 -25.89
N LYS D 697 6.40 45.53 -26.00
CA LYS D 697 5.17 45.62 -25.22
C LYS D 697 5.34 45.10 -23.80
N LEU D 698 6.38 44.33 -23.52
CA LEU D 698 6.63 43.72 -22.21
C LEU D 698 7.81 44.38 -21.51
N ARG D 699 7.92 45.71 -21.66
CA ARG D 699 8.87 46.48 -20.86
C ARG D 699 8.25 46.71 -19.48
N GLY D 700 8.78 47.64 -18.71
CA GLY D 700 8.21 47.92 -17.41
C GLY D 700 6.89 48.65 -17.53
N LEU D 701 5.87 47.97 -18.06
CA LEU D 701 4.56 48.59 -18.25
C LEU D 701 3.87 48.80 -16.91
N LEU D 702 4.10 47.91 -15.95
CA LEU D 702 3.53 48.06 -14.62
C LEU D 702 4.12 49.27 -13.93
N GLU D 703 3.26 50.09 -13.34
CA GLU D 703 3.69 51.27 -12.61
C GLU D 703 4.06 50.84 -11.18
N GLU D 704 4.24 51.83 -10.29
CA GLU D 704 4.58 51.52 -8.91
C GLU D 704 3.47 50.71 -8.24
N ASP D 705 2.21 51.04 -8.53
CA ASP D 705 1.05 50.35 -7.98
C ASP D 705 0.31 49.64 -9.10
N ALA D 706 -0.10 48.39 -8.85
CA ALA D 706 -0.85 47.62 -9.83
C ALA D 706 -1.46 46.41 -9.14
N PHE D 707 -2.40 45.78 -9.84
CA PHE D 707 -3.03 44.56 -9.35
C PHE D 707 -3.74 43.88 -10.50
N ILE D 708 -4.05 42.59 -10.30
CA ILE D 708 -4.80 41.78 -11.26
C ILE D 708 -6.22 41.62 -10.72
N GLU D 709 -7.20 41.87 -11.59
CA GLU D 709 -8.61 41.83 -11.19
C GLU D 709 -9.23 40.48 -11.55
N ARG D 710 -8.83 39.46 -10.81
CA ARG D 710 -9.51 38.17 -10.92
C ARG D 710 -10.91 38.29 -10.33
N GLY D 711 -11.80 37.42 -10.80
CA GLY D 711 -13.19 37.42 -10.36
C GLY D 711 -13.32 37.26 -8.86
N GLU D 712 -14.07 38.18 -8.22
CA GLU D 712 -14.23 38.30 -6.77
C GLU D 712 -12.92 38.10 -6.02
N ARG D 713 -11.82 38.59 -6.58
CA ARG D 713 -10.51 38.49 -5.96
C ARG D 713 -9.65 39.66 -6.41
N ARG D 714 -8.59 39.92 -5.65
CA ARG D 714 -7.64 40.96 -6.01
C ARG D 714 -6.31 40.64 -5.35
N GLN D 715 -5.22 40.99 -6.04
CA GLN D 715 -3.88 40.71 -5.55
C GLN D 715 -2.89 41.67 -6.23
N PRO D 716 -2.08 42.42 -5.49
CA PRO D 716 -1.08 43.27 -6.16
C PRO D 716 -0.04 42.45 -6.88
N VAL D 717 0.36 42.93 -8.06
CA VAL D 717 1.36 42.28 -8.90
C VAL D 717 2.33 43.33 -9.43
N ALA D 718 3.52 42.87 -9.81
CA ALA D 718 4.54 43.74 -10.39
C ALA D 718 5.29 43.07 -11.54
N SER D 719 4.78 41.96 -12.06
CA SER D 719 5.43 41.27 -13.17
C SER D 719 4.38 40.42 -13.88
N PHE D 720 4.66 40.10 -15.14
CA PHE D 720 3.71 39.33 -15.92
C PHE D 720 3.74 37.85 -15.55
N GLU D 721 4.93 37.31 -15.26
CA GLU D 721 5.05 35.90 -14.90
C GLU D 721 4.28 35.60 -13.61
N GLN D 722 4.38 36.48 -12.62
CA GLN D 722 3.63 36.29 -11.39
C GLN D 722 2.13 36.32 -11.64
N ALA D 723 1.68 37.23 -12.51
CA ALA D 723 0.26 37.30 -12.84
C ALA D 723 -0.21 36.02 -13.52
N LEU D 724 0.57 35.51 -14.47
CA LEU D 724 0.20 34.27 -15.15
C LEU D 724 0.13 33.10 -14.16
N ASP D 725 1.15 32.99 -13.30
CA ASP D 725 1.16 31.90 -12.34
C ASP D 725 -0.01 31.99 -11.37
N TRP D 726 -0.32 33.21 -10.91
CA TRP D 726 -1.43 33.37 -9.96
C TRP D 726 -2.77 33.07 -10.62
N LEU D 727 -2.95 33.50 -11.88
CA LEU D 727 -4.18 33.17 -12.59
C LEU D 727 -4.32 31.68 -12.79
N VAL D 728 -3.23 30.99 -13.15
CA VAL D 728 -3.29 29.55 -13.33
C VAL D 728 -3.63 28.87 -12.02
N LYS D 729 -3.01 29.31 -10.92
CA LYS D 729 -3.29 28.71 -9.61
C LYS D 729 -4.73 28.94 -9.19
N GLU D 730 -5.27 30.14 -9.42
CA GLU D 730 -6.67 30.40 -9.09
C GLU D 730 -7.62 29.58 -9.94
N SER D 731 -7.32 29.40 -11.23
CA SER D 731 -8.23 28.67 -12.11
C SER D 731 -8.30 27.19 -11.79
N ARG D 732 -7.32 26.64 -11.08
CA ARG D 732 -7.27 25.21 -10.77
C ARG D 732 -7.84 24.90 -9.38
N ARG D 733 -8.84 25.67 -8.94
CA ARG D 733 -9.44 25.43 -7.64
C ARG D 733 -10.51 24.35 -7.71
N GLY D 734 -11.56 24.58 -8.50
CA GLY D 734 -12.67 23.65 -8.60
C GLY D 734 -12.61 22.77 -9.84
N LEU D 735 -11.40 22.35 -10.20
CA LEU D 735 -11.15 21.54 -11.39
C LEU D 735 -10.65 20.17 -10.98
N SER D 736 -11.19 19.13 -11.62
CA SER D 736 -10.78 17.75 -11.39
C SER D 736 -10.39 17.13 -12.72
N ILE D 737 -9.26 16.43 -12.72
CA ILE D 737 -8.68 15.84 -13.92
C ILE D 737 -8.43 14.36 -13.65
N GLN D 738 -8.75 13.53 -14.65
CA GLN D 738 -8.44 12.11 -14.65
C GLN D 738 -7.63 11.79 -15.89
N ARG D 739 -6.52 11.09 -15.70
CA ARG D 739 -5.61 10.70 -16.77
C ARG D 739 -5.64 9.19 -16.91
N TYR D 740 -5.94 8.69 -18.11
CA TYR D 740 -6.07 7.27 -18.35
C TYR D 740 -4.70 6.68 -18.66
N LYS D 741 -4.31 5.67 -17.89
CA LYS D 741 -3.09 4.92 -18.21
C LYS D 741 -3.30 3.91 -19.32
N GLY D 742 -4.55 3.56 -19.63
CA GLY D 742 -4.83 2.60 -20.69
C GLY D 742 -6.32 2.46 -20.87
N LEU D 743 -6.69 1.52 -21.73
CA LEU D 743 -8.11 1.25 -21.95
C LEU D 743 -8.76 0.50 -20.78
N GLY D 744 -7.95 -0.08 -19.89
CA GLY D 744 -8.51 -0.80 -18.76
C GLY D 744 -9.06 0.07 -17.65
N GLU D 745 -8.82 1.38 -17.70
CA GLU D 745 -9.30 2.31 -16.69
C GLU D 745 -10.72 2.80 -16.94
N MET D 746 -11.33 2.44 -18.07
CA MET D 746 -12.59 3.03 -18.52
C MET D 746 -13.74 2.05 -18.33
N ASN D 747 -14.83 2.53 -17.75
CA ASN D 747 -16.05 1.75 -17.65
C ASN D 747 -16.74 1.70 -19.00
N PRO D 748 -17.68 0.75 -19.20
CA PRO D 748 -18.26 0.57 -20.54
C PRO D 748 -18.95 1.79 -21.11
N GLU D 749 -19.59 2.60 -20.27
CA GLU D 749 -20.33 3.76 -20.79
C GLU D 749 -19.39 4.77 -21.43
N GLN D 750 -18.23 5.00 -20.82
CA GLN D 750 -17.25 5.91 -21.40
C GLN D 750 -16.76 5.40 -22.75
N LEU D 751 -16.48 4.09 -22.84
CA LEU D 751 -16.08 3.51 -24.12
C LEU D 751 -17.16 3.71 -25.18
N TRP D 752 -18.41 3.45 -24.81
CA TRP D 752 -19.51 3.61 -25.77
C TRP D 752 -19.60 5.04 -26.26
N GLU D 753 -19.60 6.01 -25.36
CA GLU D 753 -19.82 7.40 -25.77
C GLU D 753 -18.57 8.07 -26.32
N THR D 754 -17.39 7.43 -26.26
CA THR D 754 -16.17 8.02 -26.79
C THR D 754 -15.64 7.37 -28.06
N THR D 755 -15.86 6.06 -28.26
CA THR D 755 -15.23 5.36 -29.38
C THR D 755 -16.20 4.52 -30.22
N MET D 756 -17.28 4.04 -29.63
CA MET D 756 -18.16 3.08 -30.29
C MET D 756 -19.49 3.67 -30.75
N ASP D 757 -19.85 4.87 -30.32
CA ASP D 757 -21.12 5.47 -30.75
C ASP D 757 -20.99 5.98 -32.17
N PRO D 758 -21.83 5.56 -33.12
CA PRO D 758 -21.66 6.05 -34.51
C PRO D 758 -21.81 7.55 -34.67
N GLU D 759 -22.58 8.22 -33.80
CA GLU D 759 -22.87 9.63 -33.96
C GLU D 759 -21.87 10.56 -33.26
N SER D 760 -20.93 10.02 -32.48
CA SER D 760 -19.96 10.86 -31.78
C SER D 760 -18.54 10.27 -31.75
N ARG D 761 -18.26 9.18 -32.46
CA ARG D 761 -16.92 8.66 -32.51
C ARG D 761 -16.09 9.49 -33.49
N ARG D 762 -14.81 9.12 -33.63
CA ARG D 762 -13.88 9.86 -34.47
C ARG D 762 -12.78 8.92 -34.91
N MET D 763 -12.68 8.71 -36.23
CA MET D 763 -11.81 7.69 -36.79
C MET D 763 -11.08 8.25 -38.00
N LEU D 764 -10.09 7.48 -38.47
CA LEU D 764 -9.33 7.81 -39.67
C LEU D 764 -9.40 6.64 -40.63
N ARG D 765 -9.48 6.96 -41.93
CA ARG D 765 -9.47 5.97 -42.99
C ARG D 765 -8.06 5.88 -43.56
N VAL D 766 -7.57 4.65 -43.73
CA VAL D 766 -6.21 4.41 -44.23
C VAL D 766 -6.29 4.14 -45.73
N THR D 767 -5.43 4.83 -46.49
CA THR D 767 -5.36 4.67 -47.93
C THR D 767 -3.90 4.66 -48.35
N VAL D 768 -3.67 4.33 -49.62
CA VAL D 768 -2.33 4.18 -50.19
C VAL D 768 -2.12 5.24 -51.26
N LYS D 769 -0.99 5.94 -51.19
CA LYS D 769 -0.65 6.96 -52.16
C LYS D 769 0.10 6.38 -53.35
N ASP D 770 1.30 5.82 -53.10
CA ASP D 770 2.13 5.21 -54.11
C ASP D 770 2.60 3.85 -53.61
N ALA D 771 2.43 2.84 -54.45
CA ALA D 771 2.68 1.47 -54.03
C ALA D 771 4.18 1.19 -53.83
N ILE D 772 5.02 1.67 -54.75
CA ILE D 772 6.45 1.35 -54.69
C ILE D 772 7.08 1.97 -53.45
N ALA D 773 6.72 3.20 -53.11
CA ALA D 773 7.29 3.84 -51.93
C ALA D 773 6.90 3.10 -50.67
N ALA D 774 5.63 2.71 -50.57
CA ALA D 774 5.17 1.96 -49.39
C ALA D 774 5.88 0.62 -49.29
N ASP D 775 6.04 -0.08 -50.42
CA ASP D 775 6.71 -1.37 -50.40
C ASP D 775 8.17 -1.24 -49.95
N GLN D 776 8.87 -0.24 -50.48
CA GLN D 776 10.26 -0.03 -50.08
C GLN D 776 10.35 0.32 -48.60
N LEU D 777 9.43 1.16 -48.10
CA LEU D 777 9.46 1.51 -46.69
C LEU D 777 9.22 0.30 -45.81
N PHE D 778 8.23 -0.53 -46.17
CA PHE D 778 7.97 -1.74 -45.41
C PHE D 778 9.19 -2.65 -45.38
N THR D 779 9.84 -2.85 -46.53
CA THR D 779 11.01 -3.70 -46.58
C THR D 779 12.15 -3.13 -45.74
N THR D 780 12.36 -1.82 -45.80
CA THR D 780 13.46 -1.21 -45.05
C THR D 780 13.23 -1.33 -43.56
N LEU D 781 12.04 -0.95 -43.08
CA LEU D 781 11.82 -0.93 -41.63
C LEU D 781 11.58 -2.33 -41.07
N MET D 782 10.53 -3.01 -41.54
CA MET D 782 10.11 -4.25 -40.92
C MET D 782 10.82 -5.48 -41.47
N GLY D 783 11.86 -5.31 -42.28
CA GLY D 783 12.61 -6.43 -42.81
C GLY D 783 13.44 -7.12 -41.75
N ASP D 784 14.38 -7.94 -42.22
CA ASP D 784 15.32 -8.67 -41.37
C ASP D 784 16.77 -8.31 -41.70
N ALA D 785 17.00 -7.08 -42.14
CA ALA D 785 18.33 -6.55 -42.40
C ALA D 785 18.61 -5.42 -41.41
N VAL D 786 19.58 -5.63 -40.53
CA VAL D 786 19.79 -4.72 -39.41
C VAL D 786 20.36 -3.39 -39.89
N GLU D 787 21.33 -3.43 -40.80
CA GLU D 787 22.06 -2.21 -41.15
C GLU D 787 21.19 -1.14 -41.81
N PRO D 788 20.33 -1.45 -42.80
CA PRO D 788 19.47 -0.38 -43.33
C PRO D 788 18.56 0.24 -42.29
N ARG D 789 18.02 -0.57 -41.37
CA ARG D 789 17.15 -0.02 -40.34
C ARG D 789 17.93 0.89 -39.40
N ARG D 790 19.13 0.48 -39.01
CA ARG D 790 19.95 1.34 -38.14
C ARG D 790 20.29 2.64 -38.85
N ALA D 791 20.67 2.57 -40.12
CA ALA D 791 20.99 3.80 -40.86
C ALA D 791 19.78 4.71 -40.98
N PHE D 792 18.60 4.13 -41.24
CA PHE D 792 17.39 4.94 -41.35
C PHE D 792 17.05 5.61 -40.03
N ILE D 793 17.18 4.88 -38.92
CA ILE D 793 16.88 5.48 -37.63
C ILE D 793 17.88 6.59 -37.32
N GLU D 794 19.15 6.39 -37.63
CA GLU D 794 20.14 7.43 -37.37
C GLU D 794 19.92 8.65 -38.27
N GLU D 795 19.41 8.44 -39.48
CA GLU D 795 19.16 9.57 -40.38
C GLU D 795 18.12 10.51 -39.81
N ASN D 796 17.03 9.96 -39.26
CA ASN D 796 15.97 10.74 -38.65
C ASN D 796 16.18 10.93 -37.14
N ALA D 797 17.42 10.91 -36.68
CA ALA D 797 17.73 11.08 -35.27
C ALA D 797 17.64 12.58 -34.93
N LEU D 798 18.16 12.96 -33.76
CA LEU D 798 18.11 14.36 -33.35
C LEU D 798 18.87 15.27 -34.31
N LYS D 799 19.87 14.75 -35.03
CA LYS D 799 20.64 15.59 -35.94
C LYS D 799 19.76 16.13 -37.06
N ALA D 800 18.89 15.30 -37.61
CA ALA D 800 17.94 15.75 -38.62
C ALA D 800 16.72 16.45 -38.02
N ALA D 801 16.52 16.34 -36.70
CA ALA D 801 15.46 17.08 -36.03
C ALA D 801 15.83 18.55 -35.80
N ASN D 802 17.09 18.93 -36.08
CA ASN D 802 17.54 20.30 -35.88
C ASN D 802 16.94 21.18 -36.98
N ILE D 803 15.72 21.63 -36.74
CA ILE D 803 15.03 22.52 -37.66
C ILE D 803 15.29 23.96 -37.22
N ASP D 804 15.83 24.78 -38.13
CA ASP D 804 16.13 26.17 -37.82
C ASP D 804 14.92 27.10 -38.00
N ILE D 805 13.80 26.60 -38.50
CA ILE D 805 12.63 27.45 -38.68
C ILE D 805 12.08 27.87 -37.32
N GLU D 806 11.67 26.90 -36.50
CA GLU D 806 11.11 27.15 -35.17
C GLU D 806 9.90 28.08 -35.25
N ASN D 807 9.06 27.86 -36.26
CA ASN D 807 7.91 28.73 -36.50
C ASN D 807 6.86 28.03 -37.36
C1 IL1 I . 0.60 -4.03 -2.55
O1 IL1 I . 1.31 -3.77 -0.30
O2 IL1 I . 1.77 -8.57 4.75
C2 IL1 I . 0.92 -4.53 -1.17
O3 IL1 I . 1.76 -10.35 3.42
C3 IL1 I . 0.98 -6.61 0.19
N IL1 I . 0.75 -5.87 -0.99
C IL1 I . 0.91 -4.76 -3.71
O IL1 I . 1.50 -5.97 -3.62
C10 IL1 I . -0.03 -2.79 -2.68
C11 IL1 I . -0.38 -2.30 -3.92
C12 IL1 I . -0.09 -3.03 -5.07
C13 IL1 I . -0.81 -1.42 -6.86
C14 IL1 I . -1.00 -1.37 -8.34
C15 IL1 I . -0.01 -1.89 -9.18
C16 IL1 I . -0.21 -1.84 -10.54
C17 IL1 I . -1.36 -1.25 -11.05
C18 IL1 I . -2.52 -0.67 -13.18
C19 IL1 I . -2.38 -0.82 -14.70
C20 IL1 I . -3.72 -0.49 -15.36
C21 IL1 I . -3.72 -0.70 -16.84
C22 IL1 I . -4.71 -0.46 -17.75
C23 IL1 I . -0.67 -2.41 -15.42
C24 IL1 I . -0.45 -3.67 -16.22
C25 IL1 I . -0.10 -3.59 -17.55
C26 IL1 I . 0.13 -4.77 -18.25
C27 IL1 I . 0.01 -5.99 -17.59
C28 IL1 I . 0.59 -7.50 -19.49
C29 IL1 I . 0.71 -8.95 -19.86
C30 IL1 I . 1.73 -9.74 -19.36
C31 IL1 I . 1.97 -11.01 -19.86
C32 IL1 I . 1.17 -11.51 -20.88
C33 IL1 I . 1.50 -12.75 -21.54
C34 IL1 I . 0.10 -10.74 -21.35
C35 IL1 I . -0.13 -9.47 -20.83
C36 IL1 I . -0.37 -5.96 -16.25
C37 IL1 I . -2.28 -0.76 -10.14
C38 IL1 I . 0.58 -4.25 -4.97
C39 IL1 I . 0.52 -6.18 -6.50
C4 IL1 I . 0.20 -7.73 0.42
C40 IL1 I . 1.02 -6.40 -7.88
C41 IL1 I . -0.97 -6.23 -6.40
C5 IL1 I . 0.42 -8.53 1.53
C6 IL1 I . 1.43 -8.22 2.43
C7 IL1 I . 1.66 -9.07 3.64
C8 IL1 I . 2.21 -7.10 2.20
C9 IL1 I . 2.00 -6.29 1.09
N1 IL1 I . -0.47 -2.64 -6.39
N10 IL1 I . -2.13 -0.81 -8.81
N2 IL1 I . -1.51 -1.18 -12.46
N3 IL1 I . -2.65 -1.20 -17.51
N4 IL1 I . -2.96 -1.28 -18.79
N5 IL1 I . -4.20 -0.83 -18.92
N6 IL1 I . -1.94 -2.16 -15.07
N7 IL1 I . 0.22 -7.25 -18.21
N8 IL1 I . 1.80 -13.72 -22.04
N9 IL1 I . -0.59 -4.83 -15.57
O4 IL1 I . -0.90 -0.40 -6.17
O5 IL1 I . -3.50 -0.10 -12.71
O6 IL1 I . 0.27 -1.67 -15.13
O7 IL1 I . 0.80 -6.63 -20.32
O8 IL1 I . 1.00 -4.85 -6.14
H1 IL1 I . 1.68 -10.60 2.46
H2 IL1 I . 0.40 -6.43 -1.76
H3 IL1 I . 0.80 -6.67 -3.70
H4 IL1 I . -0.25 -2.20 -1.79
H5 IL1 I . -0.88 -1.34 -3.97
H6 IL1 I . 0.88 -2.33 -8.76
H7 IL1 I . 0.57 -2.25 -11.18
H8 IL1 I . -1.66 -0.07 -15.03
H9 IL1 I . -4.01 0.55 -15.15
H10 IL1 I . -4.49 -1.10 -14.91
H11 IL1 I . -5.71 -0.06 -17.60
H12 IL1 I . 0.00 -2.63 -18.06
H13 IL1 I . 0.41 -4.68 -19.29
H14 IL1 I . 2.37 -9.36 -18.55
H15 IL1 I . 2.77 -11.61 -19.46
H16 IL1 I . -0.57 -11.14 -22.11
H17 IL1 I . -0.98 -8.90 -21.21
H18 IL1 I . -0.49 -6.87 -15.66
H19 IL1 I . -3.23 -0.31 -10.44
H20 IL1 I . 0.96 -6.94 -5.85
H21 IL1 I . -0.60 -7.99 -0.27
H23 IL1 I . 0.65 -5.66 -8.59
H24 IL1 I . 0.73 -7.37 -8.28
H22 IL1 I . 2.11 -6.35 -7.92
H25 IL1 I . -1.44 -5.40 -6.91
H26 IL1 I . -1.34 -6.28 -5.39
H27 IL1 I . -1.35 -7.13 -6.90
H28 IL1 I . -0.22 -9.39 1.69
H29 IL1 I . 3.01 -6.84 2.90
H30 IL1 I . 2.63 -5.42 0.94
H31 IL1 I . -0.48 -3.40 -7.05
H32 IL1 I . -0.71 -1.60 -12.94
H33 IL1 I . -4.67 -0.80 -19.83
H34 IL1 I . -2.62 -2.91 -15.08
H35 IL1 I . 0.08 -8.04 -17.58
MG MG J . -6.13 -21.79 6.93
MG MG K . 0.57 0.92 -21.57
#